data_3ON4
#
_entry.id   3ON4
#
_cell.length_a   81.38
_cell.length_b   124.99
_cell.length_c   151.38
_cell.angle_alpha   90.00
_cell.angle_beta   90.00
_cell.angle_gamma   90.00
#
_symmetry.space_group_name_H-M   'P 21 21 21'
#
loop_
_entity.id
_entity.type
_entity.pdbx_description
1 polymer 'Transcriptional regulator, TetR family'
2 non-polymer 'SODIUM ION'
3 non-polymer DI(HYDROXYETHYL)ETHER
4 water water
#
_entity_poly.entity_id   1
_entity_poly.type   'polypeptide(L)'
_entity_poly.pdbx_seq_one_letter_code
;SNA(MSE)P(MSE)NISNTKERILAVAEALIQKDGYNAFSFKDIATAINIKTASIHYHFPSKEDLGVAVISWHTDKIAAV
LSDISNNSSLSAKEKIQKFFDAILTLTYNSENK(MSE)CLGG(MSE)FASDFQSLPVSIQNQAKKFFELIIEWLKGVLET
NGYDNESSLSLAKQIISLVEGGLLLARLYGDETFLEGVRHFIDQTIK
;
_entity_poly.pdbx_strand_id   A,B,C,D,E,F,G,H
#
# COMPACT_ATOMS: atom_id res chain seq x y z
N ASN A 2 -9.26 -28.36 51.04
CA ASN A 2 -8.12 -27.60 51.66
C ASN A 2 -7.04 -27.24 50.61
N ALA A 3 -5.78 -27.61 50.83
CA ALA A 3 -4.69 -27.22 49.94
C ALA A 3 -4.86 -27.78 48.51
N PRO A 5 -3.32 -27.85 44.26
CA PRO A 5 -2.04 -27.74 43.56
C PRO A 5 -1.65 -26.27 43.40
N ASN A 7 -0.73 -22.80 41.83
CA ASN A 7 -1.29 -22.13 40.67
C ASN A 7 -0.19 -21.69 39.69
N ILE A 8 0.57 -22.64 39.18
CA ILE A 8 1.62 -22.35 38.21
C ILE A 8 1.12 -22.72 36.80
N SER A 9 1.16 -21.78 35.86
CA SER A 9 0.80 -22.11 34.48
C SER A 9 1.84 -23.05 33.89
N ASN A 10 1.38 -24.12 33.28
CA ASN A 10 2.27 -25.04 32.58
C ASN A 10 2.76 -24.44 31.25
N THR A 11 3.72 -25.10 30.62
CA THR A 11 4.37 -24.56 29.44
C THR A 11 3.37 -24.29 28.31
N LYS A 12 2.48 -25.24 28.08
CA LYS A 12 1.44 -25.14 27.05
C LYS A 12 0.57 -23.90 27.27
N GLU A 13 0.11 -23.72 28.50
CA GLU A 13 -0.75 -22.60 28.82
C GLU A 13 -0.03 -21.28 28.66
N ARG A 14 1.23 -21.21 29.06
N ARG A 14 1.24 -21.22 29.06
CA ARG A 14 1.96 -19.94 28.92
CA ARG A 14 2.00 -19.97 28.91
C ARG A 14 2.19 -19.61 27.44
C ARG A 14 2.16 -19.62 27.43
N ILE A 15 2.39 -20.64 26.61
CA ILE A 15 2.56 -20.44 25.17
C ILE A 15 1.26 -19.90 24.59
N LEU A 16 0.15 -20.54 24.94
CA LEU A 16 -1.14 -20.10 24.46
C LEU A 16 -1.42 -18.64 24.86
N ALA A 17 -1.13 -18.30 26.11
CA ALA A 17 -1.45 -16.95 26.60
C ALA A 17 -0.64 -15.84 25.89
N VAL A 18 0.65 -16.10 25.65
N VAL A 18 0.65 -16.08 25.66
CA VAL A 18 1.47 -15.09 24.95
CA VAL A 18 1.45 -15.08 24.95
C VAL A 18 1.13 -15.06 23.47
C VAL A 18 1.17 -15.07 23.45
N ALA A 19 0.84 -16.23 22.87
CA ALA A 19 0.47 -16.28 21.45
C ALA A 19 -0.81 -15.47 21.21
N GLU A 20 -1.77 -15.68 22.11
CA GLU A 20 -3.02 -14.95 22.07
C GLU A 20 -2.76 -13.43 22.09
N ALA A 21 -1.90 -12.99 23.00
CA ALA A 21 -1.53 -11.60 23.15
C ALA A 21 -0.86 -11.07 21.90
N LEU A 22 0.12 -11.81 21.37
CA LEU A 22 0.82 -11.39 20.16
C LEU A 22 -0.12 -11.27 18.96
N ILE A 23 -1.03 -12.23 18.81
CA ILE A 23 -1.98 -12.22 17.69
C ILE A 23 -2.91 -11.01 17.82
N GLN A 24 -3.42 -10.79 19.02
CA GLN A 24 -4.28 -9.64 19.28
C GLN A 24 -3.60 -8.29 19.08
N LYS A 25 -2.28 -8.23 19.24
CA LYS A 25 -1.56 -6.95 19.09
C LYS A 25 -1.17 -6.74 17.64
N ASP A 26 -0.59 -7.78 17.03
CA ASP A 26 0.15 -7.62 15.76
C ASP A 26 -0.40 -8.44 14.61
N GLY A 27 -1.10 -9.52 14.92
CA GLY A 27 -1.70 -10.37 13.89
C GLY A 27 -0.91 -11.64 13.68
N TYR A 28 -1.59 -12.70 13.24
CA TYR A 28 -1.02 -14.03 13.06
C TYR A 28 0.21 -14.08 12.16
N ASN A 29 0.21 -13.30 11.08
CA ASN A 29 1.34 -13.28 10.14
C ASN A 29 2.50 -12.34 10.57
N ALA A 30 2.38 -11.80 11.78
CA ALA A 30 3.39 -10.91 12.32
C ALA A 30 3.93 -11.38 13.67
N PHE A 31 3.82 -12.67 13.99
CA PHE A 31 4.59 -13.20 15.10
C PHE A 31 5.14 -14.55 14.69
N SER A 32 6.14 -15.02 15.43
CA SER A 32 6.78 -16.30 15.16
C SER A 32 6.96 -17.07 16.47
N PHE A 33 7.24 -18.36 16.38
CA PHE A 33 7.59 -19.15 17.57
C PHE A 33 8.78 -18.54 18.32
N LYS A 34 9.74 -18.01 17.57
CA LYS A 34 10.91 -17.36 18.20
C LYS A 34 10.49 -16.16 19.07
N ASP A 35 9.53 -15.37 18.62
CA ASP A 35 9.00 -14.29 19.44
C ASP A 35 8.49 -14.80 20.80
N ILE A 36 7.81 -15.94 20.77
CA ILE A 36 7.22 -16.51 22.00
C ILE A 36 8.34 -17.00 22.91
N ALA A 37 9.28 -17.73 22.35
CA ALA A 37 10.42 -18.26 23.09
C ALA A 37 11.19 -17.15 23.82
N THR A 38 11.41 -16.05 23.11
CA THR A 38 12.12 -14.91 23.67
C THR A 38 11.29 -14.28 24.78
N ALA A 39 9.98 -14.19 24.58
CA ALA A 39 9.10 -13.46 25.51
C ALA A 39 9.04 -14.13 26.88
N ILE A 40 8.95 -15.46 26.89
CA ILE A 40 8.78 -16.22 28.13
C ILE A 40 9.98 -17.12 28.47
N ASN A 41 11.08 -16.92 27.75
CA ASN A 41 12.35 -17.56 28.02
C ASN A 41 12.28 -19.09 28.09
N ILE A 42 11.73 -19.69 27.04
CA ILE A 42 11.77 -21.16 26.81
C ILE A 42 12.44 -21.42 25.46
N LYS A 43 12.84 -22.67 25.21
CA LYS A 43 13.46 -23.03 23.93
C LYS A 43 12.41 -23.05 22.83
N THR A 44 12.77 -22.56 21.63
CA THR A 44 11.84 -22.57 20.49
C THR A 44 11.41 -24.00 20.24
N ALA A 45 12.29 -24.94 20.53
CA ALA A 45 12.01 -26.36 20.36
C ALA A 45 10.89 -26.87 21.30
N SER A 46 10.72 -26.24 22.47
CA SER A 46 9.64 -26.58 23.40
C SER A 46 8.27 -26.11 22.86
N ILE A 47 8.28 -25.11 21.99
CA ILE A 47 7.03 -24.65 21.36
C ILE A 47 6.60 -25.66 20.30
N HIS A 48 7.54 -26.05 19.42
CA HIS A 48 7.31 -27.04 18.37
C HIS A 48 6.85 -28.37 18.96
N TYR A 49 7.30 -28.63 20.18
CA TYR A 49 6.92 -29.84 20.92
C TYR A 49 5.41 -29.95 21.09
N HIS A 50 4.80 -28.91 21.65
CA HIS A 50 3.36 -28.86 21.86
C HIS A 50 2.59 -28.51 20.59
N PHE A 51 3.21 -27.73 19.70
CA PHE A 51 2.56 -27.25 18.48
C PHE A 51 3.51 -27.42 17.31
N PRO A 52 3.46 -28.61 16.65
CA PRO A 52 4.46 -28.92 15.61
C PRO A 52 4.53 -27.88 14.51
N SER A 53 3.39 -27.29 14.17
CA SER A 53 3.35 -26.25 13.16
C SER A 53 2.73 -25.00 13.75
N LYS A 54 3.01 -23.86 13.14
CA LYS A 54 2.33 -22.63 13.55
C LYS A 54 0.81 -22.81 13.48
N GLU A 55 0.34 -23.53 12.45
CA GLU A 55 -1.10 -23.80 12.29
C GLU A 55 -1.72 -24.45 13.54
N ASP A 56 -1.03 -25.43 14.09
CA ASP A 56 -1.49 -26.10 15.31
C ASP A 56 -1.71 -25.13 16.46
N LEU A 57 -0.80 -24.15 16.58
CA LEU A 57 -0.92 -23.15 17.65
C LEU A 57 -2.09 -22.23 17.32
N GLY A 58 -2.20 -21.78 16.07
CA GLY A 58 -3.32 -20.94 15.67
C GLY A 58 -4.68 -21.55 16.03
N VAL A 59 -4.89 -22.81 15.66
CA VAL A 59 -6.13 -23.54 15.95
C VAL A 59 -6.40 -23.58 17.45
N ALA A 60 -5.37 -23.94 18.20
CA ALA A 60 -5.49 -24.08 19.65
C ALA A 60 -5.76 -22.73 20.35
N VAL A 61 -5.13 -21.65 19.90
CA VAL A 61 -5.35 -20.32 20.47
C VAL A 61 -6.82 -19.88 20.25
N ILE A 62 -7.33 -20.05 19.03
CA ILE A 62 -8.70 -19.59 18.77
C ILE A 62 -9.68 -20.46 19.54
N SER A 63 -9.44 -21.78 19.58
CA SER A 63 -10.32 -22.68 20.29
C SER A 63 -10.41 -22.33 21.80
N TRP A 64 -9.24 -22.11 22.43
CA TRP A 64 -9.16 -21.69 23.82
C TRP A 64 -9.89 -20.36 24.07
N HIS A 65 -9.62 -19.38 23.21
CA HIS A 65 -10.22 -18.07 23.35
C HIS A 65 -11.73 -18.14 23.23
N THR A 66 -12.23 -18.92 22.27
CA THR A 66 -13.68 -19.11 22.10
C THR A 66 -14.33 -19.74 23.34
N ASP A 67 -13.66 -20.72 23.93
CA ASP A 67 -14.12 -21.35 25.15
C ASP A 67 -14.21 -20.34 26.31
N LYS A 68 -13.20 -19.48 26.42
CA LYS A 68 -13.18 -18.44 27.43
C LYS A 68 -14.33 -17.44 27.25
N ILE A 69 -14.52 -16.99 26.01
CA ILE A 69 -15.61 -16.07 25.71
C ILE A 69 -16.97 -16.71 25.94
N ALA A 70 -17.13 -17.98 25.54
CA ALA A 70 -18.36 -18.73 25.82
C ALA A 70 -18.75 -18.72 27.30
N ALA A 71 -17.76 -18.89 28.17
CA ALA A 71 -17.99 -18.90 29.63
C ALA A 71 -18.40 -17.50 30.11
N VAL A 72 -17.71 -16.49 29.64
CA VAL A 72 -18.01 -15.10 29.99
C VAL A 72 -19.46 -14.75 29.61
N LEU A 73 -19.85 -15.13 28.40
CA LEU A 73 -21.19 -14.83 27.87
C LEU A 73 -22.27 -15.59 28.64
N SER A 74 -21.99 -16.88 28.89
CA SER A 74 -22.88 -17.72 29.67
C SER A 74 -23.20 -17.09 31.02
N ASP A 75 -22.18 -16.53 31.67
CA ASP A 75 -22.36 -15.89 32.98
C ASP A 75 -23.21 -14.64 32.92
N ILE A 76 -23.15 -13.91 31.79
CA ILE A 76 -23.99 -12.75 31.57
C ILE A 76 -25.42 -13.15 31.31
N SER A 77 -25.64 -14.10 30.39
CA SER A 77 -27.02 -14.45 30.01
C SER A 77 -27.74 -15.25 31.10
N ASN A 78 -26.99 -15.91 31.96
CA ASN A 78 -27.62 -16.59 33.09
C ASN A 78 -27.81 -15.73 34.34
N ASN A 79 -27.39 -14.46 34.26
CA ASN A 79 -27.65 -13.49 35.31
C ASN A 79 -29.09 -12.99 35.18
N SER A 80 -29.96 -13.44 36.09
CA SER A 80 -31.39 -13.13 36.03
C SER A 80 -31.75 -11.68 36.40
N SER A 81 -30.80 -10.94 36.98
CA SER A 81 -31.06 -9.55 37.36
C SER A 81 -30.80 -8.54 36.22
N LEU A 82 -30.23 -9.01 35.11
CA LEU A 82 -29.94 -8.14 33.98
C LEU A 82 -31.05 -8.17 32.95
N SER A 83 -31.41 -7.00 32.44
CA SER A 83 -32.34 -6.89 31.32
C SER A 83 -31.58 -7.34 30.06
N ALA A 84 -32.30 -7.62 28.96
CA ALA A 84 -31.64 -7.95 27.71
C ALA A 84 -30.65 -6.88 27.27
N LYS A 85 -31.08 -5.63 27.39
CA LYS A 85 -30.24 -4.50 27.04
C LYS A 85 -28.99 -4.49 27.90
N GLU A 86 -29.13 -4.74 29.18
CA GLU A 86 -27.98 -4.76 30.08
C GLU A 86 -27.03 -5.90 29.72
N LYS A 87 -27.56 -7.03 29.25
CA LYS A 87 -26.71 -8.16 28.83
C LYS A 87 -25.82 -7.79 27.61
N ILE A 88 -26.42 -7.07 26.66
CA ILE A 88 -25.69 -6.58 25.51
C ILE A 88 -24.64 -5.56 25.98
N GLN A 89 -25.02 -4.64 26.88
CA GLN A 89 -24.06 -3.66 27.40
C GLN A 89 -22.87 -4.35 28.10
N LYS A 90 -23.16 -5.38 28.88
CA LYS A 90 -22.11 -6.11 29.60
C LYS A 90 -21.25 -6.95 28.65
N PHE A 91 -21.86 -7.46 27.59
CA PHE A 91 -21.11 -8.12 26.53
C PHE A 91 -20.05 -7.18 25.97
N PHE A 92 -20.43 -5.95 25.65
CA PHE A 92 -19.44 -4.99 25.15
C PHE A 92 -18.36 -4.69 26.19
N ASP A 93 -18.75 -4.49 27.45
CA ASP A 93 -17.76 -4.33 28.54
C ASP A 93 -16.78 -5.51 28.61
N ALA A 94 -17.30 -6.73 28.48
CA ALA A 94 -16.45 -7.93 28.49
C ALA A 94 -15.45 -7.93 27.31
N ILE A 95 -15.89 -7.49 26.14
CA ILE A 95 -15.02 -7.39 24.95
C ILE A 95 -13.96 -6.30 25.21
N LEU A 96 -14.36 -5.18 25.78
CA LEU A 96 -13.40 -4.10 26.09
C LEU A 96 -12.28 -4.58 27.00
N THR A 97 -12.64 -5.37 28.01
CA THR A 97 -11.68 -5.94 28.95
C THR A 97 -10.63 -6.81 28.23
N LEU A 98 -11.05 -7.53 27.21
CA LEU A 98 -10.18 -8.46 26.51
C LEU A 98 -9.41 -7.78 25.37
N THR A 99 -9.81 -6.57 25.00
CA THR A 99 -9.27 -5.94 23.78
C THR A 99 -8.64 -4.59 24.14
N TYR A 100 -9.36 -3.51 23.86
CA TYR A 100 -8.86 -2.16 24.04
C TYR A 100 -8.25 -1.90 25.42
N ASN A 101 -8.87 -2.40 26.48
CA ASN A 101 -8.36 -2.16 27.82
C ASN A 101 -7.07 -2.96 28.12
N SER A 102 -6.84 -4.05 27.41
CA SER A 102 -5.67 -4.91 27.66
C SER A 102 -4.58 -4.57 26.64
N GLU A 103 -3.76 -3.57 26.98
CA GLU A 103 -2.64 -3.17 26.14
C GLU A 103 -3.04 -2.90 24.68
N ASN A 104 -4.18 -2.25 24.50
CA ASN A 104 -4.65 -1.74 23.20
C ASN A 104 -4.80 -2.87 22.16
N LYS A 105 -5.19 -4.06 22.62
CA LYS A 105 -5.41 -5.20 21.77
C LYS A 105 -6.65 -5.10 20.88
N CYS A 107 -9.67 -7.45 18.95
CA CYS A 107 -10.39 -8.72 19.08
C CYS A 107 -9.60 -9.82 18.38
N LEU A 108 -9.42 -10.97 19.05
CA LEU A 108 -8.72 -12.09 18.39
C LEU A 108 -9.47 -12.57 17.13
N GLY A 109 -10.79 -12.61 17.23
CA GLY A 109 -11.61 -12.98 16.09
C GLY A 109 -11.45 -12.01 14.93
N GLY A 110 -11.48 -10.71 15.25
CA GLY A 110 -11.29 -9.67 14.25
C GLY A 110 -9.94 -9.79 13.54
N PHE A 112 -8.06 -12.55 13.15
CA PHE A 112 -8.12 -13.70 12.21
C PHE A 112 -9.04 -13.42 11.01
N ALA A 113 -10.15 -12.73 11.23
CA ALA A 113 -10.99 -12.30 10.10
C ALA A 113 -10.23 -11.46 9.08
N SER A 114 -9.42 -10.51 9.54
CA SER A 114 -8.64 -9.69 8.62
C SER A 114 -7.63 -10.53 7.80
N ASP A 115 -7.03 -11.53 8.45
CA ASP A 115 -6.00 -12.37 7.84
C ASP A 115 -6.57 -13.59 7.09
N PHE A 116 -7.90 -13.70 7.07
CA PHE A 116 -8.62 -14.96 6.71
C PHE A 116 -8.10 -15.67 5.47
N GLN A 117 -7.94 -14.93 4.37
CA GLN A 117 -7.54 -15.56 3.11
C GLN A 117 -6.12 -16.14 3.15
N SER A 118 -5.29 -15.69 4.09
CA SER A 118 -3.92 -16.18 4.21
C SER A 118 -3.83 -17.40 5.14
N LEU A 119 -4.92 -17.75 5.81
CA LEU A 119 -4.91 -18.76 6.86
C LEU A 119 -5.17 -20.17 6.34
N PRO A 120 -4.57 -21.18 6.97
CA PRO A 120 -4.99 -22.54 6.70
C PRO A 120 -6.49 -22.72 7.01
N VAL A 121 -7.12 -23.65 6.33
CA VAL A 121 -8.56 -23.87 6.48
C VAL A 121 -8.95 -24.22 7.92
N SER A 122 -8.11 -24.99 8.61
CA SER A 122 -8.40 -25.33 10.02
C SER A 122 -8.61 -24.05 10.86
N ILE A 123 -7.80 -23.03 10.61
CA ILE A 123 -7.91 -21.82 11.42
C ILE A 123 -9.12 -21.01 10.97
N GLN A 124 -9.31 -20.92 9.66
CA GLN A 124 -10.51 -20.30 9.09
C GLN A 124 -11.78 -20.82 9.75
N ASN A 125 -11.90 -22.15 9.82
CA ASN A 125 -13.07 -22.79 10.41
C ASN A 125 -13.23 -22.48 11.91
N GLN A 126 -12.13 -22.37 12.65
CA GLN A 126 -12.23 -21.99 14.07
C GLN A 126 -12.66 -20.54 14.21
N ALA A 127 -12.13 -19.67 13.36
CA ALA A 127 -12.53 -18.26 13.36
C ALA A 127 -14.02 -18.10 13.07
N LYS A 128 -14.54 -18.85 12.10
CA LYS A 128 -15.98 -18.80 11.80
C LYS A 128 -16.81 -19.25 13.01
N LYS A 129 -16.33 -20.27 13.70
CA LYS A 129 -16.98 -20.79 14.90
C LYS A 129 -17.10 -19.75 15.99
N PHE A 130 -16.06 -18.94 16.15
CA PHE A 130 -16.05 -17.81 17.10
C PHE A 130 -17.17 -16.82 16.83
N PHE A 131 -17.26 -16.35 15.58
CA PHE A 131 -18.32 -15.42 15.23
C PHE A 131 -19.72 -16.02 15.31
N GLU A 132 -19.86 -17.27 14.87
CA GLU A 132 -21.14 -17.97 14.96
C GLU A 132 -21.61 -18.04 16.42
N LEU A 133 -20.70 -18.29 17.35
CA LEU A 133 -21.04 -18.35 18.76
C LEU A 133 -21.52 -16.98 19.29
N ILE A 134 -20.81 -15.93 18.90
CA ILE A 134 -21.13 -14.58 19.34
C ILE A 134 -22.48 -14.14 18.79
N ILE A 135 -22.69 -14.36 17.48
CA ILE A 135 -23.92 -13.99 16.80
C ILE A 135 -25.14 -14.75 17.36
N GLU A 136 -24.99 -16.06 17.54
CA GLU A 136 -26.04 -16.87 18.17
C GLU A 136 -26.37 -16.36 19.59
N TRP A 137 -25.35 -16.06 20.39
CA TRP A 137 -25.59 -15.53 21.75
C TRP A 137 -26.37 -14.21 21.71
N LEU A 138 -25.90 -13.28 20.90
CA LEU A 138 -26.58 -11.98 20.71
C LEU A 138 -28.03 -12.11 20.22
N LYS A 139 -28.26 -12.93 19.19
CA LYS A 139 -29.60 -13.22 18.66
C LYS A 139 -30.52 -13.77 19.74
N GLY A 140 -30.01 -14.72 20.50
CA GLY A 140 -30.80 -15.31 21.61
C GLY A 140 -31.21 -14.31 22.69
N VAL A 141 -30.28 -13.46 23.10
CA VAL A 141 -30.56 -12.42 24.09
C VAL A 141 -31.64 -11.48 23.55
N LEU A 142 -31.49 -11.09 22.28
CA LEU A 142 -32.42 -10.17 21.64
C LEU A 142 -33.81 -10.76 21.45
N GLU A 143 -33.88 -12.07 21.22
CA GLU A 143 -35.17 -12.76 21.16
C GLU A 143 -35.90 -12.74 22.51
N THR A 144 -35.14 -12.82 23.61
CA THR A 144 -35.73 -12.66 24.95
C THR A 144 -36.24 -11.24 25.18
N ASN A 145 -35.74 -10.29 24.40
CA ASN A 145 -36.27 -8.93 24.47
C ASN A 145 -37.51 -8.72 23.60
N GLY A 146 -37.98 -9.78 22.95
CA GLY A 146 -39.23 -9.71 22.17
C GLY A 146 -39.03 -9.43 20.70
N TYR A 147 -37.79 -9.25 20.26
CA TYR A 147 -37.50 -9.11 18.84
C TYR A 147 -37.82 -10.42 18.12
N ASP A 148 -38.38 -10.33 16.93
CA ASP A 148 -38.60 -11.51 16.11
C ASP A 148 -37.27 -12.08 15.61
N ASN A 149 -37.29 -13.32 15.14
CA ASN A 149 -36.07 -13.99 14.67
C ASN A 149 -35.25 -13.15 13.68
N GLU A 150 -35.93 -12.64 12.67
CA GLU A 150 -35.24 -11.91 11.60
C GLU A 150 -34.56 -10.64 12.12
N SER A 151 -35.29 -9.87 12.92
CA SER A 151 -34.77 -8.61 13.46
C SER A 151 -33.63 -8.87 14.45
N SER A 152 -33.75 -9.97 15.20
CA SER A 152 -32.71 -10.35 16.16
C SER A 152 -31.39 -10.69 15.45
N LEU A 153 -31.48 -11.44 14.37
CA LEU A 153 -30.30 -11.81 13.60
C LEU A 153 -29.67 -10.59 12.95
N SER A 154 -30.49 -9.71 12.37
CA SER A 154 -30.01 -8.49 11.73
C SER A 154 -29.32 -7.57 12.74
N LEU A 155 -29.94 -7.40 13.90
CA LEU A 155 -29.36 -6.54 14.93
C LEU A 155 -28.10 -7.17 15.54
N ALA A 156 -28.14 -8.48 15.75
CA ALA A 156 -26.96 -9.18 16.26
C ALA A 156 -25.78 -8.92 15.30
N LYS A 157 -26.02 -9.01 14.01
CA LYS A 157 -24.95 -8.78 13.01
C LYS A 157 -24.49 -7.33 12.95
N GLN A 158 -25.39 -6.37 13.15
CA GLN A 158 -24.98 -4.96 13.19
C GLN A 158 -24.10 -4.70 14.41
N ILE A 159 -24.50 -5.29 15.54
CA ILE A 159 -23.79 -5.06 16.76
C ILE A 159 -22.37 -5.60 16.65
N ILE A 160 -22.19 -6.83 16.17
CA ILE A 160 -20.83 -7.39 16.12
C ILE A 160 -20.00 -6.68 15.06
N SER A 161 -20.63 -6.25 13.96
CA SER A 161 -19.93 -5.47 12.95
C SER A 161 -19.42 -4.16 13.55
N LEU A 162 -20.27 -3.50 14.34
CA LEU A 162 -19.91 -2.22 14.92
C LEU A 162 -18.82 -2.40 15.96
N VAL A 163 -18.92 -3.45 16.76
CA VAL A 163 -17.91 -3.75 17.77
C VAL A 163 -16.56 -3.96 17.09
N GLU A 164 -16.52 -4.77 16.04
CA GLU A 164 -15.26 -5.07 15.34
C GLU A 164 -14.67 -3.81 14.71
N GLY A 165 -15.48 -3.09 13.97
CA GLY A 165 -15.01 -1.88 13.29
C GLY A 165 -14.63 -0.77 14.27
N GLY A 166 -15.40 -0.62 15.34
CA GLY A 166 -15.09 0.34 16.39
C GLY A 166 -13.77 0.08 17.09
N LEU A 167 -13.52 -1.19 17.39
CA LEU A 167 -12.23 -1.58 18.01
C LEU A 167 -11.09 -1.36 17.06
N LEU A 168 -11.29 -1.71 15.80
CA LEU A 168 -10.27 -1.57 14.76
C LEU A 168 -9.77 -0.14 14.67
N LEU A 169 -10.72 0.81 14.66
CA LEU A 169 -10.36 2.21 14.49
C LEU A 169 -9.95 2.86 15.81
N ALA A 170 -10.60 2.51 16.93
CA ALA A 170 -10.24 3.12 18.22
C ALA A 170 -8.78 2.92 18.55
N ARG A 171 -8.25 1.74 18.26
CA ARG A 171 -6.92 1.39 18.74
C ARG A 171 -5.82 2.04 17.91
N LEU A 172 -6.15 2.63 16.77
CA LEU A 172 -5.15 3.39 16.02
C LEU A 172 -4.74 4.69 16.69
N TYR A 173 -5.74 5.36 17.28
CA TYR A 173 -5.67 6.75 17.69
C TYR A 173 -5.75 6.94 19.21
N GLY A 174 -6.13 5.90 19.95
CA GLY A 174 -6.57 6.08 21.33
C GLY A 174 -7.85 6.90 21.37
N ASP A 175 -8.62 6.84 20.30
CA ASP A 175 -9.80 7.64 20.23
C ASP A 175 -10.98 6.82 20.77
N GLU A 176 -11.27 7.02 22.05
CA GLU A 176 -12.38 6.34 22.71
C GLU A 176 -13.72 6.60 22.05
N THR A 177 -13.86 7.68 21.29
CA THR A 177 -15.16 8.03 20.75
C THR A 177 -15.67 6.96 19.78
N PHE A 178 -14.76 6.22 19.13
CA PHE A 178 -15.18 5.11 18.27
C PHE A 178 -15.92 4.02 19.10
N LEU A 179 -15.45 3.80 20.32
CA LEU A 179 -16.05 2.82 21.21
C LEU A 179 -17.32 3.36 21.86
N GLU A 180 -17.34 4.65 22.14
CA GLU A 180 -18.55 5.31 22.65
C GLU A 180 -19.68 5.17 21.66
N GLY A 181 -19.35 5.26 20.37
CA GLY A 181 -20.31 5.09 19.28
C GLY A 181 -20.99 3.74 19.26
N VAL A 182 -20.24 2.70 19.61
CA VAL A 182 -20.79 1.35 19.71
C VAL A 182 -21.83 1.33 20.85
N ARG A 183 -21.42 1.85 22.00
CA ARG A 183 -22.34 1.94 23.14
C ARG A 183 -23.57 2.79 22.82
N HIS A 184 -23.38 3.94 22.18
CA HIS A 184 -24.51 4.78 21.75
C HIS A 184 -25.48 4.01 20.86
N PHE A 185 -24.96 3.25 19.89
CA PHE A 185 -25.82 2.47 19.02
C PHE A 185 -26.66 1.47 19.83
N ILE A 186 -26.03 0.81 20.77
CA ILE A 186 -26.70 -0.18 21.63
C ILE A 186 -27.83 0.50 22.42
N ASP A 187 -27.47 1.60 23.08
CA ASP A 187 -28.36 2.33 23.96
C ASP A 187 -29.54 2.92 23.21
N GLN A 188 -29.31 3.38 21.98
CA GLN A 188 -30.36 4.03 21.21
C GLN A 188 -31.25 3.03 20.44
N THR A 189 -30.71 1.84 20.15
CA THR A 189 -31.41 0.88 19.29
C THR A 189 -32.18 -0.18 20.07
N ILE A 190 -31.64 -0.63 21.21
CA ILE A 190 -32.27 -1.70 22.00
C ILE A 190 -33.25 -1.18 23.06
N LYS A 191 -34.37 -1.90 23.22
CA LYS A 191 -35.48 -1.53 24.11
C LYS A 191 -35.16 -1.64 25.60
N ALA B 3 -3.35 11.06 -33.06
CA ALA B 3 -3.32 9.66 -32.56
C ALA B 3 -2.66 9.58 -31.19
N PRO B 5 -1.37 8.31 -27.36
CA PRO B 5 -0.58 7.16 -26.96
C PRO B 5 -1.51 5.99 -26.67
N ASN B 7 -3.06 2.83 -24.62
CA ASN B 7 -3.47 2.65 -23.24
C ASN B 7 -2.79 1.45 -22.57
N ILE B 8 -1.46 1.45 -22.50
CA ILE B 8 -0.74 0.36 -21.84
C ILE B 8 -0.31 0.79 -20.43
N SER B 9 -0.65 0.00 -19.42
CA SER B 9 -0.25 0.34 -18.06
C SER B 9 1.24 0.12 -17.93
N ASN B 10 1.95 1.12 -17.41
CA ASN B 10 3.40 1.02 -17.20
C ASN B 10 3.76 0.07 -16.05
N THR B 11 5.04 -0.23 -15.91
CA THR B 11 5.46 -1.21 -14.90
C THR B 11 5.04 -0.78 -13.48
N LYS B 12 5.23 0.49 -13.20
CA LYS B 12 4.95 1.00 -11.86
C LYS B 12 3.44 0.89 -11.53
N GLU B 13 2.58 1.23 -12.50
N GLU B 13 2.62 1.25 -12.52
CA GLU B 13 1.14 1.12 -12.26
CA GLU B 13 1.15 1.17 -12.40
C GLU B 13 0.70 -0.33 -12.12
C GLU B 13 0.69 -0.24 -12.16
N ARG B 14 1.30 -1.24 -12.87
N ARG B 14 1.27 -1.22 -12.86
CA ARG B 14 0.94 -2.65 -12.77
CA ARG B 14 0.80 -2.61 -12.69
C ARG B 14 1.30 -3.19 -11.40
C ARG B 14 1.29 -3.19 -11.36
N ILE B 15 2.46 -2.78 -10.90
CA ILE B 15 2.94 -3.18 -9.57
C ILE B 15 2.01 -2.66 -8.49
N LEU B 16 1.66 -1.36 -8.55
CA LEU B 16 0.75 -0.79 -7.56
C LEU B 16 -0.62 -1.51 -7.58
N ALA B 17 -1.14 -1.79 -8.78
CA ALA B 17 -2.47 -2.44 -8.89
C ALA B 17 -2.47 -3.83 -8.31
N VAL B 18 -1.44 -4.61 -8.60
CA VAL B 18 -1.41 -5.96 -8.07
C VAL B 18 -1.11 -5.98 -6.57
N ALA B 19 -0.26 -5.05 -6.12
CA ALA B 19 -0.02 -4.91 -4.68
C ALA B 19 -1.29 -4.56 -3.92
N GLU B 20 -2.02 -3.59 -4.43
CA GLU B 20 -3.28 -3.20 -3.83
C GLU B 20 -4.21 -4.41 -3.71
N ALA B 21 -4.31 -5.21 -4.76
CA ALA B 21 -5.19 -6.40 -4.72
C ALA B 21 -4.70 -7.43 -3.71
N LEU B 22 -3.40 -7.69 -3.70
CA LEU B 22 -2.85 -8.65 -2.74
C LEU B 22 -3.09 -8.24 -1.27
N ILE B 23 -2.91 -6.96 -0.99
CA ILE B 23 -3.12 -6.42 0.34
C ILE B 23 -4.60 -6.52 0.72
N GLN B 24 -5.48 -6.13 -0.20
CA GLN B 24 -6.92 -6.21 0.09
C GLN B 24 -7.43 -7.63 0.25
N LYS B 25 -6.78 -8.60 -0.40
CA LYS B 25 -7.19 -10.02 -0.25
C LYS B 25 -6.61 -10.65 1.03
N ASP B 26 -5.28 -10.50 1.21
CA ASP B 26 -4.50 -11.29 2.19
C ASP B 26 -3.84 -10.48 3.31
N GLY B 27 -3.59 -9.18 3.07
CA GLY B 27 -2.95 -8.30 4.06
C GLY B 27 -1.47 -8.10 3.78
N TYR B 28 -0.98 -6.96 4.23
CA TYR B 28 0.38 -6.50 3.96
C TYR B 28 1.45 -7.53 4.37
N ASN B 29 1.24 -8.20 5.50
CA ASN B 29 2.25 -9.13 5.98
C ASN B 29 2.13 -10.52 5.36
N ALA B 30 1.22 -10.68 4.39
CA ALA B 30 1.04 -11.96 3.73
C ALA B 30 1.33 -11.91 2.23
N PHE B 31 2.00 -10.86 1.77
CA PHE B 31 2.50 -10.85 0.39
C PHE B 31 3.97 -10.41 0.40
N SER B 32 4.70 -10.79 -0.64
CA SER B 32 6.10 -10.37 -0.85
C SER B 32 6.26 -9.83 -2.28
N PHE B 33 7.40 -9.18 -2.54
CA PHE B 33 7.70 -8.78 -3.92
C PHE B 33 7.71 -10.00 -4.86
N LYS B 34 8.16 -11.15 -4.38
CA LYS B 34 8.18 -12.37 -5.21
C LYS B 34 6.76 -12.71 -5.69
N ASP B 35 5.76 -12.50 -4.83
CA ASP B 35 4.38 -12.72 -5.20
C ASP B 35 3.96 -11.81 -6.34
N ILE B 36 4.44 -10.56 -6.31
CA ILE B 36 4.13 -9.60 -7.38
C ILE B 36 4.81 -10.02 -8.67
N ALA B 37 6.08 -10.42 -8.56
CA ALA B 37 6.87 -10.84 -9.70
C ALA B 37 6.23 -12.02 -10.42
N THR B 38 5.77 -13.00 -9.64
CA THR B 38 5.12 -14.16 -10.20
C THR B 38 3.76 -13.80 -10.85
N ALA B 39 3.04 -12.89 -10.23
CA ALA B 39 1.71 -12.51 -10.69
C ALA B 39 1.73 -11.83 -12.05
N ILE B 40 2.67 -10.92 -12.26
CA ILE B 40 2.69 -10.15 -13.51
C ILE B 40 3.93 -10.41 -14.38
N ASN B 41 4.71 -11.43 -14.01
CA ASN B 41 5.86 -11.88 -14.80
C ASN B 41 6.87 -10.78 -15.11
N ILE B 42 7.32 -10.13 -14.06
CA ILE B 42 8.45 -9.19 -14.09
C ILE B 42 9.50 -9.67 -13.11
N LYS B 43 10.71 -9.13 -13.23
CA LYS B 43 11.80 -9.46 -12.31
C LYS B 43 11.61 -8.71 -11.01
N THR B 44 11.99 -9.35 -9.91
N THR B 44 11.98 -9.34 -9.90
CA THR B 44 11.94 -8.71 -8.61
CA THR B 44 11.89 -8.65 -8.60
C THR B 44 12.82 -7.46 -8.57
C THR B 44 12.79 -7.41 -8.60
N ALA B 45 13.90 -7.45 -9.34
CA ALA B 45 14.76 -6.27 -9.44
C ALA B 45 14.01 -5.05 -10.02
N SER B 46 13.06 -5.29 -10.91
N SER B 46 13.05 -5.31 -10.89
CA SER B 46 12.29 -4.19 -11.50
CA SER B 46 12.26 -4.23 -11.49
C SER B 46 11.27 -3.62 -10.52
C SER B 46 11.32 -3.61 -10.48
N ILE B 47 10.90 -4.39 -9.49
CA ILE B 47 10.03 -3.90 -8.45
C ILE B 47 10.85 -3.00 -7.53
N HIS B 48 12.01 -3.48 -7.10
CA HIS B 48 12.93 -2.69 -6.26
C HIS B 48 13.33 -1.37 -6.95
N TYR B 49 13.42 -1.36 -8.28
CA TYR B 49 13.75 -0.16 -9.04
C TYR B 49 12.77 0.98 -8.69
N HIS B 50 11.49 0.66 -8.63
CA HIS B 50 10.45 1.62 -8.31
C HIS B 50 10.23 1.79 -6.80
N PHE B 51 10.42 0.69 -6.05
CA PHE B 51 10.13 0.66 -4.64
C PHE B 51 11.27 -0.07 -3.93
N PRO B 52 12.29 0.67 -3.49
CA PRO B 52 13.48 0.02 -2.94
C PRO B 52 13.21 -0.95 -1.77
N SER B 53 12.23 -0.60 -0.94
CA SER B 53 11.83 -1.47 0.18
C SER B 53 10.33 -1.75 0.06
N LYS B 54 9.90 -2.79 0.76
CA LYS B 54 8.47 -3.09 0.81
C LYS B 54 7.69 -1.93 1.42
N GLU B 55 8.24 -1.31 2.46
CA GLU B 55 7.63 -0.13 3.06
C GLU B 55 7.33 0.96 2.02
N ASP B 56 8.24 1.18 1.09
CA ASP B 56 8.06 2.19 0.03
C ASP B 56 6.82 1.84 -0.80
N LEU B 57 6.66 0.56 -1.11
CA LEU B 57 5.46 0.11 -1.84
C LEU B 57 4.19 0.30 -1.00
N GLY B 58 4.26 -0.07 0.28
CA GLY B 58 3.10 0.10 1.17
C GLY B 58 2.61 1.55 1.23
N VAL B 59 3.56 2.48 1.38
CA VAL B 59 3.22 3.90 1.44
C VAL B 59 2.59 4.35 0.11
N ALA B 60 3.19 3.93 -1.01
CA ALA B 60 2.74 4.36 -2.33
C ALA B 60 1.32 3.81 -2.61
N VAL B 61 1.08 2.56 -2.23
CA VAL B 61 -0.22 1.89 -2.45
C VAL B 61 -1.33 2.59 -1.67
N ILE B 62 -1.08 2.90 -0.41
CA ILE B 62 -2.11 3.59 0.37
C ILE B 62 -2.35 4.99 -0.16
N SER B 63 -1.27 5.69 -0.55
CA SER B 63 -1.40 7.06 -1.03
C SER B 63 -2.24 7.09 -2.31
N TRP B 64 -1.97 6.12 -3.17
CA TRP B 64 -2.62 5.99 -4.47
C TRP B 64 -4.07 5.58 -4.31
N HIS B 65 -4.32 4.60 -3.44
CA HIS B 65 -5.68 4.18 -3.13
C HIS B 65 -6.52 5.32 -2.55
N THR B 66 -5.91 6.12 -1.67
CA THR B 66 -6.58 7.25 -1.03
C THR B 66 -6.99 8.30 -2.06
N ASP B 67 -6.08 8.62 -2.98
CA ASP B 67 -6.38 9.52 -4.08
C ASP B 67 -7.56 9.04 -4.94
N LYS B 68 -7.61 7.74 -5.21
CA LYS B 68 -8.72 7.15 -5.97
C LYS B 68 -10.04 7.32 -5.21
N ILE B 69 -10.03 7.02 -3.92
CA ILE B 69 -11.22 7.21 -3.09
C ILE B 69 -11.65 8.69 -3.00
N ALA B 70 -10.67 9.58 -2.81
CA ALA B 70 -10.96 11.02 -2.80
C ALA B 70 -11.69 11.51 -4.07
N ALA B 71 -11.30 10.98 -5.22
CA ALA B 71 -11.90 11.42 -6.50
C ALA B 71 -13.35 10.93 -6.57
N VAL B 72 -13.56 9.71 -6.08
CA VAL B 72 -14.89 9.09 -6.02
C VAL B 72 -15.81 9.91 -5.10
N LEU B 73 -15.31 10.26 -3.92
CA LEU B 73 -16.07 11.03 -2.99
C LEU B 73 -16.41 12.41 -3.54
N SER B 74 -15.48 13.01 -4.27
CA SER B 74 -15.71 14.31 -4.90
C SER B 74 -16.84 14.25 -5.92
N ASP B 75 -16.85 13.21 -6.75
CA ASP B 75 -17.90 13.05 -7.75
C ASP B 75 -19.27 12.89 -7.08
N ILE B 76 -19.29 12.24 -5.91
CA ILE B 76 -20.57 12.07 -5.18
C ILE B 76 -21.04 13.40 -4.63
N SER B 77 -20.16 14.13 -3.97
CA SER B 77 -20.61 15.36 -3.30
C SER B 77 -20.80 16.53 -4.24
N ASN B 78 -20.26 16.48 -5.46
CA ASN B 78 -20.58 17.49 -6.48
C ASN B 78 -21.82 17.11 -7.30
N ASN B 79 -22.42 15.94 -7.00
CA ASN B 79 -23.65 15.52 -7.64
C ASN B 79 -24.85 16.16 -6.91
N SER B 80 -25.48 17.15 -7.56
CA SER B 80 -26.56 17.92 -6.93
C SER B 80 -27.91 17.18 -6.84
N SER B 81 -28.09 16.12 -7.63
CA SER B 81 -29.32 15.31 -7.59
C SER B 81 -29.41 14.44 -6.32
N LEU B 82 -28.28 14.24 -5.65
CA LEU B 82 -28.23 13.41 -4.44
C LEU B 82 -28.48 14.24 -3.19
N SER B 83 -29.39 13.74 -2.35
CA SER B 83 -29.60 14.26 -1.01
C SER B 83 -28.43 13.81 -0.15
N ALA B 84 -28.30 14.36 1.06
CA ALA B 84 -27.20 13.96 1.95
C ALA B 84 -27.20 12.45 2.20
N LYS B 85 -28.37 11.92 2.53
CA LYS B 85 -28.55 10.49 2.74
C LYS B 85 -28.12 9.69 1.50
N GLU B 86 -28.55 10.13 0.32
CA GLU B 86 -28.22 9.42 -0.93
C GLU B 86 -26.70 9.44 -1.22
N LYS B 87 -26.03 10.52 -0.84
CA LYS B 87 -24.58 10.60 -0.94
C LYS B 87 -23.92 9.55 -0.07
N ILE B 88 -24.44 9.32 1.13
CA ILE B 88 -23.84 8.31 2.00
C ILE B 88 -24.15 6.90 1.49
N GLN B 89 -25.34 6.69 0.93
CA GLN B 89 -25.69 5.42 0.31
C GLN B 89 -24.72 5.12 -0.83
N LYS B 90 -24.50 6.11 -1.68
CA LYS B 90 -23.64 5.97 -2.86
C LYS B 90 -22.18 5.79 -2.48
N PHE B 91 -21.79 6.38 -1.35
CA PHE B 91 -20.47 6.14 -0.78
C PHE B 91 -20.30 4.66 -0.46
N PHE B 92 -21.23 4.09 0.29
CA PHE B 92 -21.14 2.66 0.59
C PHE B 92 -21.17 1.78 -0.67
N ASP B 93 -21.99 2.15 -1.66
CA ASP B 93 -21.94 1.47 -2.99
C ASP B 93 -20.55 1.53 -3.65
N ALA B 94 -19.88 2.67 -3.55
CA ALA B 94 -18.53 2.84 -4.09
C ALA B 94 -17.52 1.93 -3.36
N ILE B 95 -17.63 1.89 -2.05
CA ILE B 95 -16.83 0.96 -1.23
C ILE B 95 -17.06 -0.50 -1.61
N LEU B 96 -18.31 -0.89 -1.81
CA LEU B 96 -18.63 -2.25 -2.21
C LEU B 96 -17.97 -2.60 -3.53
N THR B 97 -17.99 -1.68 -4.49
CA THR B 97 -17.31 -1.87 -5.78
C THR B 97 -15.82 -2.21 -5.63
N LEU B 98 -15.16 -1.53 -4.70
CA LEU B 98 -13.71 -1.70 -4.48
C LEU B 98 -13.36 -2.86 -3.54
N THR B 99 -14.36 -3.42 -2.86
CA THR B 99 -14.11 -4.40 -1.82
C THR B 99 -14.83 -5.74 -2.09
N TYR B 100 -15.95 -5.96 -1.39
CA TYR B 100 -16.72 -7.19 -1.49
C TYR B 100 -17.00 -7.64 -2.93
N ASN B 101 -17.39 -6.71 -3.78
CA ASN B 101 -17.73 -7.04 -5.16
C ASN B 101 -16.51 -7.42 -6.03
N SER B 102 -15.33 -6.91 -5.67
CA SER B 102 -14.08 -7.18 -6.38
C SER B 102 -13.37 -8.34 -5.75
N GLU B 103 -13.76 -9.55 -6.14
CA GLU B 103 -13.09 -10.78 -5.70
C GLU B 103 -12.99 -10.88 -4.16
N ASN B 104 -14.04 -10.42 -3.49
CA ASN B 104 -14.22 -10.63 -2.03
C ASN B 104 -13.17 -9.92 -1.18
N LYS B 105 -12.71 -8.77 -1.66
CA LYS B 105 -11.65 -8.01 -1.01
C LYS B 105 -12.15 -7.31 0.24
N CYS B 107 -11.56 -3.80 2.68
CA CYS B 107 -11.07 -2.43 2.57
C CYS B 107 -9.55 -2.37 2.80
N LEU B 108 -8.84 -1.68 1.91
CA LEU B 108 -7.39 -1.52 2.05
C LEU B 108 -7.05 -0.85 3.38
N GLY B 109 -7.83 0.18 3.74
CA GLY B 109 -7.62 0.83 5.01
C GLY B 109 -7.82 -0.06 6.21
N GLY B 110 -8.93 -0.82 6.20
CA GLY B 110 -9.22 -1.81 7.21
C GLY B 110 -8.14 -2.84 7.38
N PHE B 112 -4.82 -2.43 6.64
CA PHE B 112 -3.72 -1.79 7.32
C PHE B 112 -4.06 -1.46 8.77
N ALA B 113 -5.30 -1.09 9.07
CA ALA B 113 -5.69 -0.90 10.48
C ALA B 113 -5.50 -2.18 11.34
N SER B 114 -5.86 -3.33 10.80
CA SER B 114 -5.71 -4.58 11.55
C SER B 114 -4.22 -4.89 11.85
N ASP B 115 -3.36 -4.53 10.91
CA ASP B 115 -1.94 -4.81 10.94
C ASP B 115 -1.11 -3.71 11.63
N PHE B 116 -1.77 -2.65 12.05
CA PHE B 116 -1.13 -1.37 12.41
C PHE B 116 0.11 -1.48 13.30
N GLN B 117 0.01 -2.24 14.37
CA GLN B 117 1.14 -2.32 15.32
C GLN B 117 2.42 -2.92 14.73
N SER B 118 2.25 -3.70 13.67
CA SER B 118 3.36 -4.35 13.01
C SER B 118 3.98 -3.49 11.92
N LEU B 119 3.39 -2.35 11.61
CA LEU B 119 3.79 -1.54 10.45
C LEU B 119 4.80 -0.44 10.80
N PRO B 120 5.66 -0.12 9.84
CA PRO B 120 6.46 1.06 9.93
C PRO B 120 5.60 2.29 10.12
N VAL B 121 6.14 3.26 10.83
CA VAL B 121 5.44 4.49 11.11
C VAL B 121 4.95 5.21 9.85
N SER B 122 5.73 5.20 8.77
CA SER B 122 5.31 5.82 7.51
C SER B 122 3.94 5.29 7.02
N ILE B 123 3.78 3.99 7.15
CA ILE B 123 2.58 3.31 6.68
C ILE B 123 1.42 3.56 7.67
N GLN B 124 1.72 3.54 8.97
CA GLN B 124 0.74 3.92 9.97
C GLN B 124 0.15 5.28 9.66
N ASN B 125 1.00 6.23 9.37
CA ASN B 125 0.53 7.60 9.10
C ASN B 125 -0.32 7.67 7.82
N GLN B 126 0.05 6.95 6.78
CA GLN B 126 -0.77 6.89 5.57
C GLN B 126 -2.13 6.27 5.81
N ALA B 127 -2.17 5.23 6.61
CA ALA B 127 -3.42 4.56 6.95
C ALA B 127 -4.34 5.53 7.72
N LYS B 128 -3.79 6.28 8.66
CA LYS B 128 -4.55 7.31 9.39
C LYS B 128 -5.08 8.40 8.47
N LYS B 129 -4.28 8.79 7.47
CA LYS B 129 -4.74 9.77 6.50
C LYS B 129 -5.95 9.29 5.71
N PHE B 130 -5.96 8.01 5.38
CA PHE B 130 -7.05 7.41 4.63
C PHE B 130 -8.36 7.56 5.42
N PHE B 131 -8.33 7.16 6.68
CA PHE B 131 -9.54 7.26 7.51
C PHE B 131 -9.92 8.69 7.82
N GLU B 132 -8.95 9.57 7.96
CA GLU B 132 -9.25 10.98 8.22
C GLU B 132 -10.04 11.59 7.06
N LEU B 133 -9.61 11.25 5.85
CA LEU B 133 -10.26 11.70 4.63
C LEU B 133 -11.72 11.27 4.60
N ILE B 134 -11.95 9.99 4.92
CA ILE B 134 -13.30 9.42 4.87
C ILE B 134 -14.17 10.03 5.96
N ILE B 135 -13.67 10.09 7.17
CA ILE B 135 -14.42 10.60 8.30
C ILE B 135 -14.77 12.08 8.09
N GLU B 136 -13.80 12.85 7.60
CA GLU B 136 -14.06 14.26 7.30
C GLU B 136 -15.10 14.47 6.19
N TRP B 137 -15.06 13.63 5.17
CA TRP B 137 -16.01 13.68 4.07
C TRP B 137 -17.42 13.36 4.55
N LEU B 138 -17.57 12.29 5.32
CA LEU B 138 -18.86 11.90 5.90
C LEU B 138 -19.40 12.98 6.83
N LYS B 139 -18.52 13.51 7.69
CA LYS B 139 -18.87 14.58 8.62
C LYS B 139 -19.43 15.78 7.84
N GLY B 140 -18.77 16.13 6.73
CA GLY B 140 -19.21 17.24 5.88
C GLY B 140 -20.54 17.05 5.21
N VAL B 141 -20.79 15.85 4.69
CA VAL B 141 -22.11 15.54 4.12
C VAL B 141 -23.22 15.69 5.19
N LEU B 142 -22.97 15.12 6.37
CA LEU B 142 -23.90 15.22 7.49
C LEU B 142 -24.16 16.66 7.91
N GLU B 143 -23.12 17.49 7.92
CA GLU B 143 -23.30 18.90 8.29
C GLU B 143 -24.15 19.68 7.27
N THR B 144 -24.16 19.23 6.00
CA THR B 144 -25.07 19.79 4.99
C THR B 144 -26.52 19.36 5.25
N ASN B 145 -26.72 18.37 6.10
CA ASN B 145 -28.07 17.87 6.45
C ASN B 145 -28.56 18.46 7.78
N GLY B 146 -27.76 19.30 8.42
CA GLY B 146 -28.18 20.03 9.62
C GLY B 146 -27.61 19.51 10.93
N TYR B 147 -26.82 18.44 10.87
CA TYR B 147 -26.12 17.92 12.05
C TYR B 147 -25.10 18.93 12.57
N ASP B 148 -25.03 19.11 13.89
CA ASP B 148 -23.98 19.92 14.51
C ASP B 148 -22.63 19.20 14.49
N ASN B 149 -21.58 19.87 14.94
CA ASN B 149 -20.21 19.36 14.81
C ASN B 149 -19.96 18.03 15.53
N GLU B 150 -20.35 17.97 16.80
CA GLU B 150 -20.16 16.78 17.63
C GLU B 150 -21.01 15.59 17.12
N SER B 151 -22.27 15.84 16.75
CA SER B 151 -23.10 14.76 16.23
C SER B 151 -22.68 14.28 14.83
N SER B 152 -22.26 15.22 13.96
CA SER B 152 -21.70 14.87 12.64
C SER B 152 -20.50 13.94 12.79
N LEU B 153 -19.59 14.33 13.68
CA LEU B 153 -18.38 13.54 13.91
C LEU B 153 -18.70 12.17 14.49
N SER B 154 -19.60 12.15 15.49
CA SER B 154 -19.98 10.87 16.12
C SER B 154 -20.62 9.91 15.12
N LEU B 155 -21.53 10.43 14.31
CA LEU B 155 -22.24 9.61 13.33
C LEU B 155 -21.30 9.17 12.19
N ALA B 156 -20.41 10.05 11.74
CA ALA B 156 -19.42 9.65 10.73
C ALA B 156 -18.58 8.48 11.23
N LYS B 157 -18.16 8.54 12.48
CA LYS B 157 -17.34 7.48 13.07
C LYS B 157 -18.13 6.19 13.24
N GLN B 158 -19.41 6.29 13.57
CA GLN B 158 -20.26 5.09 13.58
C GLN B 158 -20.38 4.47 12.20
N ILE B 159 -20.61 5.29 11.19
CA ILE B 159 -20.79 4.79 9.83
C ILE B 159 -19.56 4.05 9.35
N ILE B 160 -18.38 4.64 9.49
CA ILE B 160 -17.14 3.97 8.99
C ILE B 160 -16.80 2.77 9.86
N SER B 161 -17.07 2.84 11.16
CA SER B 161 -16.89 1.66 12.02
C SER B 161 -17.77 0.50 11.51
N LEU B 162 -19.04 0.79 11.23
CA LEU B 162 -19.95 -0.25 10.76
C LEU B 162 -19.57 -0.76 9.37
N VAL B 163 -19.15 0.15 8.49
CA VAL B 163 -18.69 -0.24 7.16
C VAL B 163 -17.53 -1.22 7.28
N GLU B 164 -16.51 -0.88 8.07
CA GLU B 164 -15.33 -1.71 8.20
C GLU B 164 -15.66 -3.06 8.80
N GLY B 165 -16.45 -3.07 9.87
CA GLY B 165 -16.85 -4.32 10.50
C GLY B 165 -17.74 -5.20 9.61
N GLY B 166 -18.66 -4.59 8.89
CA GLY B 166 -19.58 -5.28 7.99
C GLY B 166 -18.83 -5.96 6.85
N LEU B 167 -17.88 -5.25 6.26
CA LEU B 167 -17.05 -5.77 5.21
C LEU B 167 -16.18 -6.92 5.73
N LEU B 168 -15.62 -6.75 6.91
CA LEU B 168 -14.78 -7.75 7.53
C LEU B 168 -15.47 -9.10 7.69
N LEU B 169 -16.71 -9.08 8.17
CA LEU B 169 -17.45 -10.29 8.43
C LEU B 169 -18.19 -10.82 7.21
N ALA B 170 -18.68 -9.96 6.32
CA ALA B 170 -19.40 -10.43 5.12
C ALA B 170 -18.54 -11.34 4.24
N ARG B 171 -17.24 -11.02 4.15
CA ARG B 171 -16.30 -11.72 3.27
C ARG B 171 -15.82 -13.09 3.81
N LEU B 172 -16.18 -13.44 5.04
CA LEU B 172 -15.81 -14.73 5.60
C LEU B 172 -16.63 -15.88 5.07
N TYR B 173 -17.91 -15.58 4.83
N TYR B 173 -17.90 -15.68 4.78
CA TYR B 173 -19.01 -16.52 4.57
CA TYR B 173 -18.65 -16.78 4.18
C TYR B 173 -19.72 -16.30 3.24
C TYR B 173 -19.79 -16.26 3.31
N GLY B 174 -19.59 -15.10 2.71
CA GLY B 174 -20.52 -14.58 1.70
C GLY B 174 -21.87 -14.22 2.32
N ASP B 175 -21.89 -13.81 3.61
CA ASP B 175 -23.19 -13.44 4.23
C ASP B 175 -23.50 -11.96 3.91
N GLU B 176 -24.36 -11.75 2.92
CA GLU B 176 -24.73 -10.40 2.48
C GLU B 176 -25.41 -9.58 3.56
N THR B 177 -26.03 -10.26 4.52
CA THR B 177 -26.83 -9.54 5.49
C THR B 177 -25.95 -8.64 6.38
N PHE B 178 -24.65 -8.95 6.52
CA PHE B 178 -23.74 -8.05 7.21
C PHE B 178 -23.69 -6.70 6.51
N LEU B 179 -23.68 -6.73 5.19
CA LEU B 179 -23.64 -5.51 4.38
C LEU B 179 -25.01 -4.82 4.32
N GLU B 180 -26.07 -5.61 4.23
CA GLU B 180 -27.44 -5.06 4.35
C GLU B 180 -27.61 -4.25 5.64
N GLY B 181 -27.07 -4.76 6.75
CA GLY B 181 -27.05 -4.05 8.02
C GLY B 181 -26.40 -2.67 8.02
N VAL B 182 -25.36 -2.50 7.21
CA VAL B 182 -24.77 -1.20 7.05
C VAL B 182 -25.77 -0.26 6.39
N ARG B 183 -26.39 -0.70 5.30
CA ARG B 183 -27.35 0.12 4.55
C ARG B 183 -28.58 0.42 5.41
N HIS B 184 -29.07 -0.58 6.13
CA HIS B 184 -30.20 -0.42 7.06
C HIS B 184 -29.91 0.69 8.09
N PHE B 185 -28.70 0.68 8.64
CA PHE B 185 -28.29 1.70 9.60
C PHE B 185 -28.28 3.11 8.99
N ILE B 186 -27.69 3.22 7.80
CA ILE B 186 -27.67 4.48 7.04
C ILE B 186 -29.12 4.96 6.81
N ASP B 187 -29.96 4.05 6.32
CA ASP B 187 -31.33 4.36 5.95
C ASP B 187 -32.19 4.71 7.15
N GLN B 188 -31.98 4.02 8.27
CA GLN B 188 -32.82 4.23 9.46
C GLN B 188 -32.36 5.38 10.35
N THR B 189 -31.10 5.79 10.22
CA THR B 189 -30.50 6.80 11.10
C THR B 189 -30.44 8.19 10.50
N ILE B 190 -30.19 8.29 9.20
CA ILE B 190 -30.06 9.59 8.55
C ILE B 190 -31.38 10.10 7.95
N LYS B 191 -31.77 11.30 8.35
CA LYS B 191 -33.06 11.87 7.96
C LYS B 191 -32.87 12.85 6.80
N PRO C 5 4.12 13.19 10.51
CA PRO C 5 4.69 13.09 9.17
C PRO C 5 5.28 14.43 8.70
N ASN C 7 6.49 17.52 6.35
CA ASN C 7 6.05 18.21 5.17
C ASN C 7 7.23 18.50 4.24
N ILE C 8 7.95 17.45 3.81
CA ILE C 8 9.07 17.60 2.85
C ILE C 8 8.53 17.23 1.47
N SER C 9 8.64 18.14 0.49
CA SER C 9 8.21 17.83 -0.88
C SER C 9 9.13 16.79 -1.47
N ASN C 10 8.55 15.72 -1.99
CA ASN C 10 9.33 14.65 -2.60
C ASN C 10 9.91 15.09 -3.96
N THR C 11 10.85 14.31 -4.48
CA THR C 11 11.57 14.66 -5.67
C THR C 11 10.63 14.91 -6.83
N LYS C 12 9.64 14.04 -6.98
CA LYS C 12 8.66 14.19 -8.06
C LYS C 12 7.87 15.51 -7.96
N GLU C 13 7.37 15.83 -6.77
CA GLU C 13 6.65 17.08 -6.56
C GLU C 13 7.51 18.32 -6.84
N ARG C 14 8.76 18.30 -6.41
N ARG C 14 8.76 18.31 -6.41
CA ARG C 14 9.68 19.41 -6.65
CA ARG C 14 9.63 19.47 -6.66
C ARG C 14 9.92 19.64 -8.14
C ARG C 14 9.94 19.65 -8.15
N ILE C 15 10.10 18.55 -8.88
CA ILE C 15 10.30 18.62 -10.32
C ILE C 15 9.05 19.22 -10.98
N LEU C 16 7.88 18.73 -10.57
CA LEU C 16 6.63 19.24 -11.14
C LEU C 16 6.50 20.74 -10.87
N ALA C 17 6.78 21.16 -9.63
CA ALA C 17 6.63 22.58 -9.26
C ALA C 17 7.55 23.49 -10.03
N VAL C 18 8.82 23.12 -10.19
CA VAL C 18 9.71 24.00 -10.91
C VAL C 18 9.45 23.94 -12.44
N ALA C 19 9.10 22.78 -12.97
CA ALA C 19 8.69 22.68 -14.38
C ALA C 19 7.48 23.61 -14.63
N GLU C 20 6.51 23.58 -13.73
CA GLU C 20 5.32 24.44 -13.85
C GLU C 20 5.73 25.92 -13.97
N ALA C 21 6.63 26.36 -13.08
CA ALA C 21 7.08 27.75 -13.08
C ALA C 21 7.86 28.10 -14.33
N LEU C 22 8.74 27.19 -14.75
CA LEU C 22 9.52 27.42 -15.98
C LEU C 22 8.62 27.59 -17.21
N ILE C 23 7.58 26.77 -17.29
CA ILE C 23 6.66 26.78 -18.42
C ILE C 23 5.85 28.08 -18.40
N GLN C 24 5.33 28.43 -17.24
CA GLN C 24 4.56 29.67 -17.08
C GLN C 24 5.38 30.92 -17.35
N LYS C 25 6.69 30.84 -17.12
CA LYS C 25 7.54 32.01 -17.39
C LYS C 25 7.94 32.09 -18.87
N ASP C 26 8.36 30.97 -19.43
CA ASP C 26 9.07 30.97 -20.75
C ASP C 26 8.52 30.02 -21.80
N GLY C 27 7.66 29.08 -21.41
CA GLY C 27 7.06 28.12 -22.34
C GLY C 27 7.76 26.77 -22.32
N TYR C 28 7.03 25.73 -22.70
CA TYR C 28 7.52 24.35 -22.74
C TYR C 28 8.77 24.14 -23.58
N ASN C 29 8.83 24.82 -24.72
CA ASN C 29 9.95 24.65 -25.64
C ASN C 29 11.23 25.39 -25.21
N ALA C 30 11.18 26.16 -24.12
CA ALA C 30 12.36 26.93 -23.71
C ALA C 30 12.96 26.42 -22.41
N PHE C 31 12.51 25.27 -21.90
CA PHE C 31 13.19 24.67 -20.76
C PHE C 31 13.63 23.25 -21.10
N SER C 32 14.68 22.80 -20.41
CA SER C 32 15.15 21.41 -20.52
C SER C 32 15.22 20.77 -19.13
N PHE C 33 15.42 19.44 -19.10
CA PHE C 33 15.70 18.73 -17.85
C PHE C 33 16.94 19.30 -17.15
N LYS C 34 17.93 19.71 -17.94
CA LYS C 34 19.15 20.31 -17.38
C LYS C 34 18.81 21.56 -16.59
N ASP C 35 17.87 22.36 -17.10
CA ASP C 35 17.41 23.55 -16.39
C ASP C 35 16.79 23.18 -15.04
N ILE C 36 16.01 22.12 -15.00
CA ILE C 36 15.39 21.70 -13.73
C ILE C 36 16.46 21.22 -12.75
N ALA C 37 17.39 20.42 -13.26
CA ALA C 37 18.49 19.90 -12.47
C ALA C 37 19.32 21.04 -11.83
N THR C 38 19.64 22.06 -12.60
CA THR C 38 20.33 23.23 -12.10
C THR C 38 19.51 24.02 -11.07
N ALA C 39 18.20 24.09 -11.30
CA ALA C 39 17.34 24.94 -10.50
C ALA C 39 17.17 24.37 -9.10
N ILE C 40 17.05 23.05 -8.99
CA ILE C 40 16.81 22.41 -7.69
C ILE C 40 17.90 21.44 -7.26
N ASN C 41 19.02 21.44 -7.96
CA ASN C 41 20.20 20.67 -7.54
C ASN C 41 19.97 19.18 -7.35
N ILE C 42 19.33 18.58 -8.35
CA ILE C 42 19.20 17.12 -8.42
C ILE C 42 19.85 16.67 -9.74
N LYS C 43 20.07 15.38 -9.89
CA LYS C 43 20.74 14.87 -11.06
C LYS C 43 19.75 14.67 -12.18
N THR C 44 20.16 14.91 -13.42
CA THR C 44 19.25 14.71 -14.54
C THR C 44 18.70 13.27 -14.57
N ALA C 45 19.52 12.28 -14.19
CA ALA C 45 19.04 10.89 -14.12
C ALA C 45 17.85 10.75 -13.15
N SER C 46 17.82 11.53 -12.07
CA SER C 46 16.65 11.49 -11.16
C SER C 46 15.39 11.99 -11.83
N ILE C 47 15.52 12.94 -12.76
CA ILE C 47 14.36 13.49 -13.46
C ILE C 47 13.83 12.46 -14.44
N HIS C 48 14.74 11.84 -15.20
CA HIS C 48 14.36 10.72 -16.10
C HIS C 48 13.75 9.52 -15.39
N TYR C 49 14.21 9.26 -14.16
CA TYR C 49 13.64 8.21 -13.30
C TYR C 49 12.12 8.41 -13.12
N HIS C 50 11.70 9.63 -12.83
CA HIS C 50 10.27 9.96 -12.65
C HIS C 50 9.54 10.24 -13.97
N PHE C 51 10.25 10.79 -14.95
CA PHE C 51 9.68 11.22 -16.24
C PHE C 51 10.67 10.84 -17.34
N PRO C 52 10.53 9.61 -17.88
CA PRO C 52 11.47 9.10 -18.87
C PRO C 52 11.70 10.05 -20.04
N SER C 53 10.64 10.72 -20.49
CA SER C 53 10.77 11.69 -21.57
C SER C 53 10.23 13.03 -21.10
N LYS C 54 10.64 14.08 -21.80
CA LYS C 54 10.10 15.41 -21.51
C LYS C 54 8.60 15.41 -21.66
N GLU C 55 8.10 14.72 -22.70
CA GLU C 55 6.66 14.62 -22.92
C GLU C 55 5.94 14.14 -21.66
N ASP C 56 6.52 13.14 -20.98
CA ASP C 56 5.91 12.59 -19.76
C ASP C 56 5.79 13.66 -18.69
N LEU C 57 6.81 14.52 -18.59
CA LEU C 57 6.74 15.63 -17.65
C LEU C 57 5.66 16.65 -18.07
N GLY C 58 5.65 17.02 -19.34
CA GLY C 58 4.66 17.94 -19.86
C GLY C 58 3.24 17.50 -19.53
N VAL C 59 2.90 16.24 -19.84
CA VAL C 59 1.59 15.67 -19.50
C VAL C 59 1.31 15.73 -17.97
N ALA C 60 2.28 15.32 -17.17
CA ALA C 60 2.11 15.30 -15.71
C ALA C 60 1.91 16.69 -15.13
N VAL C 61 2.65 17.68 -15.63
CA VAL C 61 2.57 19.05 -15.12
C VAL C 61 1.20 19.64 -15.41
N ILE C 62 0.69 19.40 -16.60
CA ILE C 62 -0.65 19.95 -16.92
C ILE C 62 -1.71 19.27 -16.07
N SER C 63 -1.62 17.95 -15.97
CA SER C 63 -2.58 17.19 -15.20
C SER C 63 -2.64 17.67 -13.76
N TRP C 64 -1.45 17.84 -13.18
CA TRP C 64 -1.28 18.29 -11.80
C TRP C 64 -1.82 19.70 -11.59
N HIS C 65 -1.48 20.59 -12.52
CA HIS C 65 -1.94 21.97 -12.48
C HIS C 65 -3.47 22.02 -12.52
N THR C 66 -4.05 21.22 -13.42
CA THR C 66 -5.50 21.14 -13.55
C THR C 66 -6.19 20.66 -12.28
N ASP C 67 -5.65 19.62 -11.66
CA ASP C 67 -6.16 19.12 -10.38
C ASP C 67 -6.17 20.21 -9.31
N LYS C 68 -5.11 21.01 -9.28
CA LYS C 68 -4.97 22.09 -8.32
C LYS C 68 -6.05 23.15 -8.55
N ILE C 69 -6.29 23.51 -9.81
CA ILE C 69 -7.35 24.45 -10.13
C ILE C 69 -8.74 23.90 -9.82
N ALA C 70 -8.96 22.63 -10.17
CA ALA C 70 -10.23 21.97 -9.86
C ALA C 70 -10.57 22.12 -8.38
N ALA C 71 -9.58 21.96 -7.50
CA ALA C 71 -9.79 22.05 -6.05
C ALA C 71 -10.14 23.46 -5.61
N VAL C 72 -9.43 24.45 -6.15
CA VAL C 72 -9.72 25.88 -5.90
C VAL C 72 -11.13 26.24 -6.33
N LEU C 73 -11.48 25.81 -7.53
CA LEU C 73 -12.81 26.02 -8.10
C LEU C 73 -13.89 25.30 -7.30
N SER C 74 -13.58 24.10 -6.84
CA SER C 74 -14.56 23.36 -6.04
C SER C 74 -14.90 24.13 -4.76
N ASP C 75 -13.88 24.65 -4.08
CA ASP C 75 -14.08 25.42 -2.85
C ASP C 75 -14.87 26.71 -3.08
N ILE C 76 -14.67 27.35 -4.22
CA ILE C 76 -15.47 28.52 -4.59
C ILE C 76 -16.92 28.14 -4.83
N SER C 77 -17.16 27.09 -5.62
CA SER C 77 -18.51 26.58 -5.91
C SER C 77 -19.30 26.34 -4.66
N ASN C 78 -18.67 25.66 -3.71
CA ASN C 78 -19.34 25.24 -2.49
C ASN C 78 -19.50 26.34 -1.44
N ASN C 79 -19.00 27.53 -1.72
CA ASN C 79 -19.14 28.66 -0.82
C ASN C 79 -20.53 29.29 -1.02
N SER C 80 -21.48 28.86 -0.21
CA SER C 80 -22.88 29.25 -0.38
C SER C 80 -23.18 30.73 -0.14
N SER C 81 -22.23 31.48 0.42
CA SER C 81 -22.39 32.93 0.59
C SER C 81 -22.06 33.74 -0.69
N LEU C 82 -21.52 33.08 -1.72
CA LEU C 82 -21.18 33.76 -2.97
C LEU C 82 -22.28 33.63 -4.02
N SER C 83 -22.69 34.77 -4.58
CA SER C 83 -23.45 34.80 -5.83
C SER C 83 -22.59 34.28 -6.98
N ALA C 84 -23.23 33.95 -8.12
CA ALA C 84 -22.50 33.49 -9.30
C ALA C 84 -21.47 34.52 -9.78
N LYS C 85 -21.85 35.79 -9.81
CA LYS C 85 -20.92 36.88 -10.14
C LYS C 85 -19.71 36.85 -9.22
N GLU C 86 -19.95 36.66 -7.93
CA GLU C 86 -18.87 36.66 -6.95
C GLU C 86 -17.95 35.46 -7.13
N LYS C 87 -18.52 34.32 -7.50
CA LYS C 87 -17.74 33.11 -7.77
C LYS C 87 -16.80 33.30 -8.96
N ILE C 88 -17.28 33.97 -9.98
CA ILE C 88 -16.49 34.22 -11.16
C ILE C 88 -15.40 35.26 -10.84
N GLN C 89 -15.74 36.30 -10.07
CA GLN C 89 -14.76 37.27 -9.57
C GLN C 89 -13.65 36.59 -8.76
N LYS C 90 -14.06 35.69 -7.86
CA LYS C 90 -13.10 34.87 -7.09
C LYS C 90 -12.28 33.87 -7.94
N PHE C 91 -12.88 33.36 -9.01
CA PHE C 91 -12.14 32.56 -9.98
C PHE C 91 -10.99 33.37 -10.63
N PHE C 92 -11.26 34.60 -11.03
CA PHE C 92 -10.25 35.45 -11.64
C PHE C 92 -9.16 35.79 -10.62
N ASP C 93 -9.57 36.07 -9.39
CA ASP C 93 -8.62 36.31 -8.31
C ASP C 93 -7.68 35.11 -8.13
N ALA C 94 -8.20 33.88 -8.23
CA ALA C 94 -7.38 32.67 -8.07
C ALA C 94 -6.40 32.51 -9.23
N ILE C 95 -6.87 32.86 -10.43
CA ILE C 95 -6.00 32.85 -11.61
C ILE C 95 -4.87 33.89 -11.43
N LEU C 96 -5.21 35.08 -10.93
CA LEU C 96 -4.19 36.12 -10.74
C LEU C 96 -3.10 35.64 -9.77
N THR C 97 -3.52 34.94 -8.71
CA THR C 97 -2.58 34.42 -7.72
C THR C 97 -1.55 33.49 -8.36
N LEU C 98 -1.99 32.73 -9.36
CA LEU C 98 -1.16 31.73 -10.03
C LEU C 98 -0.36 32.29 -11.20
N THR C 99 -0.73 33.47 -11.67
CA THR C 99 -0.13 34.03 -12.87
C THR C 99 0.55 35.39 -12.62
N TYR C 100 -0.14 36.50 -12.89
CA TYR C 100 0.44 37.82 -12.78
C TYR C 100 1.10 38.09 -11.42
N ASN C 101 0.46 37.66 -10.34
CA ASN C 101 0.98 37.93 -8.97
C ASN C 101 2.18 37.04 -8.63
N SER C 102 2.35 35.94 -9.37
CA SER C 102 3.45 35.02 -9.13
C SER C 102 4.58 35.24 -10.15
N GLU C 103 5.43 36.20 -9.86
CA GLU C 103 6.60 36.50 -10.70
C GLU C 103 6.19 36.72 -12.17
N ASN C 104 5.07 37.39 -12.38
CA ASN C 104 4.64 37.81 -13.73
C ASN C 104 4.47 36.61 -14.68
N LYS C 105 3.99 35.50 -14.13
CA LYS C 105 3.76 34.30 -14.93
C LYS C 105 2.55 34.44 -15.88
N CYS C 107 -0.61 32.17 -17.64
CA CYS C 107 -1.39 30.95 -17.45
C CYS C 107 -0.68 29.75 -18.07
N LEU C 108 -0.58 28.66 -17.34
CA LEU C 108 0.08 27.45 -17.87
C LEU C 108 -0.68 26.95 -19.08
N GLY C 109 -1.99 26.98 -19.04
CA GLY C 109 -2.78 26.56 -20.18
C GLY C 109 -2.58 27.45 -21.38
N GLY C 110 -2.55 28.77 -21.17
CA GLY C 110 -2.34 29.73 -22.26
C GLY C 110 -1.00 29.54 -22.93
N PHE C 112 0.75 26.68 -23.15
CA PHE C 112 0.63 25.46 -23.96
C PHE C 112 -0.26 25.73 -25.18
N ALA C 113 -1.32 26.52 -25.03
CA ALA C 113 -2.11 26.91 -26.18
C ALA C 113 -1.28 27.64 -27.25
N SER C 114 -0.42 28.57 -26.85
CA SER C 114 0.38 29.27 -27.83
C SER C 114 1.36 28.34 -28.60
N ASP C 115 1.85 27.31 -27.91
CA ASP C 115 2.83 26.37 -28.44
C ASP C 115 2.21 25.10 -29.03
N PHE C 116 0.88 25.09 -29.10
CA PHE C 116 0.11 23.88 -29.39
C PHE C 116 0.61 23.02 -30.55
N GLN C 117 0.92 23.65 -31.68
CA GLN C 117 1.23 22.91 -32.91
C GLN C 117 2.55 22.14 -32.81
N SER C 118 3.46 22.60 -31.97
CA SER C 118 4.73 21.96 -31.74
C SER C 118 4.69 20.81 -30.70
N LEU C 119 3.52 20.58 -30.09
CA LEU C 119 3.42 19.67 -28.92
C LEU C 119 3.01 18.23 -29.29
N PRO C 120 3.56 17.21 -28.61
CA PRO C 120 2.99 15.89 -28.76
C PRO C 120 1.49 15.83 -28.45
N VAL C 121 0.80 14.91 -29.11
CA VAL C 121 -0.64 14.78 -28.96
C VAL C 121 -1.06 14.60 -27.51
N SER C 122 -0.28 13.84 -26.74
CA SER C 122 -0.60 13.64 -25.31
C SER C 122 -0.73 14.96 -24.56
N ILE C 123 0.18 15.88 -24.85
CA ILE C 123 0.21 17.17 -24.19
C ILE C 123 -0.93 18.07 -24.71
N GLN C 124 -1.16 18.02 -26.02
CA GLN C 124 -2.28 18.72 -26.62
C GLN C 124 -3.59 18.35 -25.90
N ASN C 125 -3.79 17.04 -25.68
CA ASN C 125 -4.99 16.53 -25.00
C ASN C 125 -5.16 17.04 -23.57
N GLN C 126 -4.07 17.05 -22.81
CA GLN C 126 -4.12 17.52 -21.43
C GLN C 126 -4.45 19.01 -21.42
N ALA C 127 -3.91 19.76 -22.37
CA ALA C 127 -4.16 21.20 -22.43
C ALA C 127 -5.63 21.46 -22.74
N LYS C 128 -6.19 20.68 -23.68
CA LYS C 128 -7.61 20.78 -23.98
C LYS C 128 -8.48 20.43 -22.77
N LYS C 129 -8.02 19.48 -21.94
CA LYS C 129 -8.76 19.11 -20.74
C LYS C 129 -8.77 20.22 -19.69
N PHE C 130 -7.67 20.97 -19.61
CA PHE C 130 -7.56 22.14 -18.71
C PHE C 130 -8.63 23.17 -19.03
N PHE C 131 -8.72 23.54 -20.30
CA PHE C 131 -9.71 24.54 -20.69
C PHE C 131 -11.12 23.99 -20.62
N GLU C 132 -11.30 22.71 -20.92
CA GLU C 132 -12.62 22.08 -20.82
C GLU C 132 -13.12 22.17 -19.39
N LEU C 133 -12.23 21.89 -18.43
CA LEU C 133 -12.59 21.95 -17.02
C LEU C 133 -13.04 23.35 -16.60
N ILE C 134 -12.31 24.36 -17.00
CA ILE C 134 -12.63 25.74 -16.66
C ILE C 134 -13.93 26.20 -17.31
N ILE C 135 -14.11 25.90 -18.60
CA ILE C 135 -15.30 26.32 -19.34
C ILE C 135 -16.55 25.67 -18.75
N GLU C 136 -16.46 24.39 -18.45
CA GLU C 136 -17.54 23.66 -17.84
C GLU C 136 -17.87 24.18 -16.43
N TRP C 137 -16.86 24.56 -15.65
CA TRP C 137 -17.13 25.13 -14.32
C TRP C 137 -17.83 26.48 -14.45
N LEU C 138 -17.30 27.32 -15.33
CA LEU C 138 -17.89 28.64 -15.63
C LEU C 138 -19.35 28.52 -16.13
N LYS C 139 -19.57 27.61 -17.06
CA LYS C 139 -20.91 27.35 -17.61
C LYS C 139 -21.86 26.96 -16.46
N GLY C 140 -21.43 26.03 -15.62
CA GLY C 140 -22.26 25.55 -14.50
C GLY C 140 -22.62 26.64 -13.50
N VAL C 141 -21.64 27.46 -13.13
CA VAL C 141 -21.89 28.60 -12.25
C VAL C 141 -22.91 29.56 -12.85
N LEU C 142 -22.75 29.86 -14.13
CA LEU C 142 -23.70 30.72 -14.85
C LEU C 142 -25.10 30.12 -14.95
N GLU C 143 -25.18 28.81 -15.16
CA GLU C 143 -26.48 28.14 -15.15
C GLU C 143 -27.20 28.30 -13.80
N THR C 144 -26.45 28.28 -12.69
CA THR C 144 -27.04 28.54 -11.37
C THR C 144 -27.46 30.02 -11.19
N ASN C 145 -26.90 30.92 -11.98
CA ASN C 145 -27.30 32.33 -11.97
C ASN C 145 -28.48 32.66 -12.90
N GLY C 146 -29.21 31.65 -13.35
CA GLY C 146 -30.39 31.85 -14.21
C GLY C 146 -30.13 31.98 -15.71
N TYR C 147 -28.91 31.71 -16.16
CA TYR C 147 -28.58 31.76 -17.60
C TYR C 147 -28.97 30.46 -18.30
N ASP C 148 -29.46 30.55 -19.54
CA ASP C 148 -29.74 29.34 -20.28
C ASP C 148 -28.45 28.68 -20.72
N ASN C 149 -28.55 27.44 -21.19
N ASN C 149 -28.54 27.43 -21.19
CA ASN C 149 -27.38 26.63 -21.54
CA ASN C 149 -27.35 26.63 -21.47
C ASN C 149 -26.48 27.33 -22.53
C ASN C 149 -26.48 27.22 -22.59
N GLU C 150 -27.10 27.86 -23.58
CA GLU C 150 -26.36 28.42 -24.70
C GLU C 150 -25.68 29.74 -24.33
N SER C 151 -26.37 30.61 -23.59
CA SER C 151 -25.76 31.84 -23.10
C SER C 151 -24.69 31.58 -22.05
N SER C 152 -24.89 30.54 -21.25
CA SER C 152 -23.91 30.12 -20.26
C SER C 152 -22.61 29.68 -20.91
N LEU C 153 -22.71 28.90 -21.98
CA LEU C 153 -21.52 28.44 -22.70
C LEU C 153 -20.81 29.59 -23.42
N SER C 154 -21.60 30.44 -24.07
CA SER C 154 -21.06 31.61 -24.76
C SER C 154 -20.27 32.54 -23.82
N LEU C 155 -20.87 32.89 -22.68
CA LEU C 155 -20.22 33.77 -21.71
C LEU C 155 -19.01 33.13 -21.07
N ALA C 156 -19.11 31.82 -20.81
CA ALA C 156 -18.00 31.05 -20.25
C ALA C 156 -16.78 31.18 -21.15
N LYS C 157 -17.01 30.96 -22.44
CA LYS C 157 -15.95 31.06 -23.45
C LYS C 157 -15.40 32.49 -23.62
N GLN C 158 -16.29 33.49 -23.61
CA GLN C 158 -15.86 34.89 -23.57
C GLN C 158 -14.98 35.20 -22.36
N ILE C 159 -15.39 34.72 -21.19
CA ILE C 159 -14.64 34.98 -19.96
C ILE C 159 -13.24 34.38 -20.02
N ILE C 160 -13.10 33.10 -20.38
CA ILE C 160 -11.77 32.51 -20.41
C ILE C 160 -10.92 33.10 -21.55
N SER C 161 -11.56 33.50 -22.66
CA SER C 161 -10.82 34.17 -23.74
C SER C 161 -10.23 35.49 -23.27
N LEU C 162 -11.04 36.27 -22.56
CA LEU C 162 -10.61 37.56 -22.06
C LEU C 162 -9.55 37.40 -20.96
N VAL C 163 -9.69 36.40 -20.11
CA VAL C 163 -8.66 36.10 -19.11
C VAL C 163 -7.34 35.81 -19.80
N GLU C 164 -7.33 34.95 -20.80
CA GLU C 164 -6.09 34.54 -21.41
C GLU C 164 -5.46 35.73 -22.12
N GLY C 165 -6.27 36.45 -22.88
CA GLY C 165 -5.78 37.60 -23.64
C GLY C 165 -5.32 38.74 -22.73
N GLY C 166 -6.09 38.99 -21.66
CA GLY C 166 -5.73 40.03 -20.68
C GLY C 166 -4.40 39.76 -19.98
N LEU C 167 -4.20 38.51 -19.56
CA LEU C 167 -2.93 38.08 -18.95
C LEU C 167 -1.77 38.18 -19.94
N LEU C 168 -2.01 37.78 -21.18
CA LEU C 168 -0.97 37.83 -22.20
C LEU C 168 -0.42 39.26 -22.39
N LEU C 169 -1.32 40.23 -22.45
CA LEU C 169 -0.95 41.62 -22.69
C LEU C 169 -0.45 42.32 -21.43
N ALA C 170 -1.07 42.04 -20.28
CA ALA C 170 -0.63 42.67 -19.04
C ALA C 170 0.83 42.35 -18.69
N ARG C 171 1.26 41.12 -18.95
CA ARG C 171 2.60 40.74 -18.50
C ARG C 171 3.71 41.26 -19.45
N LEU C 172 3.29 41.63 -20.66
CA LEU C 172 4.18 42.00 -21.75
C LEU C 172 4.50 43.49 -21.60
N TYR C 173 3.43 44.28 -21.55
CA TYR C 173 3.53 45.69 -21.19
C TYR C 173 3.87 45.92 -19.71
N GLY C 174 3.61 44.95 -18.84
CA GLY C 174 3.63 45.20 -17.39
C GLY C 174 2.57 46.21 -16.93
N ASP C 175 1.37 46.10 -17.49
CA ASP C 175 0.29 47.09 -17.32
C ASP C 175 -0.96 46.38 -16.80
N GLU C 176 -1.27 46.60 -15.52
CA GLU C 176 -2.40 45.94 -14.88
C GLU C 176 -3.78 46.40 -15.38
N THR C 177 -3.84 47.48 -16.18
CA THR C 177 -5.14 47.91 -16.74
C THR C 177 -5.77 46.83 -17.65
N PHE C 178 -4.94 46.00 -18.30
CA PHE C 178 -5.49 44.89 -19.08
C PHE C 178 -6.29 43.91 -18.20
N LEU C 179 -5.84 43.75 -16.95
CA LEU C 179 -6.48 42.83 -16.01
C LEU C 179 -7.72 43.48 -15.38
N GLU C 180 -7.62 44.79 -15.14
CA GLU C 180 -8.77 45.55 -14.69
C GLU C 180 -9.93 45.37 -15.67
N GLY C 181 -9.61 45.40 -16.97
CA GLY C 181 -10.59 45.20 -18.03
C GLY C 181 -11.33 43.88 -17.97
N VAL C 182 -10.63 42.83 -17.54
CA VAL C 182 -11.27 41.53 -17.37
C VAL C 182 -12.31 41.61 -16.25
N ARG C 183 -11.90 42.19 -15.13
CA ARG C 183 -12.79 42.37 -13.99
C ARG C 183 -13.99 43.25 -14.35
N HIS C 184 -13.74 44.34 -15.10
CA HIS C 184 -14.79 45.24 -15.59
C HIS C 184 -15.82 44.46 -16.43
N PHE C 185 -15.33 43.62 -17.34
CA PHE C 185 -16.22 42.81 -18.17
C PHE C 185 -17.11 41.89 -17.32
N ILE C 186 -16.49 41.20 -16.36
CA ILE C 186 -17.23 40.31 -15.46
C ILE C 186 -18.30 41.09 -14.66
N ASP C 187 -17.90 42.22 -14.12
CA ASP C 187 -18.79 43.05 -13.33
C ASP C 187 -19.94 43.61 -14.15
N GLN C 188 -19.65 44.00 -15.38
CA GLN C 188 -20.62 44.68 -16.21
C GLN C 188 -21.59 43.71 -16.88
N THR C 189 -21.12 42.50 -17.16
CA THR C 189 -21.86 41.54 -17.96
C THR C 189 -22.72 40.57 -17.14
N ILE C 190 -22.19 40.07 -16.02
CA ILE C 190 -22.87 39.03 -15.25
C ILE C 190 -23.91 39.65 -14.32
N LYS C 191 -25.08 39.02 -14.24
CA LYS C 191 -26.20 39.54 -13.46
C LYS C 191 -25.82 39.74 -11.99
N ASN D 7 -17.38 0.31 30.46
CA ASN D 7 -16.15 -0.21 31.07
C ASN D 7 -14.92 0.02 30.15
N ILE D 8 -14.70 1.26 29.76
CA ILE D 8 -13.52 1.67 29.01
C ILE D 8 -12.50 2.20 29.99
N SER D 9 -11.27 1.70 29.91
CA SER D 9 -10.16 2.22 30.71
C SER D 9 -9.76 3.59 30.21
N ASN D 10 -9.72 4.56 31.13
CA ASN D 10 -9.34 5.93 30.77
C ASN D 10 -7.84 5.98 30.49
N THR D 11 -7.37 7.08 29.92
CA THR D 11 -5.97 7.14 29.49
C THR D 11 -5.01 6.88 30.64
N LYS D 12 -5.30 7.43 31.82
CA LYS D 12 -4.42 7.24 32.98
C LYS D 12 -4.23 5.75 33.33
N GLU D 13 -5.35 5.04 33.39
CA GLU D 13 -5.39 3.65 33.80
C GLU D 13 -4.63 2.83 32.78
N ARG D 14 -4.85 3.12 31.50
N ARG D 14 -4.83 3.12 31.49
CA ARG D 14 -4.10 2.43 30.43
CA ARG D 14 -4.10 2.37 30.43
C ARG D 14 -2.60 2.58 30.62
C ARG D 14 -2.58 2.60 30.49
N ILE D 15 -2.18 3.81 30.87
CA ILE D 15 -0.77 4.14 31.02
C ILE D 15 -0.20 3.38 32.23
N LEU D 16 -0.92 3.37 33.33
CA LEU D 16 -0.47 2.66 34.53
C LEU D 16 -0.31 1.16 34.26
N ALA D 17 -1.25 0.62 33.51
CA ALA D 17 -1.27 -0.82 33.28
C ALA D 17 -0.14 -1.22 32.37
N VAL D 18 0.16 -0.45 31.32
CA VAL D 18 1.27 -0.85 30.44
C VAL D 18 2.62 -0.54 31.09
N ALA D 19 2.71 0.54 31.86
CA ALA D 19 3.95 0.85 32.58
C ALA D 19 4.28 -0.27 33.58
N GLU D 20 3.28 -0.72 34.30
CA GLU D 20 3.43 -1.83 35.26
C GLU D 20 4.00 -3.07 34.55
N ALA D 21 3.40 -3.43 33.41
CA ALA D 21 3.88 -4.56 32.59
C ALA D 21 5.29 -4.38 32.10
N LEU D 22 5.63 -3.20 31.58
CA LEU D 22 7.00 -2.96 31.10
C LEU D 22 8.03 -3.06 32.22
N ILE D 23 7.69 -2.56 33.40
CA ILE D 23 8.59 -2.59 34.54
C ILE D 23 8.78 -4.03 35.02
N GLN D 24 7.71 -4.80 35.06
CA GLN D 24 7.80 -6.19 35.49
C GLN D 24 8.56 -7.10 34.48
N LYS D 25 8.54 -6.75 33.19
CA LYS D 25 9.31 -7.48 32.21
C LYS D 25 10.78 -7.04 32.17
N ASP D 26 11.01 -5.74 32.14
CA ASP D 26 12.33 -5.20 31.75
C ASP D 26 13.04 -4.35 32.79
N GLY D 27 12.29 -3.81 33.75
CA GLY D 27 12.84 -2.95 34.79
C GLY D 27 12.62 -1.49 34.45
N TYR D 28 12.57 -0.67 35.50
CA TYR D 28 12.33 0.77 35.40
C TYR D 28 13.32 1.50 34.49
N ASN D 29 14.60 1.13 34.54
CA ASN D 29 15.66 1.73 33.69
C ASN D 29 15.76 1.14 32.28
N ALA D 30 14.77 0.34 31.89
CA ALA D 30 14.75 -0.24 30.55
C ALA D 30 13.44 0.06 29.83
N PHE D 31 12.71 1.10 30.25
CA PHE D 31 11.52 1.57 29.53
C PHE D 31 11.42 3.08 29.54
N SER D 32 10.70 3.61 28.56
CA SER D 32 10.53 5.06 28.40
C SER D 32 9.06 5.42 28.16
N PHE D 33 8.74 6.70 28.27
CA PHE D 33 7.41 7.16 27.87
C PHE D 33 7.11 6.86 26.36
N LYS D 34 8.13 6.94 25.51
CA LYS D 34 7.95 6.59 24.07
C LYS D 34 7.52 5.13 23.90
N ASP D 35 8.08 4.23 24.71
CA ASP D 35 7.66 2.82 24.71
C ASP D 35 6.17 2.70 24.99
N ILE D 36 5.69 3.46 25.98
CA ILE D 36 4.27 3.45 26.33
C ILE D 36 3.42 4.04 25.20
N ALA D 37 3.83 5.16 24.62
CA ALA D 37 3.05 5.78 23.54
C ALA D 37 2.94 4.83 22.35
N THR D 38 4.02 4.13 22.01
CA THR D 38 4.03 3.17 20.92
C THR D 38 3.14 1.96 21.22
N ALA D 39 3.19 1.48 22.46
CA ALA D 39 2.42 0.30 22.87
C ALA D 39 0.91 0.50 22.76
N ILE D 40 0.41 1.64 23.25
CA ILE D 40 -1.03 1.89 23.26
C ILE D 40 -1.51 3.02 22.36
N ASN D 41 -0.62 3.50 21.49
CA ASN D 41 -1.00 4.44 20.43
C ASN D 41 -1.64 5.73 20.96
N ILE D 42 -0.94 6.35 21.90
CA ILE D 42 -1.27 7.68 22.38
C ILE D 42 -0.05 8.58 22.19
N LYS D 43 -0.26 9.88 22.36
CA LYS D 43 0.83 10.84 22.28
C LYS D 43 1.53 10.92 23.64
N THR D 44 2.85 11.04 23.62
CA THR D 44 3.63 11.24 24.84
C THR D 44 3.14 12.43 25.67
N ALA D 45 2.64 13.48 25.00
CA ALA D 45 2.04 14.62 25.69
C ALA D 45 0.89 14.21 26.64
N SER D 46 0.09 13.24 26.20
N SER D 46 0.08 13.23 26.23
CA SER D 46 -1.02 12.71 27.01
CA SER D 46 -1.02 12.77 27.06
C SER D 46 -0.52 12.02 28.29
C SER D 46 -0.52 12.02 28.30
N ILE D 47 0.67 11.43 28.20
CA ILE D 47 1.30 10.78 29.33
C ILE D 47 1.81 11.83 30.30
N HIS D 48 2.40 12.89 29.75
CA HIS D 48 2.90 13.98 30.57
C HIS D 48 1.78 14.73 31.33
N TYR D 49 0.61 14.88 30.71
CA TYR D 49 -0.56 15.45 31.41
C TYR D 49 -0.84 14.75 32.73
N HIS D 50 -0.79 13.42 32.70
CA HIS D 50 -1.08 12.64 33.90
C HIS D 50 0.15 12.44 34.80
N PHE D 51 1.33 12.35 34.18
CA PHE D 51 2.58 12.07 34.89
C PHE D 51 3.70 12.98 34.36
N PRO D 52 3.87 14.16 34.97
CA PRO D 52 4.79 15.15 34.43
C PRO D 52 6.21 14.64 34.24
N SER D 53 6.70 13.79 35.15
CA SER D 53 8.04 13.20 35.02
C SER D 53 7.94 11.67 35.10
N LYS D 54 8.98 10.97 34.70
CA LYS D 54 9.02 9.50 34.80
C LYS D 54 8.85 9.12 36.27
N GLU D 55 9.47 9.90 37.14
CA GLU D 55 9.44 9.63 38.57
C GLU D 55 8.00 9.54 39.09
N ASP D 56 7.15 10.48 38.64
CA ASP D 56 5.74 10.50 39.04
C ASP D 56 4.99 9.23 38.62
N LEU D 57 5.29 8.74 37.43
CA LEU D 57 4.71 7.46 36.95
C LEU D 57 5.22 6.31 37.81
N GLY D 58 6.52 6.30 38.09
CA GLY D 58 7.10 5.24 38.91
C GLY D 58 6.42 5.18 40.28
N VAL D 59 6.25 6.34 40.92
CA VAL D 59 5.57 6.37 42.23
C VAL D 59 4.13 5.89 42.12
N ALA D 60 3.43 6.36 41.09
CA ALA D 60 2.01 6.02 40.91
C ALA D 60 1.82 4.55 40.63
N VAL D 61 2.71 3.96 39.82
CA VAL D 61 2.63 2.55 39.46
C VAL D 61 2.80 1.65 40.70
N ILE D 62 3.77 1.97 41.54
CA ILE D 62 3.99 1.17 42.75
C ILE D 62 2.83 1.32 43.72
N SER D 63 2.34 2.53 43.89
CA SER D 63 1.25 2.76 44.82
C SER D 63 0.00 1.99 44.38
N TRP D 64 -0.28 2.06 43.08
CA TRP D 64 -1.41 1.37 42.50
C TRP D 64 -1.26 -0.15 42.64
N HIS D 65 -0.06 -0.66 42.32
CA HIS D 65 0.21 -2.07 42.44
C HIS D 65 0.04 -2.56 43.88
N THR D 66 0.49 -1.76 44.83
CA THR D 66 0.41 -2.06 46.26
C THR D 66 -1.05 -2.16 46.71
N ASP D 67 -1.86 -1.21 46.25
CA ASP D 67 -3.30 -1.20 46.57
C ASP D 67 -3.97 -2.48 46.04
N LYS D 68 -3.61 -2.88 44.83
CA LYS D 68 -4.15 -4.09 44.21
C LYS D 68 -3.78 -5.33 45.01
N ILE D 69 -2.51 -5.44 45.40
N ILE D 69 -2.52 -5.45 45.41
CA ILE D 69 -2.05 -6.53 46.27
CA ILE D 69 -2.13 -6.60 46.22
C ILE D 69 -2.78 -6.54 47.61
C ILE D 69 -2.74 -6.55 47.64
N ALA D 70 -2.91 -5.36 48.21
CA ALA D 70 -3.55 -5.23 49.50
C ALA D 70 -4.96 -5.80 49.46
N ALA D 71 -5.68 -5.57 48.36
CA ALA D 71 -7.05 -6.06 48.22
C ALA D 71 -7.09 -7.57 48.08
N VAL D 72 -6.16 -8.11 47.31
CA VAL D 72 -6.03 -9.54 47.16
C VAL D 72 -5.77 -10.20 48.51
N LEU D 73 -4.85 -9.64 49.28
CA LEU D 73 -4.49 -10.18 50.61
C LEU D 73 -5.65 -10.10 51.62
N SER D 74 -6.42 -9.00 51.58
CA SER D 74 -7.58 -8.89 52.48
C SER D 74 -8.63 -9.96 52.21
N ASP D 75 -8.84 -10.28 50.93
CA ASP D 75 -9.80 -11.33 50.57
C ASP D 75 -9.34 -12.68 51.10
N ILE D 76 -8.03 -12.91 51.09
CA ILE D 76 -7.45 -14.14 51.62
C ILE D 76 -7.61 -14.17 53.16
N SER D 77 -7.26 -13.06 53.81
CA SER D 77 -7.37 -12.91 55.27
C SER D 77 -8.75 -13.19 55.80
N ASN D 78 -9.75 -12.68 55.09
CA ASN D 78 -11.16 -12.81 55.50
C ASN D 78 -11.81 -14.12 55.08
N ASN D 79 -11.06 -14.98 54.40
CA ASN D 79 -11.57 -16.31 54.04
C ASN D 79 -11.35 -17.24 55.24
N SER D 80 -12.37 -17.32 56.10
CA SER D 80 -12.27 -18.08 57.34
C SER D 80 -12.22 -19.61 57.14
N SER D 81 -12.34 -20.08 55.89
CA SER D 81 -12.19 -21.51 55.60
C SER D 81 -10.72 -21.92 55.46
N LEU D 82 -9.84 -20.94 55.26
CA LEU D 82 -8.41 -21.17 55.07
C LEU D 82 -7.64 -21.13 56.40
N SER D 83 -6.82 -22.16 56.65
CA SER D 83 -5.83 -22.13 57.72
C SER D 83 -4.76 -21.07 57.46
N ALA D 84 -3.96 -20.76 58.49
CA ALA D 84 -2.83 -19.85 58.31
C ALA D 84 -1.95 -20.33 57.17
N LYS D 85 -1.65 -21.63 57.16
CA LYS D 85 -0.84 -22.22 56.10
C LYS D 85 -1.47 -22.04 54.70
N GLU D 86 -2.77 -22.30 54.60
CA GLU D 86 -3.47 -22.17 53.32
C GLU D 86 -3.48 -20.72 52.84
N LYS D 87 -3.63 -19.76 53.76
CA LYS D 87 -3.60 -18.34 53.42
C LYS D 87 -2.29 -17.96 52.76
N ILE D 88 -1.20 -18.49 53.31
CA ILE D 88 0.11 -18.22 52.77
C ILE D 88 0.32 -18.92 51.41
N GLN D 89 -0.17 -20.15 51.29
CA GLN D 89 -0.19 -20.85 50.00
C GLN D 89 -0.95 -20.02 48.94
N LYS D 90 -2.10 -19.47 49.30
CA LYS D 90 -2.91 -18.65 48.39
C LYS D 90 -2.27 -17.29 48.03
N PHE D 91 -1.56 -16.71 48.99
CA PHE D 91 -0.74 -15.52 48.75
C PHE D 91 0.25 -15.78 47.60
N PHE D 92 0.98 -16.89 47.68
CA PHE D 92 1.94 -17.25 46.64
C PHE D 92 1.25 -17.50 45.31
N ASP D 93 0.10 -18.17 45.32
CA ASP D 93 -0.72 -18.34 44.11
C ASP D 93 -1.11 -17.00 43.49
N ALA D 94 -1.50 -16.03 44.33
CA ALA D 94 -1.83 -14.68 43.87
C ALA D 94 -0.61 -14.00 43.23
N ILE D 95 0.55 -14.19 43.83
CA ILE D 95 1.79 -13.61 43.29
C ILE D 95 2.12 -14.24 41.95
N LEU D 96 1.99 -15.56 41.85
CA LEU D 96 2.23 -16.24 40.56
C LEU D 96 1.33 -15.67 39.47
N THR D 97 0.06 -15.40 39.80
CA THR D 97 -0.87 -14.87 38.80
C THR D 97 -0.35 -13.56 38.17
N LEU D 98 0.24 -12.73 39.02
CA LEU D 98 0.72 -11.39 38.65
C LEU D 98 2.13 -11.37 38.08
N THR D 99 2.84 -12.48 38.20
CA THR D 99 4.24 -12.55 37.81
C THR D 99 4.52 -13.62 36.76
N TYR D 100 5.02 -14.77 37.21
CA TYR D 100 5.44 -15.83 36.31
C TYR D 100 4.34 -16.23 35.32
N ASN D 101 3.09 -16.30 35.78
CA ASN D 101 2.00 -16.71 34.88
C ASN D 101 1.59 -15.65 33.86
N SER D 102 1.94 -14.39 34.11
CA SER D 102 1.58 -13.27 33.26
C SER D 102 2.80 -12.93 32.40
N GLU D 103 2.95 -13.64 31.29
CA GLU D 103 4.03 -13.36 30.32
C GLU D 103 5.42 -13.32 30.98
N ASN D 104 5.65 -14.24 31.92
CA ASN D 104 6.97 -14.40 32.55
C ASN D 104 7.49 -13.14 33.27
N LYS D 105 6.59 -12.37 33.85
CA LYS D 105 6.94 -11.17 34.60
C LYS D 105 7.65 -11.46 35.91
N CYS D 107 8.22 -9.92 39.88
CA CYS D 107 7.56 -9.06 40.88
C CYS D 107 7.95 -7.60 40.65
N LEU D 108 6.96 -6.73 40.61
CA LEU D 108 7.21 -5.28 40.48
C LEU D 108 8.11 -4.78 41.61
N GLY D 109 7.85 -5.24 42.83
CA GLY D 109 8.68 -4.86 43.96
C GLY D 109 10.11 -5.31 43.84
N GLY D 110 10.31 -6.55 43.44
CA GLY D 110 11.63 -7.11 43.26
C GLY D 110 12.40 -6.38 42.19
N PHE D 112 11.97 -3.16 41.32
CA PHE D 112 12.42 -1.91 41.94
C PHE D 112 13.52 -2.13 42.98
N ALA D 113 13.45 -3.23 43.73
CA ALA D 113 14.50 -3.55 44.72
C ALA D 113 15.86 -3.74 44.02
N SER D 114 15.86 -4.39 42.87
CA SER D 114 17.11 -4.61 42.16
C SER D 114 17.72 -3.27 41.65
N ASP D 115 16.87 -2.28 41.38
CA ASP D 115 17.27 -1.02 40.78
C ASP D 115 17.43 0.08 41.84
N PHE D 116 17.28 -0.30 43.10
CA PHE D 116 17.09 0.61 44.24
C PHE D 116 18.05 1.79 44.30
N GLN D 117 19.32 1.49 44.13
CA GLN D 117 20.35 2.51 44.33
C GLN D 117 20.32 3.60 43.24
N SER D 118 19.74 3.28 42.09
CA SER D 118 19.60 4.22 40.98
C SER D 118 18.30 5.04 41.02
N LEU D 119 17.42 4.77 41.98
CA LEU D 119 16.08 5.34 41.98
C LEU D 119 16.01 6.63 42.78
N PRO D 120 15.14 7.57 42.37
CA PRO D 120 14.84 8.69 43.24
C PRO D 120 14.21 8.21 44.56
N VAL D 121 14.42 8.99 45.62
CA VAL D 121 14.00 8.64 46.98
C VAL D 121 12.51 8.40 47.06
N SER D 122 11.70 9.17 46.32
CA SER D 122 10.25 8.93 46.28
C SER D 122 9.90 7.48 45.91
N ILE D 123 10.57 6.95 44.91
CA ILE D 123 10.31 5.59 44.40
C ILE D 123 10.87 4.56 45.38
N GLN D 124 12.04 4.85 45.94
CA GLN D 124 12.63 4.02 47.01
C GLN D 124 11.63 3.84 48.14
N ASN D 125 11.03 4.94 48.58
N ASN D 125 11.05 4.95 48.60
CA ASN D 125 10.08 4.93 49.68
CA ASN D 125 10.04 4.92 49.68
C ASN D 125 8.80 4.13 49.35
C ASN D 125 8.85 4.04 49.32
N GLN D 126 8.30 4.23 48.13
CA GLN D 126 7.13 3.46 47.70
C GLN D 126 7.47 1.96 47.65
N ALA D 127 8.66 1.63 47.18
CA ALA D 127 9.10 0.24 47.11
C ALA D 127 9.20 -0.37 48.51
N LYS D 128 9.75 0.39 49.46
CA LYS D 128 9.79 -0.04 50.86
C LYS D 128 8.37 -0.26 51.42
N LYS D 129 7.42 0.58 51.02
CA LYS D 129 6.05 0.41 51.52
C LYS D 129 5.39 -0.86 50.96
N PHE D 130 5.74 -1.25 49.73
CA PHE D 130 5.21 -2.46 49.13
C PHE D 130 5.66 -3.67 49.94
N PHE D 131 6.96 -3.76 50.24
CA PHE D 131 7.45 -4.88 51.01
C PHE D 131 6.97 -4.86 52.44
N GLU D 132 6.87 -3.66 53.04
CA GLU D 132 6.33 -3.51 54.39
C GLU D 132 4.91 -4.07 54.48
N LEU D 133 4.10 -3.80 53.47
CA LEU D 133 2.73 -4.28 53.45
C LEU D 133 2.72 -5.80 53.43
N ILE D 134 3.52 -6.38 52.55
CA ILE D 134 3.56 -7.82 52.44
C ILE D 134 4.08 -8.50 53.70
N ILE D 135 5.16 -7.96 54.27
CA ILE D 135 5.81 -8.54 55.43
C ILE D 135 4.88 -8.47 56.65
N GLU D 136 4.23 -7.32 56.84
CA GLU D 136 3.26 -7.17 57.92
C GLU D 136 2.05 -8.09 57.78
N TRP D 137 1.60 -8.32 56.56
CA TRP D 137 0.47 -9.21 56.34
C TRP D 137 0.86 -10.65 56.71
N LEU D 138 1.98 -11.10 56.18
CA LEU D 138 2.51 -12.43 56.45
C LEU D 138 2.72 -12.64 57.93
N LYS D 139 3.38 -11.67 58.57
CA LYS D 139 3.62 -11.70 60.03
C LYS D 139 2.31 -11.88 60.80
N GLY D 140 1.28 -11.14 60.40
CA GLY D 140 -0.02 -11.18 61.07
C GLY D 140 -0.68 -12.55 60.92
N VAL D 141 -0.61 -13.10 59.73
CA VAL D 141 -1.18 -14.42 59.46
C VAL D 141 -0.52 -15.43 60.38
N LEU D 142 0.81 -15.37 60.44
CA LEU D 142 1.61 -16.27 61.26
C LEU D 142 1.34 -16.14 62.75
N GLU D 143 1.13 -14.91 63.21
CA GLU D 143 0.78 -14.72 64.62
C GLU D 143 -0.56 -15.35 64.99
N THR D 144 -1.49 -15.42 64.03
CA THR D 144 -2.77 -16.13 64.25
C THR D 144 -2.54 -17.64 64.47
N ASN D 145 -1.43 -18.15 63.96
CA ASN D 145 -1.06 -19.57 64.04
C ASN D 145 -0.19 -19.89 65.27
N GLY D 146 -0.08 -18.95 66.20
CA GLY D 146 0.70 -19.17 67.44
C GLY D 146 2.17 -18.75 67.44
N TYR D 147 2.68 -18.24 66.32
CA TYR D 147 4.05 -17.75 66.29
C TYR D 147 4.18 -16.45 67.09
N ASP D 148 5.28 -16.31 67.83
CA ASP D 148 5.51 -15.07 68.57
C ASP D 148 6.02 -13.99 67.60
N ASN D 149 6.22 -12.79 68.12
CA ASN D 149 6.47 -11.64 67.28
C ASN D 149 7.73 -11.85 66.44
N GLU D 150 8.80 -12.27 67.10
CA GLU D 150 10.10 -12.33 66.46
C GLU D 150 10.15 -13.48 65.46
N SER D 151 9.58 -14.61 65.82
CA SER D 151 9.48 -15.75 64.90
C SER D 151 8.60 -15.48 63.69
N SER D 152 7.47 -14.81 63.91
N SER D 152 7.47 -14.80 63.90
CA SER D 152 6.58 -14.44 62.81
CA SER D 152 6.57 -14.43 62.81
C SER D 152 7.27 -13.50 61.81
C SER D 152 7.24 -13.48 61.81
N LEU D 153 8.00 -12.52 62.32
CA LEU D 153 8.71 -11.56 61.47
C LEU D 153 9.84 -12.24 60.68
N SER D 154 10.57 -13.12 61.37
CA SER D 154 11.66 -13.85 60.75
C SER D 154 11.14 -14.74 59.61
N LEU D 155 10.09 -15.51 59.89
CA LEU D 155 9.49 -16.39 58.89
C LEU D 155 8.83 -15.59 57.74
N ALA D 156 8.21 -14.47 58.08
CA ALA D 156 7.65 -13.57 57.06
C ALA D 156 8.73 -13.12 56.07
N LYS D 157 9.85 -12.69 56.61
CA LYS D 157 10.98 -12.22 55.82
C LYS D 157 11.61 -13.34 54.99
N GLN D 158 11.72 -14.55 55.56
CA GLN D 158 12.18 -15.73 54.79
C GLN D 158 11.25 -16.02 53.62
N ILE D 159 9.95 -16.04 53.88
CA ILE D 159 8.97 -16.30 52.83
C ILE D 159 9.10 -15.30 51.66
N ILE D 160 9.06 -13.99 51.95
CA ILE D 160 9.14 -13.01 50.84
C ILE D 160 10.51 -13.08 50.16
N SER D 161 11.56 -13.37 50.93
CA SER D 161 12.92 -13.51 50.35
C SER D 161 12.89 -14.66 49.32
N LEU D 162 12.33 -15.79 49.73
CA LEU D 162 12.28 -16.98 48.87
C LEU D 162 11.36 -16.77 47.65
N VAL D 163 10.22 -16.13 47.85
CA VAL D 163 9.35 -15.73 46.74
C VAL D 163 10.12 -14.90 45.72
N GLU D 164 10.79 -13.85 46.19
CA GLU D 164 11.49 -12.97 45.28
C GLU D 164 12.62 -13.69 44.55
N GLY D 165 13.41 -14.46 45.28
CA GLY D 165 14.55 -15.14 44.67
C GLY D 165 14.09 -16.24 43.73
N GLY D 166 13.06 -16.97 44.12
CA GLY D 166 12.51 -18.02 43.25
C GLY D 166 11.93 -17.50 41.94
N LEU D 167 11.21 -16.38 42.00
CA LEU D 167 10.67 -15.74 40.80
C LEU D 167 11.82 -15.24 39.91
N LEU D 168 12.83 -14.64 40.53
CA LEU D 168 13.99 -14.13 39.80
C LEU D 168 14.68 -15.24 38.99
N LEU D 169 14.84 -16.40 39.58
CA LEU D 169 15.55 -17.50 38.90
C LEU D 169 14.62 -18.30 37.97
N ALA D 170 13.37 -18.52 38.39
CA ALA D 170 12.44 -19.29 37.53
C ALA D 170 12.27 -18.67 36.14
N ARG D 171 12.20 -17.35 36.07
CA ARG D 171 11.88 -16.68 34.82
C ARG D 171 13.05 -16.63 33.81
N LEU D 172 14.24 -17.02 34.24
CA LEU D 172 15.36 -17.04 33.32
C LEU D 172 15.26 -18.17 32.30
N TYR D 173 14.80 -19.34 32.75
CA TYR D 173 14.74 -20.51 31.90
C TYR D 173 13.47 -21.32 32.02
N GLY D 174 12.42 -20.72 32.55
CA GLY D 174 11.15 -21.42 32.65
C GLY D 174 11.28 -22.64 33.51
N ASP D 175 12.18 -22.58 34.49
CA ASP D 175 12.40 -23.72 35.35
C ASP D 175 11.45 -23.53 36.50
N GLU D 176 10.28 -24.15 36.39
CA GLU D 176 9.26 -24.02 37.42
C GLU D 176 9.67 -24.67 38.74
N THR D 177 10.74 -25.46 38.77
CA THR D 177 11.15 -26.11 40.01
C THR D 177 11.59 -25.07 41.07
N PHE D 178 12.09 -23.89 40.64
CA PHE D 178 12.42 -22.84 41.61
C PHE D 178 11.19 -22.37 42.36
N LEU D 179 10.05 -22.35 41.66
CA LEU D 179 8.78 -21.93 42.25
C LEU D 179 8.20 -23.04 43.12
N GLU D 180 8.38 -24.28 42.67
CA GLU D 180 7.95 -25.43 43.47
C GLU D 180 8.63 -25.41 44.82
N GLY D 181 9.89 -24.99 44.84
CA GLY D 181 10.68 -24.89 46.06
C GLY D 181 10.12 -23.89 47.06
N VAL D 182 9.51 -22.82 46.57
CA VAL D 182 8.91 -21.82 47.46
C VAL D 182 7.75 -22.49 48.17
N ARG D 183 6.92 -23.18 47.38
CA ARG D 183 5.76 -23.88 47.91
C ARG D 183 6.18 -25.03 48.85
N HIS D 184 7.26 -25.75 48.50
CA HIS D 184 7.78 -26.80 49.39
C HIS D 184 8.20 -26.19 50.75
N PHE D 185 8.84 -25.02 50.72
CA PHE D 185 9.26 -24.39 51.97
C PHE D 185 8.03 -24.07 52.82
N ILE D 186 7.01 -23.47 52.18
CA ILE D 186 5.80 -23.08 52.87
C ILE D 186 5.14 -24.30 53.52
N ASP D 187 4.94 -25.36 52.71
CA ASP D 187 4.30 -26.62 53.16
C ASP D 187 5.05 -27.30 54.30
N GLN D 188 6.38 -27.28 54.25
CA GLN D 188 7.19 -28.01 55.22
C GLN D 188 7.50 -27.21 56.48
N THR D 189 7.33 -25.89 56.46
CA THR D 189 7.75 -25.05 57.60
C THR D 189 6.60 -24.57 58.48
N ILE D 190 5.49 -24.19 57.86
CA ILE D 190 4.38 -23.62 58.62
C ILE D 190 3.47 -24.72 59.14
N LYS D 191 3.14 -24.65 60.43
CA LYS D 191 2.27 -25.64 61.07
C LYS D 191 0.84 -25.13 61.11
N PRO E 5 -31.42 0.25 -5.31
CA PRO E 5 -30.96 -0.92 -4.57
C PRO E 5 -29.47 -0.85 -4.29
N ASN E 7 -25.67 -1.77 -4.19
CA ASN E 7 -24.79 -2.28 -5.21
C ASN E 7 -23.97 -3.47 -4.71
N ILE E 8 -24.66 -4.51 -4.23
N ILE E 8 -24.68 -4.48 -4.19
CA ILE E 8 -23.98 -5.72 -3.77
CA ILE E 8 -24.08 -5.75 -3.77
C ILE E 8 -24.12 -6.83 -4.80
C ILE E 8 -24.11 -6.65 -4.99
N SER E 9 -22.99 -7.28 -5.34
CA SER E 9 -23.00 -8.32 -6.37
C SER E 9 -23.59 -9.59 -5.81
N ASN E 10 -24.55 -10.14 -6.52
CA ASN E 10 -25.20 -11.38 -6.11
C ASN E 10 -24.25 -12.54 -6.36
N THR E 11 -24.60 -13.70 -5.84
CA THR E 11 -23.70 -14.84 -5.84
C THR E 11 -23.32 -15.23 -7.26
N LYS E 12 -24.30 -15.26 -8.16
CA LYS E 12 -24.04 -15.67 -9.53
C LYS E 12 -23.04 -14.75 -10.20
N GLU E 13 -23.24 -13.44 -10.04
CA GLU E 13 -22.33 -12.42 -10.55
C GLU E 13 -20.91 -12.58 -10.02
N ARG E 14 -20.77 -12.87 -8.72
N ARG E 14 -20.79 -12.87 -8.73
CA ARG E 14 -19.43 -13.00 -8.15
CA ARG E 14 -19.46 -13.02 -8.14
C ARG E 14 -18.71 -14.27 -8.64
C ARG E 14 -18.74 -14.24 -8.71
N ILE E 15 -19.47 -15.35 -8.84
CA ILE E 15 -18.91 -16.55 -9.46
C ILE E 15 -18.43 -16.28 -10.89
N LEU E 16 -19.27 -15.65 -11.69
CA LEU E 16 -18.89 -15.32 -13.09
C LEU E 16 -17.65 -14.45 -13.14
N ALA E 17 -17.60 -13.44 -12.29
CA ALA E 17 -16.46 -12.50 -12.26
C ALA E 17 -15.15 -13.17 -11.86
N VAL E 18 -15.18 -14.01 -10.81
CA VAL E 18 -13.92 -14.64 -10.42
C VAL E 18 -13.51 -15.75 -11.39
N ALA E 19 -14.49 -16.47 -11.95
CA ALA E 19 -14.17 -17.49 -12.95
C ALA E 19 -13.53 -16.86 -14.18
N GLU E 20 -14.09 -15.74 -14.63
CA GLU E 20 -13.56 -15.00 -15.76
C GLU E 20 -12.09 -14.68 -15.53
N ALA E 21 -11.79 -14.17 -14.34
CA ALA E 21 -10.42 -13.83 -13.97
C ALA E 21 -9.51 -15.04 -13.91
N LEU E 22 -9.96 -16.11 -13.25
CA LEU E 22 -9.17 -17.35 -13.20
C LEU E 22 -8.83 -17.89 -14.59
N ILE E 23 -9.81 -17.87 -15.50
CA ILE E 23 -9.61 -18.38 -16.84
C ILE E 23 -8.60 -17.51 -17.62
N GLN E 24 -8.76 -16.21 -17.50
CA GLN E 24 -7.89 -15.26 -18.20
C GLN E 24 -6.46 -15.31 -17.69
N LYS E 25 -6.29 -15.69 -16.41
CA LYS E 25 -4.95 -15.84 -15.84
C LYS E 25 -4.31 -17.19 -16.16
N ASP E 26 -5.05 -18.27 -15.90
CA ASP E 26 -4.48 -19.65 -15.88
C ASP E 26 -5.03 -20.63 -16.91
N GLY E 27 -6.22 -20.35 -17.45
CA GLY E 27 -6.87 -21.17 -18.43
C GLY E 27 -7.92 -22.10 -17.83
N TYR E 28 -8.87 -22.51 -18.68
CA TYR E 28 -10.01 -23.31 -18.25
C TYR E 28 -9.66 -24.62 -17.60
N ASN E 29 -8.62 -25.31 -18.08
CA ASN E 29 -8.23 -26.60 -17.50
C ASN E 29 -7.35 -26.48 -16.26
N ALA E 30 -7.13 -25.24 -15.81
CA ALA E 30 -6.27 -24.99 -14.68
C ALA E 30 -7.01 -24.31 -13.52
N PHE E 31 -8.34 -24.32 -13.54
CA PHE E 31 -9.11 -23.92 -12.35
C PHE E 31 -10.20 -24.94 -12.08
N SER E 32 -10.68 -24.94 -10.84
CA SER E 32 -11.81 -25.80 -10.45
C SER E 32 -12.86 -24.98 -9.71
N PHE E 33 -14.06 -25.54 -9.53
CA PHE E 33 -15.02 -24.96 -8.58
C PHE E 33 -14.42 -24.70 -7.17
N LYS E 34 -13.59 -25.60 -6.66
CA LYS E 34 -12.97 -25.40 -5.34
C LYS E 34 -12.13 -24.10 -5.30
N ASP E 35 -11.45 -23.78 -6.40
CA ASP E 35 -10.71 -22.53 -6.49
C ASP E 35 -11.60 -21.32 -6.39
N ILE E 36 -12.79 -21.40 -6.97
CA ILE E 36 -13.77 -20.32 -6.86
C ILE E 36 -14.25 -20.23 -5.41
N ALA E 37 -14.64 -21.37 -4.85
CA ALA E 37 -15.09 -21.45 -3.47
C ALA E 37 -14.10 -20.79 -2.50
N THR E 38 -12.82 -21.10 -2.68
CA THR E 38 -11.75 -20.57 -1.83
C THR E 38 -11.52 -19.05 -2.02
N ALA E 39 -11.62 -18.63 -3.26
CA ALA E 39 -11.39 -17.22 -3.61
C ALA E 39 -12.43 -16.28 -3.02
N ILE E 40 -13.71 -16.66 -3.06
CA ILE E 40 -14.79 -15.77 -2.61
C ILE E 40 -15.59 -16.30 -1.42
N ASN E 41 -15.12 -17.39 -0.84
CA ASN E 41 -15.60 -17.89 0.43
C ASN E 41 -17.08 -18.21 0.40
N ILE E 42 -17.46 -18.99 -0.61
CA ILE E 42 -18.79 -19.55 -0.70
C ILE E 42 -18.65 -21.06 -0.72
N LYS E 43 -19.76 -21.76 -0.51
CA LYS E 43 -19.76 -23.22 -0.56
C LYS E 43 -19.76 -23.71 -2.00
N THR E 44 -19.03 -24.80 -2.27
CA THR E 44 -19.05 -25.34 -3.62
C THR E 44 -20.46 -25.70 -4.05
N ALA E 45 -21.32 -26.13 -3.11
CA ALA E 45 -22.70 -26.48 -3.47
C ALA E 45 -23.42 -25.29 -4.07
N SER E 46 -23.08 -24.08 -3.60
CA SER E 46 -23.71 -22.86 -4.11
C SER E 46 -23.28 -22.55 -5.54
N ILE E 47 -22.11 -23.04 -5.96
CA ILE E 47 -21.64 -22.87 -7.33
C ILE E 47 -22.43 -23.83 -8.25
N HIS E 48 -22.49 -25.09 -7.85
CA HIS E 48 -23.29 -26.11 -8.58
C HIS E 48 -24.75 -25.71 -8.69
N TYR E 49 -25.25 -24.93 -7.73
CA TYR E 49 -26.62 -24.46 -7.75
C TYR E 49 -26.87 -23.65 -9.03
N HIS E 50 -25.98 -22.70 -9.30
CA HIS E 50 -26.08 -21.88 -10.53
C HIS E 50 -25.56 -22.58 -11.79
N PHE E 51 -24.52 -23.38 -11.62
CA PHE E 51 -23.82 -24.00 -12.73
C PHE E 51 -23.58 -25.47 -12.37
N PRO E 52 -24.52 -26.35 -12.78
CA PRO E 52 -24.49 -27.76 -12.37
C PRO E 52 -23.19 -28.46 -12.73
N SER E 53 -22.62 -28.13 -13.90
CA SER E 53 -21.32 -28.61 -14.34
C SER E 53 -20.36 -27.45 -14.66
N LYS E 54 -19.08 -27.74 -14.67
CA LYS E 54 -18.09 -26.75 -15.06
C LYS E 54 -18.39 -26.21 -16.47
N GLU E 55 -18.79 -27.12 -17.36
CA GLU E 55 -19.19 -26.76 -18.73
C GLU E 55 -20.24 -25.63 -18.70
N ASP E 56 -21.26 -25.74 -17.84
CA ASP E 56 -22.27 -24.69 -17.71
C ASP E 56 -21.67 -23.32 -17.34
N LEU E 57 -20.71 -23.33 -16.42
CA LEU E 57 -19.98 -22.11 -16.06
C LEU E 57 -19.17 -21.55 -17.24
N GLY E 58 -18.46 -22.43 -17.94
CA GLY E 58 -17.65 -22.04 -19.10
C GLY E 58 -18.49 -21.34 -20.15
N VAL E 59 -19.64 -21.93 -20.48
CA VAL E 59 -20.53 -21.33 -21.46
C VAL E 59 -21.02 -19.97 -20.97
N ALA E 60 -21.43 -19.90 -19.72
CA ALA E 60 -22.01 -18.68 -19.18
C ALA E 60 -20.99 -17.55 -19.10
N VAL E 61 -19.75 -17.89 -18.75
N VAL E 61 -19.73 -17.87 -18.78
CA VAL E 61 -18.66 -16.91 -18.67
CA VAL E 61 -18.69 -16.83 -18.66
C VAL E 61 -18.40 -16.29 -20.03
C VAL E 61 -18.26 -16.29 -20.02
N ILE E 62 -18.23 -17.14 -21.04
CA ILE E 62 -17.93 -16.66 -22.40
C ILE E 62 -19.06 -15.79 -22.91
N SER E 63 -20.29 -16.23 -22.72
CA SER E 63 -21.45 -15.49 -23.19
C SER E 63 -21.52 -14.11 -22.53
N TRP E 64 -21.28 -14.07 -21.22
CA TRP E 64 -21.27 -12.83 -20.44
C TRP E 64 -20.17 -11.88 -20.90
N HIS E 65 -18.99 -12.44 -21.11
CA HIS E 65 -17.81 -11.68 -21.55
C HIS E 65 -18.05 -11.10 -22.94
N THR E 66 -18.62 -11.90 -23.83
CA THR E 66 -18.95 -11.47 -25.20
C THR E 66 -19.95 -10.30 -25.19
N ASP E 67 -20.98 -10.41 -24.37
CA ASP E 67 -21.92 -9.30 -24.16
C ASP E 67 -21.24 -8.01 -23.69
N LYS E 68 -20.33 -8.12 -22.73
CA LYS E 68 -19.62 -6.94 -22.21
C LYS E 68 -18.78 -6.32 -23.32
N ILE E 69 -18.11 -7.18 -24.08
CA ILE E 69 -17.28 -6.72 -25.20
C ILE E 69 -18.11 -6.07 -26.30
N ALA E 70 -19.28 -6.63 -26.62
CA ALA E 70 -20.16 -6.04 -27.64
C ALA E 70 -20.55 -4.61 -27.26
N ALA E 71 -20.84 -4.38 -25.98
CA ALA E 71 -21.26 -3.06 -25.52
C ALA E 71 -20.12 -2.06 -25.65
N VAL E 72 -18.93 -2.47 -25.21
CA VAL E 72 -17.71 -1.69 -25.41
C VAL E 72 -17.52 -1.30 -26.88
N LEU E 73 -17.56 -2.29 -27.76
CA LEU E 73 -17.36 -2.09 -29.19
C LEU E 73 -18.44 -1.18 -29.77
N SER E 74 -19.68 -1.36 -29.33
CA SER E 74 -20.77 -0.52 -29.81
C SER E 74 -20.56 0.95 -29.48
N ASP E 75 -20.07 1.21 -28.27
CA ASP E 75 -19.83 2.58 -27.83
C ASP E 75 -18.74 3.22 -28.69
N ILE E 76 -17.79 2.41 -29.15
CA ILE E 76 -16.74 2.90 -30.05
C ILE E 76 -17.28 3.19 -31.46
N SER E 77 -17.96 2.22 -32.08
CA SER E 77 -18.43 2.40 -33.46
C SER E 77 -19.49 3.48 -33.55
N ASN E 78 -20.22 3.73 -32.46
CA ASN E 78 -21.24 4.77 -32.47
C ASN E 78 -20.72 6.16 -32.18
N ASN E 79 -19.42 6.27 -31.87
CA ASN E 79 -18.80 7.55 -31.60
C ASN E 79 -18.42 8.23 -32.91
N SER E 80 -19.23 9.22 -33.30
CA SER E 80 -19.07 9.87 -34.60
C SER E 80 -17.85 10.80 -34.68
N SER E 81 -17.16 11.01 -33.55
CA SER E 81 -15.96 11.84 -33.52
C SER E 81 -14.69 11.06 -33.90
N LEU E 82 -14.82 9.75 -34.07
CA LEU E 82 -13.67 8.88 -34.34
C LEU E 82 -13.66 8.45 -35.81
N SER E 83 -12.49 8.51 -36.45
CA SER E 83 -12.30 7.94 -37.77
C SER E 83 -12.30 6.41 -37.62
N ALA E 84 -12.42 5.69 -38.74
CA ALA E 84 -12.33 4.22 -38.72
C ALA E 84 -11.02 3.80 -38.06
N LYS E 85 -9.92 4.40 -38.47
CA LYS E 85 -8.62 4.08 -37.88
C LYS E 85 -8.60 4.32 -36.38
N GLU E 86 -9.13 5.45 -35.94
CA GLU E 86 -9.20 5.75 -34.51
C GLU E 86 -10.09 4.75 -33.76
N LYS E 87 -11.16 4.30 -34.38
CA LYS E 87 -12.03 3.28 -33.75
C LYS E 87 -11.23 1.99 -33.48
N ILE E 88 -10.41 1.60 -34.45
CA ILE E 88 -9.57 0.40 -34.30
C ILE E 88 -8.47 0.59 -33.24
N GLN E 89 -7.89 1.79 -33.20
CA GLN E 89 -6.94 2.14 -32.11
C GLN E 89 -7.61 2.06 -30.73
N LYS E 90 -8.82 2.59 -30.62
CA LYS E 90 -9.56 2.54 -29.35
C LYS E 90 -10.01 1.11 -28.99
N PHE E 91 -10.30 0.29 -30.00
CA PHE E 91 -10.55 -1.10 -29.79
C PHE E 91 -9.38 -1.76 -29.07
N PHE E 92 -8.15 -1.51 -29.52
CA PHE E 92 -7.00 -2.17 -28.90
C PHE E 92 -6.82 -1.66 -27.47
N ASP E 93 -7.06 -0.37 -27.24
CA ASP E 93 -7.00 0.15 -25.87
C ASP E 93 -8.02 -0.50 -24.96
N ALA E 94 -9.20 -0.81 -25.49
CA ALA E 94 -10.24 -1.48 -24.69
C ALA E 94 -9.84 -2.90 -24.32
N ILE E 95 -9.29 -3.61 -25.30
CA ILE E 95 -8.76 -4.95 -25.10
C ILE E 95 -7.64 -4.94 -24.04
N LEU E 96 -6.71 -3.99 -24.13
CA LEU E 96 -5.66 -3.81 -23.14
C LEU E 96 -6.22 -3.67 -21.71
N THR E 97 -7.28 -2.89 -21.56
CA THR E 97 -7.92 -2.68 -20.26
C THR E 97 -8.41 -4.00 -19.69
N LEU E 98 -8.88 -4.90 -20.54
CA LEU E 98 -9.46 -6.17 -20.08
C LEU E 98 -8.41 -7.29 -19.88
N THR E 99 -7.20 -7.08 -20.38
CA THR E 99 -6.21 -8.16 -20.47
C THR E 99 -4.92 -7.74 -19.76
N TYR E 100 -3.94 -7.27 -20.53
CA TYR E 100 -2.61 -6.94 -20.00
C TYR E 100 -2.64 -6.00 -18.82
N ASN E 101 -3.48 -4.98 -18.88
CA ASN E 101 -3.55 -3.99 -17.81
C ASN E 101 -4.22 -4.53 -16.55
N SER E 102 -4.97 -5.63 -16.66
CA SER E 102 -5.72 -6.15 -15.53
C SER E 102 -5.02 -7.37 -14.99
N GLU E 103 -4.03 -7.15 -14.12
CA GLU E 103 -3.25 -8.23 -13.52
C GLU E 103 -2.68 -9.23 -14.55
N ASN E 104 -2.19 -8.67 -15.64
CA ASN E 104 -1.47 -9.43 -16.66
C ASN E 104 -2.28 -10.56 -17.31
N LYS E 105 -3.59 -10.35 -17.47
CA LYS E 105 -4.46 -11.39 -18.00
C LYS E 105 -4.30 -11.54 -19.50
N CYS E 107 -6.45 -12.53 -23.11
CA CYS E 107 -7.79 -12.47 -23.68
C CYS E 107 -8.55 -13.76 -23.35
N LEU E 108 -9.75 -13.63 -22.81
CA LEU E 108 -10.60 -14.79 -22.51
C LEU E 108 -10.81 -15.66 -23.74
N GLY E 109 -11.12 -15.03 -24.88
CA GLY E 109 -11.22 -15.73 -26.14
C GLY E 109 -9.96 -16.49 -26.52
N GLY E 110 -8.81 -15.85 -26.40
CA GLY E 110 -7.53 -16.48 -26.73
C GLY E 110 -7.26 -17.71 -25.85
N PHE E 112 -9.55 -19.69 -24.37
CA PHE E 112 -10.40 -20.79 -24.85
C PHE E 112 -9.92 -21.29 -26.22
N ALA E 113 -9.45 -20.39 -27.10
CA ALA E 113 -8.88 -20.83 -28.37
C ALA E 113 -7.73 -21.81 -28.14
N SER E 114 -6.86 -21.52 -27.19
CA SER E 114 -5.69 -22.38 -26.98
C SER E 114 -6.13 -23.77 -26.51
N ASP E 115 -7.17 -23.79 -25.68
CA ASP E 115 -7.72 -25.00 -25.06
C ASP E 115 -8.74 -25.75 -25.92
N PHE E 116 -9.01 -25.22 -27.11
CA PHE E 116 -10.18 -25.59 -27.92
C PHE E 116 -10.45 -27.08 -28.06
N GLN E 117 -9.44 -27.87 -28.41
CA GLN E 117 -9.65 -29.30 -28.68
C GLN E 117 -10.05 -30.10 -27.41
N SER E 118 -9.70 -29.58 -26.24
CA SER E 118 -10.06 -30.19 -24.96
C SER E 118 -11.45 -29.77 -24.44
N LEU E 119 -12.12 -28.85 -25.12
CA LEU E 119 -13.37 -28.28 -24.60
C LEU E 119 -14.63 -29.00 -25.10
N PRO E 120 -15.69 -28.99 -24.29
CA PRO E 120 -17.00 -29.43 -24.78
C PRO E 120 -17.43 -28.55 -25.96
N VAL E 121 -18.21 -29.12 -26.87
CA VAL E 121 -18.64 -28.38 -28.06
C VAL E 121 -19.38 -27.09 -27.72
N SER E 122 -20.20 -27.12 -26.67
CA SER E 122 -20.96 -25.93 -26.26
C SER E 122 -20.02 -24.74 -26.01
N ILE E 123 -18.89 -25.01 -25.37
CA ILE E 123 -17.90 -23.96 -25.07
C ILE E 123 -17.16 -23.57 -26.34
N GLN E 124 -16.77 -24.58 -27.14
CA GLN E 124 -16.18 -24.32 -28.46
C GLN E 124 -17.03 -23.35 -29.28
N ASN E 125 -18.35 -23.54 -29.27
CA ASN E 125 -19.21 -22.73 -30.09
C ASN E 125 -19.34 -21.29 -29.56
N GLN E 126 -19.32 -21.13 -28.25
CA GLN E 126 -19.36 -19.78 -27.66
C GLN E 126 -18.09 -19.03 -27.97
N ALA E 127 -16.96 -19.73 -27.86
CA ALA E 127 -15.65 -19.15 -28.17
C ALA E 127 -15.61 -18.65 -29.61
N LYS E 128 -16.14 -19.45 -30.53
CA LYS E 128 -16.20 -19.04 -31.91
C LYS E 128 -17.09 -17.82 -32.13
N LYS E 129 -18.20 -17.74 -31.40
CA LYS E 129 -19.11 -16.60 -31.48
C LYS E 129 -18.42 -15.31 -31.02
N PHE E 130 -17.55 -15.44 -30.03
CA PHE E 130 -16.76 -14.30 -29.56
C PHE E 130 -15.88 -13.77 -30.69
N PHE E 131 -15.12 -14.66 -31.32
CA PHE E 131 -14.26 -14.18 -32.41
C PHE E 131 -15.05 -13.72 -33.65
N GLU E 132 -16.18 -14.34 -33.92
CA GLU E 132 -16.98 -13.91 -35.06
C GLU E 132 -17.48 -12.48 -34.79
N LEU E 133 -17.87 -12.21 -33.55
CA LEU E 133 -18.31 -10.86 -33.20
C LEU E 133 -17.22 -9.81 -33.43
N ILE E 134 -16.02 -10.13 -32.95
CA ILE E 134 -14.90 -9.19 -33.07
C ILE E 134 -14.49 -8.96 -34.53
N ILE E 135 -14.38 -10.04 -35.29
CA ILE E 135 -14.01 -9.95 -36.70
C ILE E 135 -15.07 -9.18 -37.48
N GLU E 136 -16.35 -9.47 -37.23
CA GLU E 136 -17.39 -8.72 -37.93
C GLU E 136 -17.40 -7.23 -37.60
N TRP E 137 -17.10 -6.90 -36.34
CA TRP E 137 -17.05 -5.52 -35.91
C TRP E 137 -15.91 -4.82 -36.64
N LEU E 138 -14.74 -5.44 -36.64
CA LEU E 138 -13.55 -4.85 -37.28
C LEU E 138 -13.79 -4.68 -38.78
N LYS E 139 -14.31 -5.73 -39.43
CA LYS E 139 -14.67 -5.68 -40.87
C LYS E 139 -15.61 -4.51 -41.17
N GLY E 140 -16.65 -4.36 -40.35
CA GLY E 140 -17.64 -3.29 -40.52
C GLY E 140 -17.02 -1.89 -40.46
N VAL E 141 -16.15 -1.70 -39.46
CA VAL E 141 -15.42 -0.43 -39.27
C VAL E 141 -14.54 -0.15 -40.48
N LEU E 142 -13.83 -1.17 -40.96
CA LEU E 142 -12.96 -1.00 -42.12
C LEU E 142 -13.81 -0.70 -43.38
N GLU E 143 -14.96 -1.32 -43.51
CA GLU E 143 -15.86 -1.08 -44.66
C GLU E 143 -16.34 0.39 -44.71
N THR E 144 -16.45 1.04 -43.56
CA THR E 144 -16.83 2.46 -43.52
C THR E 144 -15.73 3.35 -44.06
N ASN E 145 -14.50 2.84 -44.05
CA ASN E 145 -13.33 3.58 -44.51
C ASN E 145 -13.09 3.38 -46.00
N GLY E 146 -13.90 2.54 -46.64
CA GLY E 146 -13.83 2.34 -48.09
C GLY E 146 -13.22 1.02 -48.53
N TYR E 147 -12.78 0.19 -47.57
CA TYR E 147 -12.24 -1.13 -47.89
C TYR E 147 -13.35 -2.02 -48.48
N ASP E 148 -13.02 -2.81 -49.49
CA ASP E 148 -13.98 -3.78 -50.00
C ASP E 148 -14.16 -4.97 -49.05
N ASN E 149 -15.15 -5.81 -49.32
CA ASN E 149 -15.53 -6.88 -48.43
C ASN E 149 -14.39 -7.86 -48.15
N GLU E 150 -13.63 -8.17 -49.20
CA GLU E 150 -12.50 -9.11 -49.14
C GLU E 150 -11.32 -8.54 -48.34
N SER E 151 -10.89 -7.32 -48.70
N SER E 151 -10.92 -7.29 -48.66
CA SER E 151 -9.77 -6.66 -48.04
CA SER E 151 -9.82 -6.63 -47.97
C SER E 151 -10.09 -6.34 -46.57
C SER E 151 -10.16 -6.30 -46.52
N SER E 152 -11.34 -6.00 -46.29
N SER E 152 -11.41 -5.94 -46.25
CA SER E 152 -11.79 -5.69 -44.93
CA SER E 152 -11.85 -5.67 -44.89
C SER E 152 -11.75 -6.91 -44.02
C SER E 152 -11.73 -6.91 -44.02
N LEU E 153 -12.22 -8.04 -44.54
CA LEU E 153 -12.16 -9.30 -43.81
C LEU E 153 -10.70 -9.76 -43.61
N SER E 154 -9.86 -9.61 -44.62
CA SER E 154 -8.44 -10.00 -44.48
C SER E 154 -7.74 -9.17 -43.40
N LEU E 155 -7.93 -7.87 -43.43
CA LEU E 155 -7.30 -6.96 -42.46
C LEU E 155 -7.86 -7.14 -41.05
N ALA E 156 -9.18 -7.32 -40.96
CA ALA E 156 -9.80 -7.69 -39.70
C ALA E 156 -9.13 -8.91 -39.08
N LYS E 157 -8.93 -9.96 -39.88
CA LYS E 157 -8.30 -11.16 -39.40
C LYS E 157 -6.84 -10.98 -39.00
N GLN E 158 -6.11 -10.13 -39.73
CA GLN E 158 -4.74 -9.79 -39.35
C GLN E 158 -4.70 -9.06 -38.04
N ILE E 159 -5.59 -8.11 -37.84
CA ILE E 159 -5.61 -7.32 -36.62
C ILE E 159 -5.86 -8.21 -35.39
N ILE E 160 -6.91 -9.04 -35.44
CA ILE E 160 -7.20 -9.86 -34.30
C ILE E 160 -6.09 -10.93 -34.07
N SER E 161 -5.52 -11.48 -35.13
CA SER E 161 -4.39 -12.41 -35.00
C SER E 161 -3.22 -11.76 -34.25
N LEU E 162 -2.84 -10.56 -34.69
CA LEU E 162 -1.75 -9.84 -34.04
C LEU E 162 -2.08 -9.43 -32.61
N VAL E 163 -3.32 -9.04 -32.34
CA VAL E 163 -3.73 -8.69 -30.98
C VAL E 163 -3.58 -9.91 -30.04
N GLU E 164 -4.12 -11.05 -30.47
CA GLU E 164 -4.01 -12.27 -29.68
C GLU E 164 -2.55 -12.70 -29.46
N GLY E 165 -1.75 -12.76 -30.52
CA GLY E 165 -0.36 -13.14 -30.38
C GLY E 165 0.43 -12.15 -29.54
N GLY E 166 0.16 -10.86 -29.71
CA GLY E 166 0.88 -9.81 -28.96
C GLY E 166 0.63 -9.92 -27.48
N LEU E 167 -0.64 -10.10 -27.12
CA LEU E 167 -1.04 -10.34 -25.72
C LEU E 167 -0.43 -11.59 -25.14
N LEU E 168 -0.41 -12.66 -25.92
CA LEU E 168 0.07 -13.93 -25.50
C LEU E 168 1.52 -13.84 -25.06
N LEU E 169 2.33 -13.15 -25.88
CA LEU E 169 3.75 -13.03 -25.60
C LEU E 169 4.14 -11.90 -24.66
N ALA E 170 3.44 -10.77 -24.70
CA ALA E 170 3.75 -9.66 -23.80
C ALA E 170 3.67 -10.04 -22.33
N ARG E 171 2.71 -10.89 -22.01
CA ARG E 171 2.43 -11.23 -20.63
C ARG E 171 3.42 -12.26 -20.05
N LEU E 172 4.30 -12.81 -20.88
CA LEU E 172 5.34 -13.72 -20.38
C LEU E 172 6.48 -12.99 -19.69
N TYR E 173 6.66 -11.72 -20.05
CA TYR E 173 7.82 -10.89 -19.75
C TYR E 173 7.59 -9.50 -19.22
N GLY E 174 6.36 -9.01 -19.31
CA GLY E 174 6.13 -7.58 -19.14
C GLY E 174 6.83 -6.78 -20.24
N ASP E 175 6.97 -7.40 -21.41
CA ASP E 175 7.60 -6.70 -22.55
C ASP E 175 6.51 -5.98 -23.35
N GLU E 176 6.41 -4.68 -23.10
CA GLU E 176 5.45 -3.82 -23.77
C GLU E 176 5.67 -3.70 -25.28
N THR E 177 6.88 -4.01 -25.76
N THR E 177 6.88 -3.99 -25.78
CA THR E 177 7.15 -3.86 -27.18
CA THR E 177 7.12 -3.85 -27.22
C THR E 177 6.28 -4.81 -28.03
C THR E 177 6.26 -4.80 -28.05
N PHE E 178 5.91 -5.98 -27.50
CA PHE E 178 4.99 -6.88 -28.22
C PHE E 178 3.63 -6.19 -28.50
N LEU E 179 3.15 -5.42 -27.53
CA LEU E 179 1.91 -4.65 -27.66
C LEU E 179 2.08 -3.39 -28.51
N GLU E 180 3.21 -2.70 -28.37
CA GLU E 180 3.53 -1.61 -29.27
C GLU E 180 3.46 -2.05 -30.75
N GLY E 181 3.93 -3.26 -31.03
CA GLY E 181 3.92 -3.84 -32.38
C GLY E 181 2.54 -3.98 -32.99
N VAL E 182 1.56 -4.31 -32.15
CA VAL E 182 0.16 -4.36 -32.59
C VAL E 182 -0.23 -2.98 -33.15
N ARG E 183 0.09 -1.95 -32.37
CA ARG E 183 -0.32 -0.61 -32.71
C ARG E 183 0.47 -0.04 -33.90
N HIS E 184 1.76 -0.39 -33.98
CA HIS E 184 2.56 -0.03 -35.16
C HIS E 184 1.95 -0.60 -36.45
N PHE E 185 1.47 -1.84 -36.39
CA PHE E 185 0.81 -2.48 -37.53
C PHE E 185 -0.45 -1.74 -37.92
N ILE E 186 -1.27 -1.40 -36.92
CA ILE E 186 -2.51 -0.66 -37.15
C ILE E 186 -2.23 0.70 -37.77
N ASP E 187 -1.26 1.41 -37.20
CA ASP E 187 -0.93 2.77 -37.62
C ASP E 187 -0.35 2.83 -39.03
N GLN E 188 0.42 1.80 -39.41
CA GLN E 188 1.12 1.81 -40.69
C GLN E 188 0.27 1.25 -41.82
N THR E 189 -0.72 0.42 -41.49
CA THR E 189 -1.51 -0.31 -42.48
C THR E 189 -2.84 0.32 -42.84
N ILE E 190 -3.51 0.89 -41.83
CA ILE E 190 -4.81 1.53 -42.01
C ILE E 190 -4.69 3.01 -42.37
N LYS E 191 -5.57 3.44 -43.27
CA LYS E 191 -5.58 4.78 -43.85
C LYS E 191 -6.28 5.77 -42.90
N ASN F 7 16.29 -48.42 -37.40
CA ASN F 7 15.58 -47.18 -37.08
C ASN F 7 14.31 -47.36 -36.24
N ILE F 8 14.44 -47.92 -35.02
CA ILE F 8 13.30 -48.04 -34.10
C ILE F 8 13.44 -47.03 -32.97
N SER F 9 12.42 -46.20 -32.79
CA SER F 9 12.38 -45.24 -31.67
C SER F 9 12.38 -46.01 -30.36
N ASN F 10 13.27 -45.62 -29.45
CA ASN F 10 13.25 -46.16 -28.09
C ASN F 10 12.09 -45.57 -27.28
N THR F 11 11.87 -46.14 -26.11
CA THR F 11 10.71 -45.76 -25.32
C THR F 11 10.71 -44.28 -25.02
N LYS F 12 11.86 -43.73 -24.65
CA LYS F 12 11.93 -42.28 -24.35
C LYS F 12 11.52 -41.40 -25.54
N GLU F 13 12.07 -41.73 -26.70
N GLU F 13 12.03 -41.71 -26.72
CA GLU F 13 11.79 -41.01 -27.95
CA GLU F 13 11.70 -40.92 -27.91
C GLU F 13 10.31 -41.08 -28.32
C GLU F 13 10.20 -41.00 -28.20
N ARG F 14 9.70 -42.24 -28.12
N ARG F 14 9.65 -42.21 -28.18
CA ARG F 14 8.28 -42.41 -28.41
CA ARG F 14 8.23 -42.37 -28.45
C ARG F 14 7.42 -41.57 -27.46
C ARG F 14 7.37 -41.61 -27.44
N ILE F 15 7.78 -41.57 -26.19
CA ILE F 15 7.04 -40.79 -25.17
C ILE F 15 7.11 -39.31 -25.52
N LEU F 16 8.30 -38.83 -25.81
CA LEU F 16 8.50 -37.44 -26.21
C LEU F 16 7.64 -37.08 -27.40
N ALA F 17 7.64 -37.92 -28.43
CA ALA F 17 6.91 -37.63 -29.67
C ALA F 17 5.40 -37.56 -29.44
N VAL F 18 4.84 -38.51 -28.68
CA VAL F 18 3.41 -38.46 -28.41
C VAL F 18 3.05 -37.33 -27.43
N ALA F 19 3.90 -37.06 -26.45
CA ALA F 19 3.66 -35.96 -25.54
C ALA F 19 3.67 -34.63 -26.30
N GLU F 20 4.61 -34.47 -27.22
CA GLU F 20 4.68 -33.25 -28.04
C GLU F 20 3.37 -33.08 -28.83
N ALA F 21 2.88 -34.16 -29.43
CA ALA F 21 1.64 -34.12 -30.15
C ALA F 21 0.43 -33.80 -29.26
N LEU F 22 0.31 -34.48 -28.12
CA LEU F 22 -0.80 -34.20 -27.21
C LEU F 22 -0.81 -32.75 -26.74
N ILE F 23 0.36 -32.22 -26.43
CA ILE F 23 0.46 -30.83 -25.99
C ILE F 23 0.06 -29.86 -27.08
N GLN F 24 0.55 -30.09 -28.29
CA GLN F 24 0.22 -29.22 -29.40
C GLN F 24 -1.25 -29.27 -29.81
N LYS F 25 -1.90 -30.41 -29.55
CA LYS F 25 -3.32 -30.55 -29.86
C LYS F 25 -4.22 -29.94 -28.78
N ASP F 26 -3.96 -30.34 -27.52
CA ASP F 26 -4.88 -30.11 -26.38
C ASP F 26 -4.35 -29.23 -25.24
N GLY F 27 -3.03 -29.12 -25.10
CA GLY F 27 -2.40 -28.33 -24.06
C GLY F 27 -1.88 -29.19 -22.93
N TYR F 28 -0.85 -28.69 -22.25
CA TYR F 28 -0.21 -29.39 -21.12
C TYR F 28 -1.19 -29.82 -20.03
N ASN F 29 -2.14 -28.99 -19.67
CA ASN F 29 -3.08 -29.35 -18.58
C ASN F 29 -4.25 -30.24 -19.03
N ALA F 30 -4.22 -30.70 -20.28
CA ALA F 30 -5.24 -31.59 -20.82
C ALA F 30 -4.74 -32.99 -21.22
N PHE F 31 -3.53 -33.39 -20.83
CA PHE F 31 -3.06 -34.76 -21.03
C PHE F 31 -2.47 -35.27 -19.72
N SER F 32 -2.41 -36.59 -19.59
CA SER F 32 -1.77 -37.25 -18.46
C SER F 32 -0.82 -38.34 -18.97
N PHE F 33 -0.01 -38.87 -18.06
CA PHE F 33 0.85 -39.98 -18.42
C PHE F 33 -0.02 -41.16 -18.88
N LYS F 34 -1.20 -41.33 -18.26
CA LYS F 34 -2.08 -42.41 -18.65
C LYS F 34 -2.49 -42.31 -20.11
N ASP F 35 -2.71 -41.10 -20.60
CA ASP F 35 -3.05 -40.88 -22.02
C ASP F 35 -1.89 -41.36 -22.92
N ILE F 36 -0.66 -41.14 -22.47
CA ILE F 36 0.49 -41.57 -23.25
C ILE F 36 0.61 -43.08 -23.25
N ALA F 37 0.47 -43.68 -22.07
CA ALA F 37 0.58 -45.13 -21.92
C ALA F 37 -0.41 -45.84 -22.86
N THR F 38 -1.64 -45.35 -22.88
CA THR F 38 -2.70 -45.88 -23.71
C THR F 38 -2.39 -45.72 -25.21
N ALA F 39 -1.93 -44.53 -25.57
CA ALA F 39 -1.64 -44.21 -26.96
C ALA F 39 -0.58 -45.11 -27.56
N ILE F 40 0.51 -45.38 -26.82
CA ILE F 40 1.59 -46.17 -27.37
C ILE F 40 1.78 -47.53 -26.73
N ASN F 41 0.82 -47.94 -25.90
CA ASN F 41 0.81 -49.29 -25.35
C ASN F 41 2.06 -49.63 -24.55
N ILE F 42 2.35 -48.78 -23.59
CA ILE F 42 3.37 -49.04 -22.56
C ILE F 42 2.75 -48.83 -21.18
N LYS F 43 3.44 -49.31 -20.15
CA LYS F 43 3.02 -49.09 -18.77
C LYS F 43 3.39 -47.68 -18.33
N THR F 44 2.55 -47.09 -17.50
N THR F 44 2.54 -47.05 -17.51
CA THR F 44 2.79 -45.77 -16.97
CA THR F 44 2.86 -45.73 -16.99
C THR F 44 4.09 -45.75 -16.16
C THR F 44 4.17 -45.76 -16.21
N ALA F 45 4.48 -46.88 -15.57
CA ALA F 45 5.77 -47.01 -14.86
C ALA F 45 7.00 -46.79 -15.77
N SER F 46 6.88 -47.14 -17.05
CA SER F 46 7.98 -46.91 -18.00
C SER F 46 8.12 -45.42 -18.35
N ILE F 47 7.04 -44.65 -18.21
CA ILE F 47 7.11 -43.20 -18.42
C ILE F 47 7.79 -42.56 -17.20
N HIS F 48 7.34 -42.90 -16.00
CA HIS F 48 7.93 -42.39 -14.75
C HIS F 48 9.41 -42.72 -14.63
N TYR F 49 9.81 -43.84 -15.20
CA TYR F 49 11.22 -44.22 -15.23
C TYR F 49 12.07 -43.11 -15.89
N HIS F 50 11.63 -42.61 -17.03
CA HIS F 50 12.38 -41.56 -17.75
C HIS F 50 12.02 -40.16 -17.31
N PHE F 51 10.81 -40.01 -16.79
CA PHE F 51 10.27 -38.71 -16.42
C PHE F 51 9.54 -38.88 -15.10
N PRO F 52 10.25 -38.72 -13.97
CA PRO F 52 9.67 -38.98 -12.68
C PRO F 52 8.39 -38.19 -12.39
N SER F 53 8.32 -36.96 -12.87
CA SER F 53 7.12 -36.13 -12.72
C SER F 53 6.69 -35.59 -14.08
N LYS F 54 5.45 -35.14 -14.17
CA LYS F 54 4.97 -34.54 -15.40
C LYS F 54 5.87 -33.36 -15.81
N GLU F 55 6.27 -32.58 -14.81
CA GLU F 55 7.13 -31.42 -15.01
C GLU F 55 8.40 -31.79 -15.76
N ASP F 56 9.01 -32.91 -15.39
CA ASP F 56 10.22 -33.40 -16.08
C ASP F 56 9.97 -33.66 -17.58
N LEU F 57 8.80 -34.21 -17.90
CA LEU F 57 8.43 -34.48 -19.28
C LEU F 57 8.19 -33.16 -20.04
N GLY F 58 7.50 -32.23 -19.40
CA GLY F 58 7.25 -30.93 -20.01
C GLY F 58 8.55 -30.21 -20.37
N VAL F 59 9.49 -30.17 -19.45
CA VAL F 59 10.80 -29.57 -19.72
C VAL F 59 11.51 -30.26 -20.88
N ALA F 60 11.52 -31.57 -20.87
CA ALA F 60 12.23 -32.34 -21.89
C ALA F 60 11.58 -32.18 -23.26
N VAL F 61 10.25 -32.10 -23.31
CA VAL F 61 9.55 -31.96 -24.58
C VAL F 61 9.87 -30.59 -25.18
N ILE F 62 9.87 -29.54 -24.37
CA ILE F 62 10.16 -28.21 -24.89
C ILE F 62 11.61 -28.11 -25.37
N SER F 63 12.53 -28.68 -24.58
CA SER F 63 13.94 -28.66 -24.94
C SER F 63 14.19 -29.35 -26.27
N TRP F 64 13.61 -30.53 -26.44
CA TRP F 64 13.75 -31.32 -27.66
C TRP F 64 13.14 -30.60 -28.87
N HIS F 65 11.97 -30.00 -28.68
CA HIS F 65 11.29 -29.27 -29.74
C HIS F 65 12.11 -28.05 -30.15
N THR F 66 12.68 -27.36 -29.17
CA THR F 66 13.54 -26.20 -29.43
C THR F 66 14.77 -26.60 -30.24
N ASP F 67 15.40 -27.71 -29.88
CA ASP F 67 16.59 -28.17 -30.64
C ASP F 67 16.22 -28.48 -32.09
N LYS F 68 15.05 -29.06 -32.28
CA LYS F 68 14.55 -29.37 -33.63
C LYS F 68 14.34 -28.08 -34.44
N ILE F 69 13.70 -27.09 -33.84
CA ILE F 69 13.50 -25.82 -34.49
C ILE F 69 14.80 -25.12 -34.82
N ALA F 70 15.73 -25.10 -33.85
CA ALA F 70 17.05 -24.50 -34.07
C ALA F 70 17.76 -25.06 -35.31
N ALA F 71 17.67 -26.37 -35.52
CA ALA F 71 18.33 -27.00 -36.69
C ALA F 71 17.63 -26.62 -37.99
N VAL F 72 16.31 -26.52 -37.93
CA VAL F 72 15.54 -26.09 -39.10
C VAL F 72 15.90 -24.64 -39.47
N LEU F 73 15.93 -23.76 -38.49
CA LEU F 73 16.32 -22.36 -38.73
C LEU F 73 17.76 -22.20 -39.22
N SER F 74 18.68 -22.94 -38.62
CA SER F 74 20.06 -22.96 -39.10
C SER F 74 20.15 -23.28 -40.58
N ASP F 75 19.43 -24.31 -41.01
N ASP F 75 19.43 -24.32 -40.98
CA ASP F 75 19.45 -24.71 -42.42
CA ASP F 75 19.36 -24.77 -42.37
C ASP F 75 18.89 -23.63 -43.34
C ASP F 75 18.87 -23.67 -43.31
N ILE F 76 17.94 -22.85 -42.84
CA ILE F 76 17.41 -21.73 -43.61
C ILE F 76 18.41 -20.58 -43.68
N SER F 77 18.98 -20.20 -42.55
CA SER F 77 19.86 -19.03 -42.54
C SER F 77 21.21 -19.33 -43.16
N ASN F 78 21.59 -20.62 -43.23
CA ASN F 78 22.81 -21.00 -43.94
C ASN F 78 22.61 -21.24 -45.45
N ASN F 79 21.39 -21.08 -45.95
CA ASN F 79 21.10 -21.21 -47.37
C ASN F 79 21.45 -19.88 -48.02
N SER F 80 22.62 -19.84 -48.66
CA SER F 80 23.18 -18.61 -49.17
C SER F 80 22.40 -18.06 -50.37
N SER F 81 21.51 -18.88 -50.93
CA SER F 81 20.73 -18.45 -52.09
C SER F 81 19.50 -17.66 -51.69
N LEU F 82 19.09 -17.75 -50.43
CA LEU F 82 17.89 -17.05 -49.94
C LEU F 82 18.21 -15.61 -49.54
N SER F 83 17.31 -14.70 -49.93
CA SER F 83 17.28 -13.34 -49.43
C SER F 83 16.74 -13.38 -47.99
N ALA F 84 16.89 -12.29 -47.24
CA ALA F 84 16.40 -12.27 -45.85
C ALA F 84 14.89 -12.46 -45.82
N LYS F 85 14.19 -11.92 -46.80
CA LYS F 85 12.74 -12.07 -46.90
C LYS F 85 12.32 -13.52 -47.14
N GLU F 86 13.03 -14.18 -48.06
CA GLU F 86 12.81 -15.58 -48.35
C GLU F 86 13.07 -16.46 -47.12
N LYS F 87 14.09 -16.13 -46.34
CA LYS F 87 14.38 -16.85 -45.09
C LYS F 87 13.20 -16.75 -44.12
N ILE F 88 12.60 -15.56 -44.05
CA ILE F 88 11.43 -15.36 -43.16
C ILE F 88 10.20 -16.14 -43.67
N GLN F 89 9.99 -16.12 -44.98
CA GLN F 89 8.94 -16.91 -45.64
C GLN F 89 9.13 -18.41 -45.37
N LYS F 90 10.37 -18.86 -45.45
CA LYS F 90 10.69 -20.26 -45.20
C LYS F 90 10.50 -20.64 -43.74
N PHE F 91 10.79 -19.71 -42.83
CA PHE F 91 10.51 -19.88 -41.41
C PHE F 91 9.05 -20.19 -41.21
N PHE F 92 8.18 -19.38 -41.81
CA PHE F 92 6.75 -19.58 -41.60
C PHE F 92 6.31 -20.91 -42.21
N ASP F 93 6.84 -21.26 -43.37
CA ASP F 93 6.55 -22.57 -43.96
C ASP F 93 6.96 -23.69 -43.00
N ALA F 94 8.12 -23.54 -42.34
CA ALA F 94 8.63 -24.57 -41.40
C ALA F 94 7.69 -24.74 -40.23
N ILE F 95 7.19 -23.61 -39.74
CA ILE F 95 6.26 -23.58 -38.62
C ILE F 95 4.93 -24.24 -39.03
N LEU F 96 4.46 -23.93 -40.24
CA LEU F 96 3.23 -24.56 -40.75
C LEU F 96 3.36 -26.09 -40.76
N THR F 97 4.51 -26.58 -41.19
CA THR F 97 4.78 -28.02 -41.26
C THR F 97 4.60 -28.67 -39.87
N LEU F 98 4.93 -27.94 -38.82
CA LEU F 98 4.93 -28.50 -37.45
C LEU F 98 3.62 -28.28 -36.71
N THR F 99 2.75 -27.45 -37.26
CA THR F 99 1.56 -26.99 -36.57
C THR F 99 0.29 -27.28 -37.39
N TYR F 100 -0.24 -26.26 -38.07
CA TYR F 100 -1.47 -26.40 -38.85
C TYR F 100 -1.47 -27.57 -39.78
N ASN F 101 -0.37 -27.82 -40.48
CA ASN F 101 -0.34 -28.91 -41.43
C ASN F 101 -0.29 -30.30 -40.77
N SER F 102 0.11 -30.37 -39.50
CA SER F 102 0.28 -31.66 -38.83
C SER F 102 -0.95 -31.84 -37.91
N GLU F 103 -2.03 -32.37 -38.48
CA GLU F 103 -3.24 -32.66 -37.70
C GLU F 103 -3.74 -31.45 -36.89
N ASN F 104 -3.65 -30.27 -37.51
CA ASN F 104 -4.28 -29.05 -36.93
C ASN F 104 -3.70 -28.62 -35.58
N LYS F 105 -2.42 -28.94 -35.38
CA LYS F 105 -1.72 -28.56 -34.14
C LYS F 105 -1.46 -27.07 -33.97
N CYS F 107 1.26 -24.24 -32.25
CA CYS F 107 2.67 -24.13 -31.86
C CYS F 107 2.84 -24.61 -30.42
N LEU F 108 3.82 -25.47 -30.19
CA LEU F 108 4.13 -25.95 -28.85
C LEU F 108 4.45 -24.77 -27.92
N GLY F 109 5.22 -23.80 -28.40
CA GLY F 109 5.53 -22.61 -27.60
C GLY F 109 4.29 -21.82 -27.21
N GLY F 110 3.40 -21.61 -28.18
CA GLY F 110 2.17 -20.88 -27.97
C GLY F 110 1.25 -21.56 -26.97
N PHE F 112 2.28 -23.60 -24.47
CA PHE F 112 2.88 -23.28 -23.15
C PHE F 112 2.74 -21.81 -22.74
N ALA F 113 2.83 -20.87 -23.69
CA ALA F 113 2.54 -19.49 -23.40
C ALA F 113 1.14 -19.29 -22.82
N SER F 114 0.14 -19.93 -23.44
CA SER F 114 -1.24 -19.73 -22.98
C SER F 114 -1.38 -20.24 -21.53
N ASP F 115 -0.68 -21.33 -21.23
CA ASP F 115 -0.79 -22.02 -19.95
C ASP F 115 0.18 -21.49 -18.89
N PHE F 116 0.94 -20.46 -19.25
CA PHE F 116 2.16 -20.05 -18.52
C PHE F 116 1.99 -19.94 -17.00
N GLN F 117 0.96 -19.23 -16.55
CA GLN F 117 0.77 -19.00 -15.10
C GLN F 117 0.50 -20.25 -14.28
N SER F 118 0.05 -21.31 -14.95
CA SER F 118 -0.20 -22.60 -14.32
C SER F 118 1.01 -23.55 -14.30
N LEU F 119 2.11 -23.16 -14.96
CA LEU F 119 3.27 -24.03 -15.13
C LEU F 119 4.29 -23.91 -14.01
N PRO F 120 4.99 -25.01 -13.70
CA PRO F 120 6.19 -24.94 -12.89
C PRO F 120 7.22 -24.02 -13.55
N VAL F 121 8.03 -23.35 -12.74
CA VAL F 121 9.02 -22.39 -13.21
C VAL F 121 9.99 -22.99 -14.23
N SER F 122 10.36 -24.25 -14.04
CA SER F 122 11.27 -24.89 -14.98
C SER F 122 10.71 -24.93 -16.40
N ILE F 123 9.42 -25.20 -16.53
CA ILE F 123 8.76 -25.24 -17.83
C ILE F 123 8.60 -23.81 -18.38
N GLN F 124 8.21 -22.86 -17.52
CA GLN F 124 8.15 -21.44 -17.89
C GLN F 124 9.45 -21.01 -18.54
N ASN F 125 10.55 -21.34 -17.87
CA ASN F 125 11.85 -20.95 -18.33
C ASN F 125 12.21 -21.56 -19.70
N GLN F 126 11.91 -22.84 -19.91
CA GLN F 126 12.16 -23.46 -21.21
C GLN F 126 11.32 -22.83 -22.32
N ALA F 127 10.06 -22.53 -22.04
CA ALA F 127 9.19 -21.87 -23.01
C ALA F 127 9.74 -20.50 -23.39
N LYS F 128 10.21 -19.73 -22.41
CA LYS F 128 10.83 -18.44 -22.69
C LYS F 128 12.07 -18.62 -23.58
N LYS F 129 12.85 -19.66 -23.32
CA LYS F 129 14.01 -19.96 -24.18
C LYS F 129 13.63 -20.23 -25.63
N PHE F 130 12.48 -20.87 -25.83
CA PHE F 130 11.96 -21.14 -27.18
C PHE F 130 11.69 -19.84 -27.94
N PHE F 131 10.95 -18.94 -27.31
CA PHE F 131 10.65 -17.68 -27.95
C PHE F 131 11.89 -16.80 -28.14
N GLU F 132 12.81 -16.87 -27.21
CA GLU F 132 14.04 -16.08 -27.29
C GLU F 132 14.88 -16.55 -28.46
N LEU F 133 14.95 -17.85 -28.68
CA LEU F 133 15.68 -18.42 -29.81
C LEU F 133 15.05 -17.94 -31.13
N ILE F 134 13.72 -18.04 -31.22
CA ILE F 134 13.04 -17.60 -32.44
C ILE F 134 13.20 -16.11 -32.70
N ILE F 135 12.95 -15.30 -31.67
CA ILE F 135 13.08 -13.86 -31.80
C ILE F 135 14.51 -13.41 -32.17
N GLU F 136 15.53 -13.99 -31.53
N GLU F 136 15.51 -14.00 -31.53
CA GLU F 136 16.91 -13.65 -31.88
CA GLU F 136 16.91 -13.70 -31.86
C GLU F 136 17.26 -14.07 -33.32
C GLU F 136 17.23 -14.06 -33.31
N TRP F 137 16.71 -15.19 -33.77
CA TRP F 137 16.97 -15.67 -35.14
C TRP F 137 16.37 -14.70 -36.15
N LEU F 138 15.10 -14.35 -35.95
CA LEU F 138 14.42 -13.38 -36.80
C LEU F 138 15.14 -12.02 -36.81
N LYS F 139 15.45 -11.49 -35.63
CA LYS F 139 16.20 -10.25 -35.49
C LYS F 139 17.48 -10.27 -36.31
N GLY F 140 18.24 -11.35 -36.21
CA GLY F 140 19.51 -11.49 -36.96
C GLY F 140 19.29 -11.46 -38.46
N VAL F 141 18.30 -12.21 -38.95
CA VAL F 141 17.96 -12.23 -40.36
C VAL F 141 17.59 -10.81 -40.87
N LEU F 142 16.77 -10.12 -40.08
CA LEU F 142 16.35 -8.74 -40.41
C LEU F 142 17.54 -7.75 -40.39
N GLU F 143 18.46 -7.92 -39.46
CA GLU F 143 19.68 -7.09 -39.44
C GLU F 143 20.56 -7.30 -40.68
N THR F 144 20.59 -8.52 -41.23
CA THR F 144 21.29 -8.76 -42.53
C THR F 144 20.58 -8.05 -43.68
N ASN F 145 19.30 -7.74 -43.51
CA ASN F 145 18.52 -7.00 -44.51
C ASN F 145 18.64 -5.48 -44.36
N GLY F 146 19.46 -5.01 -43.42
CA GLY F 146 19.73 -3.59 -43.28
C GLY F 146 18.88 -2.85 -42.25
N TYR F 147 18.01 -3.57 -41.55
CA TYR F 147 17.20 -2.96 -40.49
C TYR F 147 18.08 -2.61 -39.30
N ASP F 148 17.81 -1.47 -38.68
CA ASP F 148 18.57 -1.13 -37.47
C ASP F 148 18.14 -2.02 -36.31
N ASN F 149 18.85 -1.90 -35.19
CA ASN F 149 18.65 -2.84 -34.09
C ASN F 149 17.21 -2.82 -33.54
N GLU F 150 16.72 -1.62 -33.27
CA GLU F 150 15.38 -1.47 -32.69
C GLU F 150 14.28 -1.94 -33.65
N SER F 151 14.42 -1.58 -34.93
CA SER F 151 13.44 -1.98 -35.95
C SER F 151 13.47 -3.48 -36.18
N SER F 152 14.66 -4.08 -36.17
CA SER F 152 14.77 -5.53 -36.31
C SER F 152 14.05 -6.27 -35.16
N LEU F 153 14.25 -5.79 -33.92
CA LEU F 153 13.61 -6.41 -32.75
C LEU F 153 12.09 -6.20 -32.82
N SER F 154 11.67 -5.00 -33.17
CA SER F 154 10.25 -4.70 -33.26
C SER F 154 9.56 -5.61 -34.30
N LEU F 155 10.18 -5.72 -35.47
CA LEU F 155 9.60 -6.49 -36.57
C LEU F 155 9.63 -7.98 -36.22
N ALA F 156 10.72 -8.43 -35.61
CA ALA F 156 10.82 -9.85 -35.20
C ALA F 156 9.65 -10.19 -34.28
N LYS F 157 9.41 -9.33 -33.30
CA LYS F 157 8.30 -9.52 -32.37
C LYS F 157 6.92 -9.42 -33.05
N GLN F 158 6.76 -8.53 -34.03
CA GLN F 158 5.50 -8.50 -34.78
C GLN F 158 5.27 -9.81 -35.53
N ILE F 159 6.30 -10.32 -36.19
CA ILE F 159 6.20 -11.55 -36.97
C ILE F 159 5.82 -12.73 -36.06
N ILE F 160 6.50 -12.92 -34.94
CA ILE F 160 6.18 -14.10 -34.11
C ILE F 160 4.79 -13.94 -33.44
N SER F 161 4.42 -12.71 -33.07
CA SER F 161 3.08 -12.42 -32.58
C SER F 161 2.01 -12.82 -33.60
N LEU F 162 2.20 -12.40 -34.85
CA LEU F 162 1.23 -12.73 -35.88
C LEU F 162 1.17 -14.22 -36.20
N VAL F 163 2.33 -14.86 -36.22
CA VAL F 163 2.43 -16.31 -36.39
C VAL F 163 1.59 -17.01 -35.33
N GLU F 164 1.81 -16.63 -34.08
CA GLU F 164 1.13 -17.30 -32.96
C GLU F 164 -0.38 -17.07 -32.98
N GLY F 165 -0.81 -15.82 -33.15
CA GLY F 165 -2.21 -15.52 -33.22
C GLY F 165 -2.92 -16.06 -34.46
N GLY F 166 -2.23 -16.03 -35.61
CA GLY F 166 -2.75 -16.59 -36.83
C GLY F 166 -2.99 -18.09 -36.71
N LEU F 167 -2.01 -18.80 -36.15
CA LEU F 167 -2.15 -20.25 -35.92
C LEU F 167 -3.26 -20.55 -34.94
N LEU F 168 -3.34 -19.72 -33.89
CA LEU F 168 -4.34 -19.89 -32.82
C LEU F 168 -5.76 -19.86 -33.37
N LEU F 169 -6.02 -18.89 -34.26
CA LEU F 169 -7.35 -18.73 -34.82
C LEU F 169 -7.61 -19.61 -36.05
N ALA F 170 -6.61 -19.81 -36.91
CA ALA F 170 -6.82 -20.64 -38.13
C ALA F 170 -7.33 -22.03 -37.78
N ARG F 171 -6.80 -22.58 -36.69
CA ARG F 171 -7.12 -23.98 -36.31
C ARG F 171 -8.50 -24.18 -35.66
N LEU F 172 -9.19 -23.10 -35.31
CA LEU F 172 -10.56 -23.21 -34.87
C LEU F 172 -11.56 -23.55 -36.00
N TYR F 173 -11.21 -23.19 -37.25
CA TYR F 173 -12.14 -23.13 -38.38
C TYR F 173 -11.69 -23.81 -39.66
N GLY F 174 -10.42 -24.15 -39.74
CA GLY F 174 -9.81 -24.54 -41.03
C GLY F 174 -9.82 -23.36 -41.98
N ASP F 175 -9.73 -22.15 -41.43
CA ASP F 175 -9.73 -20.94 -42.24
C ASP F 175 -8.31 -20.54 -42.56
N GLU F 176 -7.89 -20.84 -43.78
CA GLU F 176 -6.52 -20.58 -44.21
C GLU F 176 -6.23 -19.09 -44.30
N THR F 177 -7.26 -18.28 -44.38
CA THR F 177 -7.07 -16.85 -44.59
C THR F 177 -6.35 -16.22 -43.41
N PHE F 178 -6.51 -16.80 -42.20
CA PHE F 178 -5.71 -16.31 -41.07
C PHE F 178 -4.21 -16.49 -41.32
N LEU F 179 -3.84 -17.61 -41.94
CA LEU F 179 -2.43 -17.92 -42.22
C LEU F 179 -1.93 -17.15 -43.47
N GLU F 180 -2.81 -16.96 -44.45
CA GLU F 180 -2.47 -16.10 -45.59
C GLU F 180 -2.12 -14.67 -45.10
N GLY F 181 -2.86 -14.22 -44.08
CA GLY F 181 -2.63 -12.90 -43.49
C GLY F 181 -1.25 -12.73 -42.88
N VAL F 182 -0.71 -13.79 -42.30
CA VAL F 182 0.65 -13.78 -41.80
C VAL F 182 1.65 -13.56 -42.95
N ARG F 183 1.45 -14.31 -44.02
CA ARG F 183 2.31 -14.21 -45.19
C ARG F 183 2.15 -12.85 -45.87
N HIS F 184 0.93 -12.33 -45.98
CA HIS F 184 0.68 -10.98 -46.52
C HIS F 184 1.52 -9.91 -45.78
N PHE F 185 1.51 -9.99 -44.45
CA PHE F 185 2.27 -9.08 -43.60
C PHE F 185 3.76 -9.16 -43.93
N ILE F 186 4.30 -10.37 -43.98
CA ILE F 186 5.71 -10.58 -44.27
C ILE F 186 6.03 -9.95 -45.64
N ASP F 187 5.20 -10.26 -46.64
CA ASP F 187 5.42 -9.82 -48.03
C ASP F 187 5.37 -8.30 -48.21
N GLN F 188 4.44 -7.68 -47.50
CA GLN F 188 4.20 -6.23 -47.59
C GLN F 188 5.16 -5.40 -46.73
N THR F 189 5.62 -5.97 -45.62
CA THR F 189 6.43 -5.24 -44.65
C THR F 189 7.94 -5.39 -44.89
N ILE F 190 8.40 -6.59 -45.19
CA ILE F 190 9.84 -6.85 -45.33
C ILE F 190 10.33 -6.56 -46.74
N LYS F 191 11.43 -5.83 -46.82
CA LYS F 191 12.01 -5.45 -48.10
C LYS F 191 12.85 -6.60 -48.67
N PRO G 5 57.52 -10.91 41.56
CA PRO G 5 56.57 -10.39 40.57
C PRO G 5 55.64 -9.32 41.13
N ASN G 7 52.67 -7.18 42.12
CA ASN G 7 51.24 -7.42 42.23
C ASN G 7 50.44 -6.21 41.69
N ILE G 8 50.58 -5.92 40.39
CA ILE G 8 49.97 -4.72 39.80
C ILE G 8 48.92 -5.14 38.80
N SER G 9 47.68 -4.73 39.05
CA SER G 9 46.57 -5.09 38.18
C SER G 9 46.76 -4.37 36.83
N ASN G 10 46.64 -5.12 35.73
CA ASN G 10 46.78 -4.53 34.39
C ASN G 10 45.48 -3.82 34.03
N THR G 11 45.48 -3.07 32.94
CA THR G 11 44.33 -2.23 32.62
C THR G 11 43.04 -3.03 32.51
N LYS G 12 43.10 -4.17 31.84
CA LYS G 12 41.94 -5.03 31.65
C LYS G 12 41.37 -5.50 32.98
N GLU G 13 42.25 -5.93 33.89
CA GLU G 13 41.80 -6.37 35.22
C GLU G 13 41.13 -5.24 36.00
N ARG G 14 41.67 -4.02 35.90
N ARG G 14 41.66 -4.03 35.88
CA ARG G 14 41.10 -2.88 36.65
CA ARG G 14 41.11 -2.89 36.61
C ARG G 14 39.77 -2.39 36.04
C ARG G 14 39.73 -2.58 36.07
N ILE G 15 39.62 -2.57 34.73
CA ILE G 15 38.33 -2.33 34.08
C ILE G 15 37.32 -3.37 34.58
N LEU G 16 37.70 -4.64 34.55
CA LEU G 16 36.80 -5.71 35.01
C LEU G 16 36.37 -5.48 36.47
N ALA G 17 37.33 -5.12 37.32
CA ALA G 17 37.05 -4.96 38.75
C ALA G 17 36.10 -3.82 38.99
N VAL G 18 36.31 -2.70 38.31
CA VAL G 18 35.41 -1.54 38.50
C VAL G 18 34.03 -1.79 37.85
N ALA G 19 34.00 -2.47 36.71
CA ALA G 19 32.74 -2.80 36.05
C ALA G 19 31.89 -3.72 36.95
N GLU G 20 32.53 -4.72 37.54
CA GLU G 20 31.87 -5.65 38.48
C GLU G 20 31.21 -4.87 39.62
N ALA G 21 31.97 -3.97 40.23
CA ALA G 21 31.47 -3.13 41.30
C ALA G 21 30.28 -2.27 40.87
N LEU G 22 30.37 -1.61 39.73
CA LEU G 22 29.30 -0.71 39.29
C LEU G 22 28.00 -1.51 38.99
N ILE G 23 28.16 -2.69 38.40
CA ILE G 23 27.03 -3.59 38.10
C ILE G 23 26.35 -4.07 39.40
N GLN G 24 27.16 -4.48 40.35
CA GLN G 24 26.64 -4.95 41.64
C GLN G 24 25.92 -3.88 42.46
N LYS G 25 26.29 -2.61 42.27
CA LYS G 25 25.63 -1.51 42.99
C LYS G 25 24.36 -1.05 42.26
N ASP G 26 24.46 -0.84 40.95
CA ASP G 26 23.41 -0.12 40.20
C ASP G 26 22.77 -0.87 39.05
N GLY G 27 23.46 -1.89 38.53
CA GLY G 27 22.92 -2.69 37.43
C GLY G 27 23.56 -2.37 36.09
N TYR G 28 23.55 -3.36 35.21
CA TYR G 28 24.15 -3.23 33.89
C TYR G 28 23.60 -2.05 33.07
N ASN G 29 22.29 -1.78 33.19
CA ASN G 29 21.63 -0.66 32.46
C ASN G 29 21.67 0.67 33.24
N ALA G 30 22.56 0.76 34.21
CA ALA G 30 22.78 2.02 34.91
C ALA G 30 24.26 2.30 35.15
N PHE G 31 25.15 1.69 34.35
CA PHE G 31 26.54 2.17 34.21
C PHE G 31 26.92 2.32 32.74
N SER G 32 27.98 3.08 32.49
CA SER G 32 28.54 3.31 31.15
C SER G 32 30.08 3.23 31.13
N PHE G 33 30.68 3.16 29.93
CA PHE G 33 32.17 3.19 29.79
C PHE G 33 32.81 4.46 30.38
N LYS G 34 32.12 5.60 30.23
CA LYS G 34 32.58 6.86 30.81
C LYS G 34 32.73 6.72 32.33
N ASP G 35 31.76 6.07 32.96
CA ASP G 35 31.79 5.83 34.40
C ASP G 35 33.09 5.12 34.78
N ILE G 36 33.51 4.16 33.96
CA ILE G 36 34.73 3.38 34.25
C ILE G 36 35.98 4.27 34.10
N ALA G 37 36.08 4.91 32.94
CA ALA G 37 37.22 5.75 32.60
C ALA G 37 37.48 6.80 33.68
N THR G 38 36.42 7.44 34.14
CA THR G 38 36.47 8.43 35.19
C THR G 38 36.87 7.84 36.55
N ALA G 39 36.36 6.66 36.87
CA ALA G 39 36.68 6.04 38.15
C ALA G 39 38.16 5.64 38.30
N ILE G 40 38.78 5.09 37.26
CA ILE G 40 40.18 4.64 37.36
C ILE G 40 41.20 5.41 36.54
N ASN G 41 40.77 6.53 35.96
CA ASN G 41 41.67 7.46 35.28
C ASN G 41 42.47 6.81 34.16
N ILE G 42 41.75 6.14 33.28
CA ILE G 42 42.28 5.63 32.03
C ILE G 42 41.50 6.26 30.87
N LYS G 43 42.06 6.13 29.68
CA LYS G 43 41.44 6.59 28.44
C LYS G 43 40.21 5.74 28.10
N THR G 44 39.11 6.37 27.68
CA THR G 44 37.99 5.61 27.15
C THR G 44 38.43 4.71 25.99
N ALA G 45 39.35 5.19 25.16
CA ALA G 45 39.89 4.39 24.05
C ALA G 45 40.50 3.08 24.53
N SER G 46 41.11 3.11 25.70
CA SER G 46 41.66 1.89 26.32
C SER G 46 40.59 0.88 26.68
N ILE G 47 39.40 1.34 27.11
CA ILE G 47 38.28 0.41 27.42
C ILE G 47 37.73 -0.19 26.12
N HIS G 48 37.55 0.65 25.10
CA HIS G 48 37.06 0.21 23.78
C HIS G 48 38.02 -0.78 23.14
N TYR G 49 39.32 -0.63 23.41
CA TYR G 49 40.34 -1.53 22.91
C TYR G 49 40.11 -2.96 23.38
N HIS G 50 39.94 -3.11 24.68
CA HIS G 50 39.76 -4.43 25.29
C HIS G 50 38.34 -4.94 25.09
N PHE G 51 37.38 -4.02 25.02
CA PHE G 51 35.97 -4.35 25.03
C PHE G 51 35.23 -3.45 24.04
N PRO G 52 35.23 -3.84 22.76
CA PRO G 52 34.69 -2.95 21.72
C PRO G 52 33.22 -2.53 21.98
N SER G 53 32.42 -3.41 22.56
CA SER G 53 31.06 -3.07 22.98
C SER G 53 30.89 -3.32 24.47
N LYS G 54 29.86 -2.68 25.04
CA LYS G 54 29.46 -2.91 26.44
C LYS G 54 29.09 -4.38 26.60
N GLU G 55 28.50 -5.00 25.56
CA GLU G 55 28.18 -6.42 25.59
C GLU G 55 29.42 -7.30 25.88
N ASP G 56 30.52 -7.01 25.19
CA ASP G 56 31.77 -7.77 25.41
C ASP G 56 32.26 -7.64 26.83
N LEU G 57 32.07 -6.46 27.41
CA LEU G 57 32.45 -6.24 28.81
C LEU G 57 31.53 -7.03 29.74
N GLY G 58 30.23 -6.94 29.47
CA GLY G 58 29.24 -7.68 30.24
C GLY G 58 29.55 -9.15 30.27
N VAL G 59 29.81 -9.72 29.10
CA VAL G 59 30.15 -11.14 29.02
C VAL G 59 31.42 -11.45 29.86
N ALA G 60 32.45 -10.63 29.69
CA ALA G 60 33.75 -10.83 30.34
C ALA G 60 33.69 -10.71 31.86
N VAL G 61 32.93 -9.72 32.32
CA VAL G 61 32.79 -9.50 33.75
C VAL G 61 32.07 -10.70 34.41
N ILE G 62 31.03 -11.22 33.78
CA ILE G 62 30.30 -12.35 34.39
C ILE G 62 31.22 -13.57 34.41
N SER G 63 31.86 -13.83 33.28
CA SER G 63 32.82 -14.91 33.19
C SER G 63 33.91 -14.86 34.27
N TRP G 64 34.49 -13.69 34.44
CA TRP G 64 35.58 -13.46 35.39
C TRP G 64 35.05 -13.61 36.84
N HIS G 65 33.87 -13.05 37.08
CA HIS G 65 33.25 -13.16 38.39
C HIS G 65 32.95 -14.63 38.73
N THR G 66 32.45 -15.38 37.76
CA THR G 66 32.14 -16.80 37.94
C THR G 66 33.40 -17.60 38.25
N ASP G 67 34.49 -17.29 37.56
CA ASP G 67 35.77 -17.92 37.88
C ASP G 67 36.19 -17.64 39.32
N LYS G 68 36.04 -16.40 39.79
CA LYS G 68 36.39 -16.06 41.17
C LYS G 68 35.55 -16.82 42.20
N ILE G 69 34.25 -16.94 41.94
CA ILE G 69 33.39 -17.74 42.79
C ILE G 69 33.77 -19.20 42.75
N ALA G 70 34.08 -19.72 41.55
CA ALA G 70 34.48 -21.12 41.43
C ALA G 70 35.67 -21.44 42.32
N ALA G 71 36.62 -20.53 42.42
CA ALA G 71 37.83 -20.72 43.22
C ALA G 71 37.50 -20.74 44.71
N VAL G 72 36.58 -19.87 45.12
CA VAL G 72 36.15 -19.86 46.52
C VAL G 72 35.47 -21.19 46.86
N LEU G 73 34.58 -21.65 45.99
CA LEU G 73 33.87 -22.92 46.22
C LEU G 73 34.86 -24.09 46.24
N SER G 74 35.85 -24.09 45.36
N SER G 74 35.84 -24.08 45.34
CA SER G 74 36.86 -25.14 45.37
CA SER G 74 36.91 -25.09 45.32
C SER G 74 37.68 -25.14 46.67
C SER G 74 37.61 -25.17 46.67
N ASP G 75 37.96 -23.96 47.19
N ASP G 75 38.01 -24.02 47.20
CA ASP G 75 38.64 -23.84 48.48
CA ASP G 75 38.69 -24.00 48.50
C ASP G 75 37.82 -24.51 49.59
C ASP G 75 37.80 -24.58 49.61
N ILE G 76 36.52 -24.23 49.59
CA ILE G 76 35.57 -24.78 50.56
C ILE G 76 35.40 -26.29 50.40
N SER G 77 35.22 -26.76 49.17
CA SER G 77 35.16 -28.20 48.89
C SER G 77 36.40 -28.94 49.39
N ASN G 78 37.56 -28.32 49.23
CA ASN G 78 38.82 -28.97 49.62
C ASN G 78 39.07 -28.94 51.13
N ASN G 79 38.29 -28.18 51.88
CA ASN G 79 38.48 -28.10 53.33
C ASN G 79 37.79 -29.27 54.03
N SER G 80 38.58 -30.29 54.34
CA SER G 80 38.02 -31.51 54.93
C SER G 80 37.60 -31.37 56.38
N SER G 81 37.90 -30.23 57.02
CA SER G 81 37.47 -30.01 58.41
C SER G 81 36.01 -29.51 58.48
N LEU G 82 35.47 -29.10 57.33
CA LEU G 82 34.08 -28.66 57.24
C LEU G 82 33.15 -29.80 56.87
N SER G 83 32.06 -29.94 57.62
CA SER G 83 30.97 -30.83 57.24
C SER G 83 30.19 -30.23 56.07
N ALA G 84 29.30 -31.01 55.47
CA ALA G 84 28.52 -30.50 54.35
C ALA G 84 27.75 -29.25 54.80
N LYS G 85 27.19 -29.29 56.01
CA LYS G 85 26.43 -28.16 56.53
C LYS G 85 27.33 -26.94 56.69
N GLU G 86 28.53 -27.15 57.22
CA GLU G 86 29.49 -26.06 57.36
C GLU G 86 29.96 -25.47 56.02
N LYS G 87 30.11 -26.31 55.00
CA LYS G 87 30.52 -25.85 53.67
C LYS G 87 29.48 -24.86 53.10
N ILE G 88 28.22 -25.14 53.35
CA ILE G 88 27.15 -24.28 52.83
C ILE G 88 27.09 -22.96 53.63
N GLN G 89 27.27 -23.07 54.95
CA GLN G 89 27.41 -21.89 55.80
C GLN G 89 28.60 -21.03 55.33
N LYS G 90 29.74 -21.65 55.05
CA LYS G 90 30.89 -20.91 54.47
C LYS G 90 30.65 -20.30 53.07
N PHE G 91 29.89 -20.99 52.22
CA PHE G 91 29.47 -20.44 50.92
C PHE G 91 28.71 -19.11 51.15
N PHE G 92 27.76 -19.11 52.07
CA PHE G 92 26.99 -17.89 52.33
C PHE G 92 27.88 -16.76 52.85
N ASP G 93 28.81 -17.11 53.74
CA ASP G 93 29.76 -16.14 54.25
C ASP G 93 30.58 -15.49 53.16
N ALA G 94 30.98 -16.29 52.17
CA ALA G 94 31.74 -15.81 51.02
C ALA G 94 30.92 -14.86 50.17
N ILE G 95 29.64 -15.19 49.99
CA ILE G 95 28.74 -14.34 49.23
C ILE G 95 28.53 -13.01 49.95
N LEU G 96 28.33 -13.07 51.26
CA LEU G 96 28.21 -11.86 52.07
C LEU G 96 29.42 -10.92 51.89
N THR G 97 30.61 -11.48 51.91
CA THR G 97 31.83 -10.70 51.75
C THR G 97 31.83 -9.91 50.43
N LEU G 98 31.28 -10.52 49.38
CA LEU G 98 31.30 -9.92 48.03
C LEU G 98 30.10 -9.05 47.74
N THR G 99 29.07 -9.12 48.58
CA THR G 99 27.81 -8.44 48.32
C THR G 99 27.48 -7.45 49.45
N TYR G 100 26.63 -7.84 50.39
CA TYR G 100 26.18 -6.94 51.46
C TYR G 100 27.32 -6.25 52.23
N ASN G 101 28.39 -6.98 52.53
CA ASN G 101 29.49 -6.42 53.32
C ASN G 101 30.38 -5.49 52.49
N SER G 102 30.34 -5.64 51.17
CA SER G 102 31.13 -4.80 50.26
C SER G 102 30.26 -3.63 49.75
N GLU G 103 30.21 -2.57 50.54
CA GLU G 103 29.44 -1.39 50.19
C GLU G 103 27.99 -1.73 49.75
N ASN G 104 27.36 -2.67 50.45
CA ASN G 104 25.94 -2.92 50.28
C ASN G 104 25.59 -3.37 48.86
N LYS G 105 26.51 -4.10 48.24
CA LYS G 105 26.31 -4.61 46.87
C LYS G 105 25.28 -5.74 46.81
N CYS G 107 24.36 -9.27 44.64
CA CYS G 107 24.96 -10.35 43.84
C CYS G 107 24.99 -9.97 42.36
N LEU G 108 26.13 -10.17 41.72
CA LEU G 108 26.29 -9.81 40.30
C LEU G 108 25.34 -10.65 39.45
N GLY G 109 25.21 -11.93 39.78
CA GLY G 109 24.27 -12.83 39.12
C GLY G 109 22.83 -12.36 39.26
N GLY G 110 22.44 -12.06 40.49
CA GLY G 110 21.13 -11.49 40.79
C GLY G 110 20.80 -10.23 40.00
N PHE G 112 22.09 -9.21 37.03
CA PHE G 112 21.84 -9.63 35.66
C PHE G 112 20.52 -10.39 35.52
N ALA G 113 20.18 -11.24 36.49
CA ALA G 113 18.88 -11.92 36.48
C ALA G 113 17.71 -10.93 36.45
N SER G 114 17.82 -9.83 37.18
CA SER G 114 16.72 -8.87 37.24
C SER G 114 16.58 -8.17 35.90
N ASP G 115 17.70 -7.98 35.22
CA ASP G 115 17.80 -7.19 33.98
C ASP G 115 17.66 -8.06 32.74
N PHE G 116 17.36 -9.35 32.96
CA PHE G 116 17.55 -10.40 31.96
C PHE G 116 16.94 -10.10 30.59
N GLN G 117 15.70 -9.64 30.55
CA GLN G 117 15.00 -9.46 29.27
C GLN G 117 15.60 -8.35 28.43
N SER G 118 16.28 -7.41 29.07
CA SER G 118 16.96 -6.31 28.39
C SER G 118 18.35 -6.70 27.84
N LEU G 119 18.85 -7.90 28.14
CA LEU G 119 20.26 -8.23 27.83
C LEU G 119 20.46 -8.97 26.51
N PRO G 120 21.60 -8.73 25.84
CA PRO G 120 21.98 -9.57 24.71
C PRO G 120 22.09 -11.02 25.16
N VAL G 121 21.89 -11.93 24.22
CA VAL G 121 21.85 -13.34 24.50
C VAL G 121 23.15 -13.89 25.10
N SER G 122 24.27 -13.35 24.64
CA SER G 122 25.58 -13.73 25.17
C SER G 122 25.66 -13.51 26.68
N ILE G 123 25.12 -12.39 27.14
CA ILE G 123 25.14 -12.09 28.58
C ILE G 123 24.15 -12.96 29.32
N GLN G 124 22.97 -13.17 28.73
CA GLN G 124 21.95 -14.05 29.32
C GLN G 124 22.54 -15.42 29.57
N ASN G 125 23.22 -15.94 28.57
CA ASN G 125 23.86 -17.24 28.65
C ASN G 125 24.96 -17.33 29.73
N GLN G 126 25.78 -16.28 29.87
CA GLN G 126 26.81 -16.25 30.91
C GLN G 126 26.17 -16.20 32.29
N ALA G 127 25.10 -15.44 32.44
CA ALA G 127 24.42 -15.34 33.74
C ALA G 127 23.84 -16.68 34.14
N LYS G 128 23.26 -17.40 33.18
CA LYS G 128 22.78 -18.77 33.40
C LYS G 128 23.92 -19.70 33.85
N LYS G 129 25.11 -19.56 33.27
CA LYS G 129 26.26 -20.40 33.68
C LYS G 129 26.69 -20.13 35.13
N PHE G 130 26.58 -18.88 35.56
CA PHE G 130 26.90 -18.49 36.95
C PHE G 130 26.03 -19.26 37.96
N PHE G 131 24.71 -19.23 37.75
CA PHE G 131 23.81 -19.95 38.64
C PHE G 131 23.93 -21.46 38.48
N GLU G 132 24.23 -21.92 37.27
CA GLU G 132 24.41 -23.35 37.03
C GLU G 132 25.58 -23.89 37.86
N LEU G 133 26.67 -23.13 37.94
CA LEU G 133 27.84 -23.51 38.77
C LEU G 133 27.50 -23.59 40.26
N ILE G 134 26.82 -22.55 40.75
CA ILE G 134 26.46 -22.50 42.15
C ILE G 134 25.49 -23.63 42.50
N ILE G 135 24.44 -23.81 41.69
CA ILE G 135 23.43 -24.86 41.97
C ILE G 135 24.06 -26.24 41.95
N GLU G 136 24.92 -26.50 40.97
CA GLU G 136 25.59 -27.80 40.85
C GLU G 136 26.54 -28.06 42.04
N TRP G 137 27.22 -27.01 42.51
CA TRP G 137 28.12 -27.16 43.65
C TRP G 137 27.35 -27.45 44.93
N LEU G 138 26.27 -26.71 45.12
CA LEU G 138 25.39 -26.90 46.25
C LEU G 138 24.80 -28.30 46.27
N LYS G 139 24.27 -28.73 45.11
CA LYS G 139 23.70 -30.06 44.94
C LYS G 139 24.72 -31.14 45.31
N GLY G 140 25.95 -30.98 44.83
CA GLY G 140 27.02 -31.95 45.09
C GLY G 140 27.36 -32.04 46.56
N VAL G 141 27.38 -30.89 47.23
CA VAL G 141 27.63 -30.87 48.67
C VAL G 141 26.50 -31.58 49.43
N LEU G 142 25.26 -31.31 49.02
CA LEU G 142 24.11 -31.96 49.67
C LEU G 142 24.08 -33.47 49.40
N GLU G 143 24.56 -33.88 48.22
CA GLU G 143 24.63 -35.32 47.89
C GLU G 143 25.63 -36.09 48.75
N THR G 144 26.72 -35.44 49.17
CA THR G 144 27.66 -36.08 50.10
C THR G 144 27.03 -36.25 51.47
N ASN G 145 26.10 -35.36 51.79
CA ASN G 145 25.39 -35.37 53.06
C ASN G 145 24.29 -36.45 53.12
N GLY G 146 23.99 -37.06 51.98
CA GLY G 146 23.08 -38.21 51.94
C GLY G 146 21.70 -37.88 51.42
N TYR G 147 21.54 -36.70 50.85
CA TYR G 147 20.32 -36.32 50.14
C TYR G 147 20.30 -37.01 48.77
N ASP G 148 19.12 -37.44 48.33
CA ASP G 148 18.98 -38.04 47.00
C ASP G 148 19.07 -36.96 45.91
N ASN G 149 19.11 -37.38 44.65
CA ASN G 149 19.29 -36.44 43.57
C ASN G 149 18.24 -35.33 43.56
N GLU G 150 16.97 -35.72 43.61
CA GLU G 150 15.84 -34.78 43.52
C GLU G 150 15.79 -33.80 44.70
N SER G 151 16.01 -34.29 45.92
CA SER G 151 15.94 -33.45 47.12
C SER G 151 17.13 -32.49 47.15
N SER G 152 18.30 -33.00 46.76
CA SER G 152 19.52 -32.19 46.65
C SER G 152 19.36 -31.04 45.69
N LEU G 153 18.83 -31.33 44.53
CA LEU G 153 18.58 -30.30 43.54
C LEU G 153 17.54 -29.30 44.05
N SER G 154 16.45 -29.79 44.65
CA SER G 154 15.38 -28.91 45.14
C SER G 154 15.93 -27.95 46.19
N LEU G 155 16.66 -28.50 47.14
CA LEU G 155 17.21 -27.73 48.24
C LEU G 155 18.30 -26.77 47.77
N ALA G 156 19.12 -27.19 46.80
CA ALA G 156 20.11 -26.30 46.22
C ALA G 156 19.46 -25.07 45.62
N LYS G 157 18.36 -25.27 44.89
CA LYS G 157 17.61 -24.19 44.27
C LYS G 157 16.93 -23.29 45.32
N GLN G 158 16.36 -23.90 46.36
CA GLN G 158 15.84 -23.17 47.51
C GLN G 158 16.88 -22.28 48.15
N ILE G 159 18.08 -22.82 48.37
CA ILE G 159 19.13 -22.08 49.02
C ILE G 159 19.54 -20.85 48.22
N ILE G 160 19.79 -21.02 46.91
CA ILE G 160 20.25 -19.90 46.11
C ILE G 160 19.11 -18.87 45.89
N SER G 161 17.87 -19.34 45.76
CA SER G 161 16.71 -18.46 45.72
C SER G 161 16.66 -17.58 46.97
N LEU G 162 16.84 -18.19 48.13
CA LEU G 162 16.75 -17.47 49.39
C LEU G 162 17.94 -16.51 49.54
N VAL G 163 19.11 -16.91 49.07
CA VAL G 163 20.29 -16.04 49.07
C VAL G 163 20.03 -14.80 48.22
N GLU G 164 19.51 -15.00 47.01
CA GLU G 164 19.29 -13.88 46.12
C GLU G 164 18.20 -12.94 46.65
N GLY G 165 17.10 -13.52 47.12
CA GLY G 165 15.99 -12.73 47.65
C GLY G 165 16.36 -12.02 48.94
N GLY G 166 17.09 -12.70 49.83
CA GLY G 166 17.50 -12.10 51.10
C GLY G 166 18.50 -10.96 50.89
N LEU G 167 19.38 -11.10 49.92
CA LEU G 167 20.32 -10.04 49.58
C LEU G 167 19.59 -8.84 48.98
N LEU G 168 18.63 -9.11 48.09
CA LEU G 168 17.85 -8.05 47.43
C LEU G 168 17.13 -7.16 48.44
N LEU G 169 16.54 -7.80 49.45
CA LEU G 169 15.77 -7.10 50.45
C LEU G 169 16.63 -6.46 51.55
N ALA G 170 17.70 -7.14 51.96
CA ALA G 170 18.54 -6.65 53.05
C ALA G 170 19.17 -5.33 52.67
N ARG G 171 19.54 -5.19 51.40
CA ARG G 171 20.23 -3.98 50.99
C ARG G 171 19.29 -2.77 50.85
N LEU G 172 17.98 -3.01 50.89
CA LEU G 172 17.00 -1.91 50.92
C LEU G 172 17.01 -1.08 52.20
N TYR G 173 16.91 -1.76 53.35
CA TYR G 173 16.75 -1.13 54.65
C TYR G 173 17.95 -1.34 55.56
N GLY G 174 18.98 -2.02 55.07
CA GLY G 174 20.03 -2.50 55.96
C GLY G 174 19.49 -3.42 57.06
N ASP G 175 18.39 -4.10 56.79
CA ASP G 175 17.83 -5.03 57.77
C ASP G 175 18.60 -6.33 57.65
N GLU G 176 19.42 -6.61 58.65
CA GLU G 176 20.25 -7.79 58.68
C GLU G 176 19.42 -9.04 58.83
N THR G 177 18.21 -8.89 59.38
CA THR G 177 17.36 -10.07 59.61
C THR G 177 17.12 -10.82 58.34
N PHE G 178 17.06 -10.14 57.20
CA PHE G 178 16.86 -10.82 55.94
C PHE G 178 17.97 -11.84 55.73
N LEU G 179 19.21 -11.44 56.02
CA LEU G 179 20.35 -12.30 55.81
C LEU G 179 20.45 -13.37 56.92
N GLU G 180 20.06 -13.00 58.15
CA GLU G 180 20.02 -13.97 59.23
C GLU G 180 19.07 -15.10 58.89
N GLY G 181 17.96 -14.77 58.24
CA GLY G 181 16.97 -15.76 57.83
C GLY G 181 17.48 -16.78 56.85
N VAL G 182 18.38 -16.33 55.97
CA VAL G 182 19.07 -17.24 55.09
C VAL G 182 19.86 -18.24 55.92
N ARG G 183 20.62 -17.79 56.92
CA ARG G 183 21.38 -18.75 57.75
C ARG G 183 20.47 -19.68 58.54
N HIS G 184 19.36 -19.17 59.10
CA HIS G 184 18.41 -20.02 59.84
C HIS G 184 17.88 -21.14 58.97
N PHE G 185 17.58 -20.82 57.71
CA PHE G 185 17.06 -21.84 56.82
C PHE G 185 18.10 -22.95 56.65
N ILE G 186 19.35 -22.57 56.43
CA ILE G 186 20.44 -23.54 56.21
C ILE G 186 20.62 -24.40 57.46
N ASP G 187 20.66 -23.74 58.62
CA ASP G 187 20.86 -24.44 59.90
C ASP G 187 19.76 -25.42 60.25
N GLN G 188 18.52 -25.01 60.03
CA GLN G 188 17.36 -25.84 60.37
C GLN G 188 17.15 -26.97 59.37
N THR G 189 17.48 -26.73 58.10
CA THR G 189 17.18 -27.72 57.05
C THR G 189 18.24 -28.81 56.91
N ILE G 190 19.52 -28.43 56.97
CA ILE G 190 20.64 -29.38 56.81
C ILE G 190 21.09 -29.97 58.16
N LYS G 191 20.88 -31.28 58.34
CA LYS G 191 21.07 -31.94 59.64
C LYS G 191 22.36 -32.76 59.67
N ASN H 7 4.94 41.35 -61.37
CA ASN H 7 4.68 41.14 -59.95
C ASN H 7 5.41 39.91 -59.41
N ILE H 8 6.74 39.87 -59.59
CA ILE H 8 7.55 38.79 -58.99
C ILE H 8 8.03 39.27 -57.64
N SER H 9 7.74 38.52 -56.57
CA SER H 9 8.29 38.87 -55.24
C SER H 9 9.81 38.68 -55.30
N ASN H 10 10.56 39.69 -54.85
CA ASN H 10 12.03 39.60 -54.78
C ASN H 10 12.42 38.75 -53.55
N THR H 11 13.71 38.43 -53.37
CA THR H 11 14.09 37.44 -52.35
C THR H 11 13.73 37.95 -50.97
N LYS H 12 13.95 39.22 -50.74
CA LYS H 12 13.66 39.82 -49.44
C LYS H 12 12.20 39.65 -49.05
N GLU H 13 11.28 39.96 -49.98
N GLU H 13 11.30 39.97 -49.99
CA GLU H 13 9.86 39.84 -49.69
CA GLU H 13 9.86 39.85 -49.76
C GLU H 13 9.46 38.39 -49.45
C GLU H 13 9.47 38.40 -49.47
N ARG H 14 10.01 37.46 -50.23
CA ARG H 14 9.65 36.03 -50.07
C ARG H 14 10.13 35.54 -48.70
N ILE H 15 11.28 36.01 -48.27
CA ILE H 15 11.82 35.65 -46.95
C ILE H 15 10.93 36.13 -45.80
N LEU H 16 10.54 37.39 -45.86
CA LEU H 16 9.63 37.95 -44.86
C LEU H 16 8.29 37.21 -44.83
N ALA H 17 7.75 36.88 -46.00
CA ALA H 17 6.44 36.22 -46.07
C ALA H 17 6.48 34.84 -45.42
N VAL H 18 7.52 34.05 -45.68
CA VAL H 18 7.54 32.69 -45.09
C VAL H 18 7.86 32.67 -43.60
N ALA H 19 8.74 33.59 -43.17
CA ALA H 19 9.04 33.75 -41.75
C ALA H 19 7.76 34.10 -40.99
N GLU H 20 7.00 35.06 -41.52
CA GLU H 20 5.72 35.47 -40.95
C GLU H 20 4.82 34.28 -40.70
N ALA H 21 4.68 33.42 -41.72
CA ALA H 21 3.84 32.22 -41.64
C ALA H 21 4.29 31.20 -40.58
N LEU H 22 5.60 30.96 -40.52
CA LEU H 22 6.17 30.01 -39.55
C LEU H 22 5.96 30.49 -38.09
N ILE H 23 6.17 31.77 -37.87
CA ILE H 23 5.98 32.38 -36.55
C ILE H 23 4.51 32.24 -36.12
N GLN H 24 3.60 32.58 -37.03
CA GLN H 24 2.16 32.47 -36.71
C GLN H 24 1.68 31.04 -36.44
N LYS H 25 2.34 30.04 -37.03
CA LYS H 25 1.92 28.66 -36.83
C LYS H 25 2.54 28.06 -35.59
N ASP H 26 3.84 28.29 -35.43
CA ASP H 26 4.59 27.56 -34.39
C ASP H 26 5.31 28.43 -33.38
N GLY H 27 5.69 29.65 -33.73
CA GLY H 27 6.38 30.57 -32.79
C GLY H 27 7.79 30.95 -33.25
N TYR H 28 8.31 32.08 -32.78
CA TYR H 28 9.60 32.58 -33.27
C TYR H 28 10.74 31.61 -32.98
N ASN H 29 10.61 30.88 -31.88
CA ASN H 29 11.66 30.01 -31.42
C ASN H 29 11.74 28.73 -32.25
N ALA H 30 10.69 28.41 -33.00
CA ALA H 30 10.59 27.12 -33.72
C ALA H 30 10.80 27.23 -35.22
N PHE H 31 11.53 28.25 -35.67
CA PHE H 31 11.97 28.30 -37.06
C PHE H 31 13.46 28.70 -37.10
N SER H 32 14.14 28.33 -38.18
CA SER H 32 15.53 28.72 -38.45
C SER H 32 15.65 29.30 -39.87
N PHE H 33 16.78 29.94 -40.17
CA PHE H 33 17.04 30.37 -41.55
C PHE H 33 17.08 29.18 -42.51
N LYS H 34 17.53 28.02 -42.01
CA LYS H 34 17.59 26.80 -42.84
C LYS H 34 16.18 26.35 -43.25
N ASP H 35 15.21 26.46 -42.35
CA ASP H 35 13.80 26.17 -42.69
C ASP H 35 13.34 27.06 -43.85
N ILE H 36 13.58 28.36 -43.69
CA ILE H 36 13.28 29.32 -44.75
C ILE H 36 13.94 28.93 -46.08
N ALA H 37 15.26 28.69 -46.07
CA ALA H 37 15.99 28.27 -47.29
C ALA H 37 15.41 27.01 -47.92
N THR H 38 15.02 26.04 -47.10
CA THR H 38 14.43 24.79 -47.59
C THR H 38 13.08 25.04 -48.27
N ALA H 39 12.21 25.73 -47.55
CA ALA H 39 10.84 26.08 -47.98
C ALA H 39 10.80 26.82 -49.31
N ILE H 40 11.66 27.81 -49.49
CA ILE H 40 11.62 28.58 -50.75
C ILE H 40 12.84 28.38 -51.70
N ASN H 41 13.66 27.36 -51.41
CA ASN H 41 14.75 26.94 -52.30
C ASN H 41 15.77 28.03 -52.67
N ILE H 42 16.23 28.71 -51.62
CA ILE H 42 17.36 29.64 -51.68
C ILE H 42 18.42 29.19 -50.69
N LYS H 43 19.62 29.78 -50.82
CA LYS H 43 20.70 29.52 -49.87
C LYS H 43 20.54 30.39 -48.64
N THR H 44 20.85 29.84 -47.46
CA THR H 44 20.84 30.61 -46.21
C THR H 44 21.62 31.91 -46.37
N ALA H 45 22.74 31.87 -47.09
CA ALA H 45 23.57 33.07 -47.28
C ALA H 45 22.79 34.26 -47.88
N SER H 46 21.83 33.97 -48.75
CA SER H 46 20.95 35.02 -49.30
C SER H 46 20.02 35.59 -48.22
N ILE H 47 19.80 34.82 -47.15
CA ILE H 47 18.96 35.32 -46.07
C ILE H 47 19.83 36.27 -45.24
N HIS H 48 21.01 35.79 -44.87
CA HIS H 48 22.02 36.57 -44.15
C HIS H 48 22.41 37.87 -44.85
N TYR H 49 22.42 37.86 -46.18
CA TYR H 49 22.68 39.09 -46.97
C TYR H 49 21.72 40.23 -46.58
N HIS H 50 20.44 39.89 -46.42
CA HIS H 50 19.41 40.85 -46.01
C HIS H 50 19.23 40.97 -44.49
N PHE H 51 19.42 39.86 -43.76
CA PHE H 51 19.12 39.77 -42.32
C PHE H 51 20.27 39.03 -41.67
N PRO H 52 21.31 39.76 -41.22
CA PRO H 52 22.52 39.17 -40.63
C PRO H 52 22.28 38.16 -39.51
N SER H 53 21.36 38.48 -38.61
CA SER H 53 20.99 37.64 -37.46
C SER H 53 19.50 37.25 -37.54
N LYS H 54 19.08 36.21 -36.81
CA LYS H 54 17.68 35.90 -36.69
C LYS H 54 16.96 37.16 -36.20
N GLU H 55 17.52 37.85 -35.20
CA GLU H 55 16.88 38.98 -34.56
C GLU H 55 16.50 40.08 -35.57
N ASP H 56 17.38 40.32 -36.54
CA ASP H 56 17.10 41.30 -37.60
C ASP H 56 15.84 40.92 -38.35
N LEU H 57 15.64 39.62 -38.56
CA LEU H 57 14.48 39.13 -39.31
C LEU H 57 13.23 39.22 -38.42
N GLY H 58 13.40 38.87 -37.14
CA GLY H 58 12.36 39.07 -36.12
C GLY H 58 11.79 40.47 -36.16
N VAL H 59 12.67 41.45 -36.07
CA VAL H 59 12.26 42.84 -36.06
C VAL H 59 11.60 43.23 -37.39
N ALA H 60 12.22 42.83 -38.50
CA ALA H 60 11.78 43.22 -39.83
C ALA H 60 10.39 42.65 -40.10
N VAL H 61 10.20 41.38 -39.78
CA VAL H 61 8.88 40.70 -39.86
C VAL H 61 7.78 41.45 -39.10
N ILE H 62 8.04 41.76 -37.84
CA ILE H 62 7.05 42.43 -37.00
C ILE H 62 6.77 43.80 -37.58
N SER H 63 7.84 44.54 -37.89
CA SER H 63 7.69 45.83 -38.52
C SER H 63 6.85 45.75 -39.80
N TRP H 64 7.19 44.80 -40.67
CA TRP H 64 6.47 44.59 -41.93
C TRP H 64 5.01 44.23 -41.70
N HIS H 65 4.77 43.31 -40.77
CA HIS H 65 3.44 42.84 -40.44
C HIS H 65 2.62 43.99 -39.88
N THR H 66 3.25 44.83 -39.06
CA THR H 66 2.59 46.01 -38.49
C THR H 66 2.18 47.02 -39.57
N ASP H 67 3.08 47.26 -40.52
CA ASP H 67 2.81 48.14 -41.67
C ASP H 67 1.65 47.63 -42.52
N LYS H 68 1.60 46.32 -42.72
CA LYS H 68 0.46 45.69 -43.40
C LYS H 68 -0.83 45.97 -42.65
N ILE H 69 -0.81 45.82 -41.33
CA ILE H 69 -1.99 46.04 -40.50
C ILE H 69 -2.41 47.51 -40.49
N ALA H 70 -1.43 48.41 -40.41
CA ALA H 70 -1.72 49.84 -40.43
C ALA H 70 -2.49 50.21 -41.69
N ALA H 71 -2.06 49.68 -42.82
CA ALA H 71 -2.68 50.01 -44.10
C ALA H 71 -4.14 49.56 -44.13
N VAL H 72 -4.41 48.37 -43.59
CA VAL H 72 -5.78 47.83 -43.59
C VAL H 72 -6.70 48.63 -42.66
N LEU H 73 -6.17 49.03 -41.49
CA LEU H 73 -6.88 49.90 -40.56
C LEU H 73 -7.21 51.27 -41.15
N SER H 74 -6.29 51.83 -41.94
CA SER H 74 -6.50 53.12 -42.61
C SER H 74 -7.65 53.04 -43.61
N ASP H 75 -7.66 51.97 -44.42
CA ASP H 75 -8.77 51.74 -45.37
C ASP H 75 -10.12 51.66 -44.65
N ILE H 76 -10.11 51.07 -43.46
CA ILE H 76 -11.35 50.94 -42.69
C ILE H 76 -11.78 52.32 -42.18
N SER H 77 -10.87 53.00 -41.49
CA SER H 77 -11.15 54.35 -40.98
C SER H 77 -11.65 55.29 -42.06
N ASN H 78 -10.98 55.28 -43.21
CA ASN H 78 -11.35 56.14 -44.32
C ASN H 78 -12.59 55.72 -45.12
N ASN H 79 -13.21 54.59 -44.73
CA ASN H 79 -14.46 54.16 -45.38
C ASN H 79 -15.67 54.78 -44.68
N SER H 80 -16.21 55.84 -45.28
CA SER H 80 -17.31 56.60 -44.69
C SER H 80 -18.65 55.83 -44.62
N SER H 81 -18.81 54.82 -45.48
CA SER H 81 -20.00 53.95 -45.44
C SER H 81 -20.08 53.06 -44.19
N LEU H 82 -18.97 52.95 -43.45
CA LEU H 82 -18.90 52.13 -42.25
C LEU H 82 -19.12 52.98 -41.00
N SER H 83 -20.11 52.59 -40.18
CA SER H 83 -20.31 53.19 -38.88
C SER H 83 -19.16 52.79 -37.96
N ALA H 84 -19.03 53.47 -36.83
CA ALA H 84 -17.98 53.12 -35.86
C ALA H 84 -18.01 51.63 -35.52
N LYS H 85 -19.21 51.10 -35.30
CA LYS H 85 -19.37 49.69 -34.98
C LYS H 85 -18.94 48.79 -36.14
N GLU H 86 -19.32 49.16 -37.35
CA GLU H 86 -18.95 48.36 -38.54
C GLU H 86 -17.43 48.36 -38.76
N LYS H 87 -16.77 49.46 -38.44
CA LYS H 87 -15.31 49.53 -38.56
C LYS H 87 -14.65 48.52 -37.64
N ILE H 88 -15.13 48.41 -36.41
CA ILE H 88 -14.53 47.45 -35.49
C ILE H 88 -14.83 46.01 -35.92
N GLN H 89 -16.03 45.78 -36.45
CA GLN H 89 -16.39 44.49 -37.04
C GLN H 89 -15.47 44.12 -38.24
N LYS H 90 -15.17 45.10 -39.09
CA LYS H 90 -14.29 44.91 -40.23
C LYS H 90 -12.84 44.67 -39.79
N PHE H 91 -12.44 45.31 -38.69
CA PHE H 91 -11.12 45.07 -38.08
C PHE H 91 -10.97 43.61 -37.66
N PHE H 92 -12.00 43.06 -37.02
CA PHE H 92 -11.93 41.67 -36.58
C PHE H 92 -11.92 40.73 -37.80
N ASP H 93 -12.74 41.03 -38.80
CA ASP H 93 -12.77 40.28 -40.07
C ASP H 93 -11.37 40.21 -40.71
N ALA H 94 -10.64 41.32 -40.65
CA ALA H 94 -9.29 41.43 -41.21
C ALA H 94 -8.32 40.54 -40.46
N ILE H 95 -8.40 40.58 -39.13
CA ILE H 95 -7.57 39.70 -38.27
C ILE H 95 -7.87 38.24 -38.56
N LEU H 96 -9.15 37.90 -38.72
CA LEU H 96 -9.54 36.52 -39.06
C LEU H 96 -8.89 36.07 -40.37
N THR H 97 -8.86 36.94 -41.37
CA THR H 97 -8.23 36.64 -42.65
C THR H 97 -6.74 36.26 -42.50
N LEU H 98 -6.03 36.96 -41.61
CA LEU H 98 -4.59 36.74 -41.38
C LEU H 98 -4.29 35.63 -40.40
N THR H 99 -5.29 35.15 -39.68
CA THR H 99 -5.04 34.21 -38.58
C THR H 99 -5.81 32.91 -38.78
N TYR H 100 -6.95 32.78 -38.10
CA TYR H 100 -7.74 31.56 -38.08
C TYR H 100 -8.08 31.04 -39.48
N ASN H 101 -8.43 31.95 -40.39
CA ASN H 101 -8.75 31.54 -41.75
C ASN H 101 -7.55 31.09 -42.59
N SER H 102 -6.35 31.54 -42.21
CA SER H 102 -5.14 31.22 -42.95
C SER H 102 -4.41 30.08 -42.26
N GLU H 103 -4.76 28.84 -42.63
CA GLU H 103 -4.12 27.64 -42.08
C GLU H 103 -4.05 27.65 -40.55
N ASN H 104 -5.12 28.12 -39.90
CA ASN H 104 -5.24 28.04 -38.43
C ASN H 104 -4.14 28.79 -37.67
N LYS H 105 -3.68 29.90 -38.26
CA LYS H 105 -2.59 30.67 -37.65
C LYS H 105 -3.06 31.47 -36.43
N CYS H 107 -2.43 35.06 -34.18
CA CYS H 107 -1.92 36.43 -34.34
C CYS H 107 -0.39 36.46 -34.16
N LEU H 108 0.32 37.11 -35.09
CA LEU H 108 1.76 37.27 -34.97
C LEU H 108 2.14 37.95 -33.65
N GLY H 109 1.40 38.99 -33.29
CA GLY H 109 1.64 39.70 -32.04
C GLY H 109 1.44 38.81 -30.83
N GLY H 110 0.34 38.06 -30.81
CA GLY H 110 0.03 37.16 -29.72
C GLY H 110 1.10 36.11 -29.54
N PHE H 112 4.38 36.38 -30.34
CA PHE H 112 5.51 37.05 -29.70
C PHE H 112 5.24 37.41 -28.23
N ALA H 113 4.01 37.79 -27.92
CA ALA H 113 3.61 38.08 -26.54
C ALA H 113 3.74 36.84 -25.66
N SER H 114 3.35 35.66 -26.17
CA SER H 114 3.49 34.43 -25.38
C SER H 114 4.97 34.10 -25.07
N ASP H 115 5.85 34.43 -26.00
CA ASP H 115 7.26 34.10 -25.93
C ASP H 115 8.11 35.26 -25.40
N PHE H 116 7.44 36.29 -24.86
CA PHE H 116 8.07 37.54 -24.53
C PHE H 116 9.37 37.43 -23.75
N GLN H 117 9.31 36.70 -22.65
CA GLN H 117 10.40 36.60 -21.68
C GLN H 117 11.66 36.04 -22.30
N SER H 118 11.52 35.28 -23.39
CA SER H 118 12.65 34.66 -24.08
C SER H 118 13.25 35.49 -25.23
N LEU H 119 12.70 36.68 -25.51
CA LEU H 119 13.06 37.43 -26.72
C LEU H 119 14.06 38.55 -26.48
N PRO H 120 14.92 38.84 -27.48
CA PRO H 120 15.78 40.02 -27.43
C PRO H 120 14.95 41.27 -27.30
N VAL H 121 15.50 42.30 -26.66
CA VAL H 121 14.74 43.52 -26.42
C VAL H 121 14.19 44.19 -27.68
N SER H 122 14.95 44.15 -28.78
CA SER H 122 14.51 44.77 -30.03
C SER H 122 13.16 44.21 -30.45
N ILE H 123 13.01 42.90 -30.28
CA ILE H 123 11.78 42.19 -30.65
C ILE H 123 10.67 42.45 -29.63
N GLN H 124 11.01 42.36 -28.35
CA GLN H 124 10.08 42.78 -27.30
C GLN H 124 9.49 44.15 -27.66
N ASN H 125 10.35 45.09 -28.03
CA ASN H 125 9.91 46.45 -28.39
C ASN H 125 9.04 46.54 -29.65
N GLN H 126 9.40 45.81 -30.70
CA GLN H 126 8.57 45.80 -31.92
C GLN H 126 7.18 45.24 -31.65
N ALA H 127 7.11 44.21 -30.81
CA ALA H 127 5.84 43.59 -30.47
C ALA H 127 4.94 44.55 -29.70
N LYS H 128 5.51 45.26 -28.74
CA LYS H 128 4.80 46.29 -28.00
C LYS H 128 4.25 47.38 -28.93
N LYS H 129 5.02 47.74 -29.96
CA LYS H 129 4.58 48.73 -30.95
C LYS H 129 3.40 48.23 -31.79
N PHE H 130 3.40 46.92 -32.11
CA PHE H 130 2.29 46.30 -32.85
C PHE H 130 0.98 46.51 -32.10
N PHE H 131 0.99 46.18 -30.81
CA PHE H 131 -0.23 46.32 -30.00
C PHE H 131 -0.61 47.75 -29.72
N GLU H 132 0.39 48.63 -29.61
CA GLU H 132 0.13 50.07 -29.42
C GLU H 132 -0.68 50.64 -30.59
N LEU H 133 -0.25 50.32 -31.81
CA LEU H 133 -0.96 50.74 -33.01
C LEU H 133 -2.43 50.30 -32.98
N ILE H 134 -2.66 49.04 -32.62
CA ILE H 134 -4.01 48.48 -32.65
C ILE H 134 -4.85 49.12 -31.56
N ILE H 135 -4.30 49.21 -30.35
CA ILE H 135 -5.03 49.81 -29.23
C ILE H 135 -5.38 51.27 -29.55
N GLU H 136 -4.41 52.03 -30.05
CA GLU H 136 -4.64 53.42 -30.48
C GLU H 136 -5.71 53.56 -31.57
N TRP H 137 -5.68 52.71 -32.59
CA TRP H 137 -6.67 52.75 -33.66
C TRP H 137 -8.08 52.46 -33.14
N LEU H 138 -8.19 51.45 -32.26
CA LEU H 138 -9.47 51.09 -31.63
C LEU H 138 -9.98 52.23 -30.76
N LYS H 139 -9.08 52.82 -29.97
CA LYS H 139 -9.41 53.96 -29.12
C LYS H 139 -10.01 55.09 -29.98
N GLY H 140 -9.31 55.44 -31.06
CA GLY H 140 -9.72 56.53 -31.94
C GLY H 140 -11.03 56.28 -32.68
N VAL H 141 -11.33 55.02 -32.98
CA VAL H 141 -12.64 54.68 -33.52
C VAL H 141 -13.72 54.83 -32.46
N LEU H 142 -13.47 54.31 -31.26
CA LEU H 142 -14.44 54.41 -30.16
C LEU H 142 -14.77 55.86 -29.77
N GLU H 143 -13.79 56.76 -29.90
CA GLU H 143 -14.00 58.17 -29.58
C GLU H 143 -14.95 58.89 -30.56
N THR H 144 -14.96 58.45 -31.81
CA THR H 144 -15.91 58.96 -32.81
C THR H 144 -17.33 58.48 -32.51
N ASN H 145 -17.46 57.43 -31.69
CA ASN H 145 -18.77 56.93 -31.28
C ASN H 145 -19.27 57.58 -29.99
N GLY H 146 -18.49 58.52 -29.44
CA GLY H 146 -18.92 59.29 -28.27
C GLY H 146 -18.44 58.72 -26.95
N TYR H 147 -17.45 57.82 -27.00
CA TYR H 147 -16.80 57.33 -25.77
C TYR H 147 -15.75 58.33 -25.26
N ASP H 148 -15.76 58.59 -23.95
CA ASP H 148 -14.72 59.42 -23.32
C ASP H 148 -13.36 58.73 -23.35
N ASN H 149 -12.30 59.51 -23.16
CA ASN H 149 -10.93 59.01 -23.26
C ASN H 149 -10.67 57.74 -22.44
N GLU H 150 -11.04 57.77 -21.16
CA GLU H 150 -10.77 56.67 -20.24
C GLU H 150 -11.49 55.38 -20.64
N SER H 151 -12.80 55.46 -20.89
CA SER H 151 -13.57 54.28 -21.29
C SER H 151 -13.13 53.79 -22.66
N SER H 152 -12.75 54.72 -23.53
CA SER H 152 -12.25 54.42 -24.88
C SER H 152 -10.99 53.53 -24.82
N LEU H 153 -10.03 53.95 -24.01
CA LEU H 153 -8.81 53.17 -23.80
C LEU H 153 -9.11 51.81 -23.15
N SER H 154 -9.98 51.80 -22.13
CA SER H 154 -10.30 50.54 -21.43
C SER H 154 -10.97 49.53 -22.35
N LEU H 155 -11.91 50.00 -23.17
CA LEU H 155 -12.66 49.13 -24.07
C LEU H 155 -11.77 48.63 -25.23
N ALA H 156 -10.87 49.48 -25.70
CA ALA H 156 -9.86 49.09 -26.70
C ALA H 156 -9.00 47.93 -26.21
N LYS H 157 -8.51 48.06 -24.98
CA LYS H 157 -7.76 46.98 -24.33
C LYS H 157 -8.58 45.72 -24.12
N GLN H 158 -9.86 45.87 -23.76
N GLN H 158 -9.86 45.85 -23.77
CA GLN H 158 -10.77 44.71 -23.65
CA GLN H 158 -10.74 44.69 -23.63
C GLN H 158 -10.92 44.00 -24.99
C GLN H 158 -10.98 44.00 -24.98
N ILE H 159 -11.12 44.78 -26.05
CA ILE H 159 -11.36 44.22 -27.38
C ILE H 159 -10.17 43.41 -27.84
N ILE H 160 -8.98 44.01 -27.78
CA ILE H 160 -7.80 43.32 -28.27
C ILE H 160 -7.44 42.12 -27.37
N SER H 161 -7.67 42.22 -26.07
CA SER H 161 -7.48 41.07 -25.16
C SER H 161 -8.40 39.90 -25.55
N LEU H 162 -9.68 40.21 -25.78
CA LEU H 162 -10.64 39.22 -26.25
C LEU H 162 -10.27 38.60 -27.61
N VAL H 163 -9.78 39.42 -28.53
CA VAL H 163 -9.35 38.93 -29.83
C VAL H 163 -8.20 37.95 -29.70
N GLU H 164 -7.23 38.30 -28.88
CA GLU H 164 -6.05 37.46 -28.74
C GLU H 164 -6.41 36.14 -28.07
N GLY H 165 -7.18 36.22 -26.99
CA GLY H 165 -7.57 35.03 -26.25
C GLY H 165 -8.54 34.13 -27.03
N GLY H 166 -9.48 34.74 -27.76
CA GLY H 166 -10.42 33.99 -28.58
C GLY H 166 -9.71 33.26 -29.70
N LEU H 167 -8.74 33.91 -30.34
CA LEU H 167 -7.95 33.27 -31.40
C LEU H 167 -7.10 32.13 -30.80
N LEU H 168 -6.55 32.35 -29.62
CA LEU H 168 -5.70 31.38 -28.95
C LEU H 168 -6.44 30.06 -28.73
N LEU H 169 -7.67 30.18 -28.25
CA LEU H 169 -8.49 29.04 -27.92
C LEU H 169 -9.22 28.46 -29.13
N ALA H 170 -9.61 29.30 -30.08
CA ALA H 170 -10.31 28.79 -31.31
C ALA H 170 -9.44 27.81 -32.07
N ARG H 171 -8.16 28.12 -32.18
CA ARG H 171 -7.29 27.31 -33.02
C ARG H 171 -6.87 25.97 -32.34
N LEU H 172 -7.13 25.84 -31.05
CA LEU H 172 -6.93 24.56 -30.33
C LEU H 172 -7.90 23.47 -30.79
N TYR H 173 -9.16 23.86 -30.91
CA TYR H 173 -10.28 22.96 -31.05
C TYR H 173 -10.93 23.04 -32.42
N GLY H 174 -10.54 24.01 -33.23
CA GLY H 174 -11.31 24.35 -34.43
C GLY H 174 -12.70 24.84 -34.03
N ASP H 175 -12.76 25.47 -32.86
CA ASP H 175 -14.04 25.86 -32.31
C ASP H 175 -14.31 27.33 -32.65
N GLU H 176 -15.17 27.52 -33.65
CA GLU H 176 -15.56 28.85 -34.14
C GLU H 176 -16.25 29.69 -33.10
N THR H 177 -16.94 29.04 -32.14
CA THR H 177 -17.72 29.77 -31.14
C THR H 177 -16.86 30.73 -30.29
N PHE H 178 -15.56 30.44 -30.11
CA PHE H 178 -14.69 31.38 -29.40
C PHE H 178 -14.60 32.71 -30.17
N LEU H 179 -14.61 32.62 -31.50
CA LEU H 179 -14.50 33.80 -32.34
C LEU H 179 -15.86 34.51 -32.45
N GLU H 180 -16.94 33.74 -32.41
CA GLU H 180 -18.28 34.31 -32.41
C GLU H 180 -18.47 35.18 -31.16
N GLY H 181 -17.92 34.72 -30.04
CA GLY H 181 -18.01 35.46 -28.79
C GLY H 181 -17.31 36.81 -28.84
N VAL H 182 -16.19 36.89 -29.58
CA VAL H 182 -15.53 38.18 -29.82
C VAL H 182 -16.49 39.14 -30.53
N ARG H 183 -17.17 38.64 -31.55
CA ARG H 183 -18.11 39.49 -32.27
C ARG H 183 -19.35 39.84 -31.44
N HIS H 184 -19.80 38.90 -30.62
CA HIS H 184 -20.93 39.18 -29.73
C HIS H 184 -20.59 40.37 -28.83
N PHE H 185 -19.36 40.36 -28.30
CA PHE H 185 -18.88 41.42 -27.42
C PHE H 185 -18.87 42.76 -28.15
N ILE H 186 -18.29 42.76 -29.34
CA ILE H 186 -18.20 43.97 -30.14
C ILE H 186 -19.61 44.54 -30.36
N ASP H 187 -20.53 43.65 -30.75
CA ASP H 187 -21.87 44.06 -31.15
C ASP H 187 -22.71 44.54 -29.97
N GLN H 188 -22.49 43.97 -28.79
CA GLN H 188 -23.26 44.34 -27.60
C GLN H 188 -22.71 45.59 -26.92
N THR H 189 -21.39 45.79 -27.00
CA THR H 189 -20.72 46.87 -26.26
C THR H 189 -20.62 48.18 -27.03
N ILE H 190 -20.65 48.12 -28.35
CA ILE H 190 -20.59 49.34 -29.18
C ILE H 190 -21.91 49.68 -29.87
N LYS H 191 -22.46 50.85 -29.55
CA LYS H 191 -23.57 51.45 -30.29
C LYS H 191 -24.21 52.51 -29.40
#